data_7UX4
#
_entry.id   7UX4
#
_cell.length_a   80.000
_cell.length_b   122.960
_cell.length_c   165.440
_cell.angle_alpha   90.000
_cell.angle_beta   90.000
_cell.angle_gamma   90.000
#
_symmetry.space_group_name_H-M   'P 21 21 21'
#
loop_
_entity.id
_entity.type
_entity.pdbx_description
1 polymer 'Secondary-alcohol dehydrogenase'
2 polymer 'NADP-dependent isopropanol dehydrogenase'
3 non-polymer 'ZINC ION'
4 non-polymer 'NADP NICOTINAMIDE-ADENINE-DINUCLEOTIDE PHOSPHATE'
5 non-polymer 'POTASSIUM ION'
6 non-polymer (1S,3S)-3-methylcyclohexan-1-ol
7 non-polymer 'CHLORIDE ION'
8 water water
#
loop_
_entity_poly.entity_id
_entity_poly.type
_entity_poly.pdbx_seq_one_letter_code
_entity_poly.pdbx_strand_id
1 'polypeptide(L)'
;MKGFAMLSIGKVGWIEKEKPAPGPFDAIVRPLAVAPCTSDIHTVFEGAIGERHNMILGHEAVGEVVEVGSEVKDFKPGDR
VVVPAATPDWRTSEVQRGYHQHSGGMLAGWKFSNVKDGVFGEFFHVNDADMNLAHLPKEIPLEAAVMIPDMMTTGFHGAE
LADIELGATVAVLGIGPVGLMAVAGAKLRGAGRIIAVGSRPVCVDAAKYYGATDIVNYKDGPIESQIMNLTEGKGVDAAI
IAGGNADIMATAVKIVKPGGTIANVNYFGEGEVLPVPRLEWGCGMAHKTIKGGLCPGGRLRMERLIDLVFYKRVDPSKLV
THVFRGFDNIEKAFMLMKDKPKDLIKPVVILA
;
A
2 'polypeptide(L)'
;(FME)KGFAMLSIGKVGWIEKEKPAPGPFDAIVRPLAVAPCTSDIHTVFEGAIGERHNMILGHEAVGEVVEVGSEVKDFK
PGDRVVVPAATPDWRTSEVQRGYHQHSGGMLAGWKFSNVKDGVFGEFFHVNDADMNLAHLPKEIPLEAAVMIPDMMTTGF
HGAELADIELGATVAVLGIGPVGLMAVAGAKLRGAGRIIAVGSRPVCVDAAKYYGATDIVNYKDGPIESQIMNLTEGKGV
DAAIIAGGNADIMATAVKIVKPGGTIANVNYFGEGEVLPVPRLEWGCGMAHKTIKGGLCPGGRLRMERLIDLVFYKRVDP
SKLVTHVFRGFDNIEKAFMLMKDKPKDLIKPVVILA
;
B,C,D
#
loop_
_chem_comp.id
_chem_comp.type
_chem_comp.name
_chem_comp.formula
CL non-polymer 'CHLORIDE ION' 'Cl -1'
K non-polymer 'POTASSIUM ION' 'K 1'
NAP non-polymer 'NADP NICOTINAMIDE-ADENINE-DINUCLEOTIDE PHOSPHATE' 'C21 H28 N7 O17 P3'
NWO non-polymer (1S,3S)-3-methylcyclohexan-1-ol 'C7 H14 O'
ZN non-polymer 'ZINC ION' 'Zn 2'
#
# COMPACT_ATOMS: atom_id res chain seq x y z
N GLY A 3 45.60 -0.14 -8.59
CA GLY A 3 44.32 0.10 -7.94
C GLY A 3 44.49 0.66 -6.54
N PHE A 4 43.78 1.76 -6.25
CA PHE A 4 43.83 2.35 -4.92
C PHE A 4 43.04 1.47 -3.95
N ALA A 5 43.74 0.90 -2.98
CA ALA A 5 43.19 -0.16 -2.15
C ALA A 5 43.35 0.17 -0.67
N MET A 6 42.56 -0.52 0.15
CA MET A 6 42.71 -0.49 1.60
C MET A 6 43.75 -1.52 1.99
N LEU A 7 44.92 -1.05 2.43
CA LEU A 7 45.96 -1.98 2.85
C LEU A 7 45.60 -2.68 4.15
N SER A 8 45.13 -1.92 5.14
CA SER A 8 44.68 -2.44 6.42
C SER A 8 43.89 -1.34 7.11
N ILE A 9 43.52 -1.59 8.37
CA ILE A 9 42.78 -0.60 9.15
C ILE A 9 43.67 0.62 9.35
N GLY A 10 43.32 1.74 8.72
CA GLY A 10 44.04 2.98 8.86
C GLY A 10 45.12 3.22 7.83
N LYS A 11 45.32 2.30 6.89
CA LYS A 11 46.37 2.42 5.88
C LYS A 11 45.80 2.10 4.50
N VAL A 12 46.13 2.95 3.52
CA VAL A 12 45.72 2.77 2.15
C VAL A 12 46.92 3.00 1.24
N GLY A 13 46.81 2.57 0.00
CA GLY A 13 47.88 2.75 -0.95
C GLY A 13 47.58 2.06 -2.26
N TRP A 14 48.37 2.40 -3.27
CA TRP A 14 48.25 1.82 -4.59
C TRP A 14 48.85 0.42 -4.58
N ILE A 15 48.26 -0.49 -5.35
CA ILE A 15 48.72 -1.88 -5.35
C ILE A 15 48.88 -2.43 -6.76
N GLU A 16 48.70 -3.75 -6.91
CA GLU A 16 48.90 -4.44 -8.18
C GLU A 16 47.57 -4.64 -8.90
N LYS A 17 47.48 -4.11 -10.11
CA LYS A 17 46.29 -4.24 -10.94
C LYS A 17 46.22 -5.64 -11.56
N GLU A 18 45.91 -6.62 -10.69
CA GLU A 18 45.54 -7.94 -11.18
C GLU A 18 44.14 -7.85 -11.79
N LYS A 19 44.08 -7.64 -13.10
CA LYS A 19 42.81 -7.48 -13.80
C LYS A 19 41.85 -8.64 -13.50
N PRO A 20 40.61 -8.34 -13.10
CA PRO A 20 39.67 -9.41 -12.74
C PRO A 20 39.15 -10.14 -13.97
N ALA A 21 38.70 -11.37 -13.75
CA ALA A 21 38.18 -12.19 -14.84
C ALA A 21 36.66 -12.26 -14.79
N PRO A 22 35.97 -12.08 -15.92
CA PRO A 22 34.51 -12.10 -15.92
C PRO A 22 33.95 -13.51 -16.09
N GLY A 23 32.91 -13.80 -15.33
CA GLY A 23 32.15 -14.99 -15.53
C GLY A 23 31.29 -14.91 -16.78
N PRO A 24 30.57 -16.00 -17.08
CA PRO A 24 29.72 -16.00 -18.28
C PRO A 24 28.63 -14.95 -18.25
N PHE A 25 28.21 -14.52 -17.05
CA PHE A 25 27.17 -13.51 -16.91
C PHE A 25 27.71 -12.17 -16.42
N ASP A 26 29.02 -12.03 -16.31
CA ASP A 26 29.65 -10.87 -15.70
C ASP A 26 30.29 -9.99 -16.76
N ALA A 27 30.73 -8.81 -16.32
CA ALA A 27 31.39 -7.84 -17.19
C ALA A 27 32.51 -7.16 -16.44
N ILE A 28 33.56 -6.80 -17.19
CA ILE A 28 34.68 -6.02 -16.67
C ILE A 28 34.53 -4.59 -17.19
N VAL A 29 34.61 -3.62 -16.28
CA VAL A 29 34.36 -2.22 -16.60
C VAL A 29 35.60 -1.42 -16.21
N ARG A 30 36.02 -0.53 -17.11
CA ARG A 30 37.01 0.42 -16.65
C ARG A 30 36.33 1.73 -16.29
N PRO A 31 36.74 2.39 -15.21
CA PRO A 31 36.01 3.57 -14.74
C PRO A 31 36.29 4.80 -15.59
N LEU A 32 35.23 5.56 -15.86
CA LEU A 32 35.37 6.88 -16.47
C LEU A 32 35.26 8.01 -15.46
N ALA A 33 34.52 7.79 -14.37
CA ALA A 33 34.43 8.76 -13.29
C ALA A 33 34.09 8.03 -12.01
N VAL A 34 34.80 8.36 -10.93
CA VAL A 34 34.55 7.75 -9.63
C VAL A 34 34.41 8.84 -8.58
N ALA A 35 33.83 8.46 -7.44
CA ALA A 35 33.66 9.37 -6.34
C ALA A 35 33.81 8.63 -5.02
N PRO A 36 34.54 9.18 -4.06
CA PRO A 36 34.60 8.58 -2.73
C PRO A 36 33.40 8.97 -1.88
N CYS A 37 33.15 8.17 -0.85
CA CYS A 37 32.01 8.38 0.04
C CYS A 37 32.49 8.30 1.48
N THR A 38 31.63 8.79 2.38
CA THR A 38 31.90 8.64 3.81
C THR A 38 32.01 7.16 4.18
N SER A 39 31.30 6.30 3.47
CA SER A 39 31.38 4.87 3.74
C SER A 39 32.80 4.34 3.50
N ASP A 40 33.47 4.83 2.46
CA ASP A 40 34.85 4.44 2.23
C ASP A 40 35.74 4.84 3.40
N ILE A 41 35.46 5.99 4.01
CA ILE A 41 36.25 6.44 5.15
C ILE A 41 35.97 5.58 6.38
N HIS A 42 34.68 5.32 6.65
CA HIS A 42 34.31 4.49 7.80
C HIS A 42 34.91 3.10 7.68
N THR A 43 34.98 2.57 6.45
CA THR A 43 35.51 1.23 6.24
C THR A 43 36.98 1.15 6.61
N VAL A 44 37.77 2.12 6.16
CA VAL A 44 39.23 2.04 6.31
C VAL A 44 39.66 2.44 7.71
N PHE A 45 39.21 3.60 8.18
CA PHE A 45 39.77 4.21 9.39
C PHE A 45 38.99 3.90 10.65
N GLU A 46 37.79 3.32 10.55
CA GLU A 46 37.04 2.90 11.71
C GLU A 46 36.73 1.41 11.72
N GLY A 47 37.12 0.67 10.69
CA GLY A 47 36.82 -0.75 10.63
C GLY A 47 35.33 -1.02 10.61
N ALA A 48 34.58 -0.28 9.80
CA ALA A 48 33.13 -0.38 9.82
C ALA A 48 32.66 -1.77 9.40
N ILE A 49 33.33 -2.37 8.41
CA ILE A 49 32.98 -3.70 7.93
C ILE A 49 34.02 -4.73 8.31
N GLY A 50 35.00 -4.36 9.13
CA GLY A 50 36.03 -5.28 9.56
C GLY A 50 37.34 -5.09 8.82
N GLU A 51 38.24 -6.04 9.05
CA GLU A 51 39.58 -5.96 8.48
C GLU A 51 39.59 -6.39 7.02
N ARG A 52 40.27 -5.62 6.18
CA ARG A 52 40.46 -5.95 4.77
C ARG A 52 41.93 -5.78 4.40
N HIS A 53 42.39 -6.61 3.45
CA HIS A 53 43.76 -6.59 2.98
C HIS A 53 43.76 -6.58 1.46
N ASN A 54 44.37 -5.54 0.87
CA ASN A 54 44.53 -5.43 -0.58
C ASN A 54 43.17 -5.48 -1.28
N MET A 55 42.23 -4.71 -0.75
CA MET A 55 40.88 -4.59 -1.30
C MET A 55 40.73 -3.22 -1.94
N ILE A 56 40.47 -3.19 -3.25
CA ILE A 56 40.28 -1.92 -3.94
C ILE A 56 39.05 -1.23 -3.40
N LEU A 57 39.18 0.06 -3.09
CA LEU A 57 38.11 0.83 -2.47
C LEU A 57 37.17 1.41 -3.53
N GLY A 58 36.14 2.12 -3.08
CA GLY A 58 35.25 2.81 -3.97
C GLY A 58 34.05 1.97 -4.38
N HIS A 59 32.90 2.62 -4.49
CA HIS A 59 31.71 1.92 -4.96
C HIS A 59 30.79 2.81 -5.80
N GLU A 60 31.22 4.02 -6.14
CA GLU A 60 30.45 4.93 -6.99
C GLU A 60 31.27 5.19 -8.23
N ALA A 61 30.82 4.65 -9.37
CA ALA A 61 31.58 4.79 -10.59
C ALA A 61 30.63 4.76 -11.78
N VAL A 62 30.97 5.58 -12.78
CA VAL A 62 30.37 5.52 -14.10
C VAL A 62 31.51 5.16 -15.04
N GLY A 63 31.55 3.90 -15.49
CA GLY A 63 32.62 3.42 -16.31
C GLY A 63 32.13 2.92 -17.67
N GLU A 64 33.07 2.37 -18.42
CA GLU A 64 32.79 1.81 -19.73
C GLU A 64 33.11 0.32 -19.69
N VAL A 65 32.16 -0.49 -20.14
CA VAL A 65 32.39 -1.93 -20.19
C VAL A 65 33.40 -2.24 -21.29
N VAL A 66 34.42 -3.01 -20.94
CA VAL A 66 35.45 -3.40 -21.89
C VAL A 66 35.38 -4.87 -22.26
N GLU A 67 34.71 -5.70 -21.46
CA GLU A 67 34.65 -7.13 -21.74
C GLU A 67 33.40 -7.68 -21.06
N VAL A 68 32.74 -8.63 -21.73
CA VAL A 68 31.52 -9.24 -21.23
C VAL A 68 31.64 -10.75 -21.37
N GLY A 69 30.86 -11.45 -20.55
CA GLY A 69 30.80 -12.89 -20.64
C GLY A 69 30.04 -13.37 -21.86
N SER A 70 30.11 -14.69 -22.08
CA SER A 70 29.47 -15.26 -23.26
C SER A 70 27.95 -15.19 -23.21
N GLU A 71 27.38 -14.97 -22.03
CA GLU A 71 25.93 -14.92 -21.87
C GLU A 71 25.39 -13.51 -21.63
N VAL A 72 26.25 -12.50 -21.57
CA VAL A 72 25.78 -11.13 -21.48
C VAL A 72 25.19 -10.71 -22.82
N LYS A 73 23.97 -10.19 -22.80
CA LYS A 73 23.24 -9.92 -24.02
C LYS A 73 22.92 -8.45 -24.24
N ASP A 74 22.83 -7.64 -23.18
CA ASP A 74 22.41 -6.26 -23.32
C ASP A 74 23.58 -5.28 -23.28
N PHE A 75 24.81 -5.77 -23.11
CA PHE A 75 25.97 -4.89 -23.02
C PHE A 75 27.13 -5.49 -23.81
N LYS A 76 27.82 -4.64 -24.55
CA LYS A 76 28.94 -5.02 -25.39
C LYS A 76 30.12 -4.11 -25.06
N PRO A 77 31.34 -4.51 -25.40
CA PRO A 77 32.49 -3.62 -25.20
C PRO A 77 32.30 -2.30 -25.94
N GLY A 78 32.54 -1.20 -25.22
CA GLY A 78 32.38 0.14 -25.76
C GLY A 78 31.18 0.88 -25.20
N ASP A 79 30.28 0.21 -24.50
CA ASP A 79 29.11 0.86 -23.93
C ASP A 79 29.50 1.63 -22.67
N ARG A 80 29.03 2.86 -22.55
CA ARG A 80 29.21 3.64 -21.34
C ARG A 80 28.03 3.37 -20.41
N VAL A 81 28.31 2.91 -19.20
CA VAL A 81 27.29 2.42 -18.29
C VAL A 81 27.41 3.11 -16.95
N VAL A 82 26.29 3.13 -16.23
CA VAL A 82 26.23 3.53 -14.83
C VAL A 82 26.22 2.28 -13.98
N VAL A 83 27.14 2.20 -13.03
CA VAL A 83 27.29 1.02 -12.18
C VAL A 83 26.70 1.36 -10.81
N PRO A 84 25.60 0.73 -10.40
CA PRO A 84 25.06 1.00 -9.06
C PRO A 84 26.00 0.51 -7.97
N ALA A 85 25.97 1.21 -6.84
CA ALA A 85 26.79 0.80 -5.70
C ALA A 85 26.37 -0.58 -5.19
N ALA A 86 25.09 -0.91 -5.28
CA ALA A 86 24.59 -2.22 -4.86
C ALA A 86 24.37 -3.09 -6.10
N THR A 87 25.14 -4.18 -6.21
CA THR A 87 25.05 -5.12 -7.32
C THR A 87 24.75 -6.51 -6.77
N PRO A 88 23.51 -6.76 -6.38
CA PRO A 88 23.19 -8.02 -5.69
C PRO A 88 23.15 -9.21 -6.65
N ASP A 89 23.23 -10.40 -6.06
CA ASP A 89 22.89 -11.63 -6.78
C ASP A 89 21.37 -11.69 -6.88
N TRP A 90 20.86 -11.80 -8.11
CA TRP A 90 19.43 -11.72 -8.35
C TRP A 90 18.73 -13.07 -8.30
N ARG A 91 19.42 -14.12 -7.91
CA ARG A 91 18.83 -15.46 -7.83
C ARG A 91 18.92 -15.95 -6.38
N THR A 92 18.18 -15.29 -5.50
CA THR A 92 18.06 -15.65 -4.10
C THR A 92 16.61 -15.52 -3.67
N SER A 93 16.30 -16.03 -2.47
CA SER A 93 14.94 -15.94 -1.95
C SER A 93 14.58 -14.53 -1.51
N GLU A 94 15.56 -13.73 -1.10
CA GLU A 94 15.25 -12.35 -0.71
C GLU A 94 14.82 -11.52 -1.91
N VAL A 95 15.29 -11.87 -3.11
CA VAL A 95 14.82 -11.20 -4.31
C VAL A 95 13.36 -11.55 -4.58
N GLN A 96 12.98 -12.82 -4.35
CA GLN A 96 11.59 -13.21 -4.53
C GLN A 96 10.68 -12.58 -3.47
N ARG A 97 11.23 -12.17 -2.32
CA ARG A 97 10.47 -11.43 -1.33
C ARG A 97 10.43 -9.93 -1.60
N GLY A 98 11.23 -9.45 -2.55
CA GLY A 98 11.24 -8.03 -2.89
C GLY A 98 12.29 -7.20 -2.19
N TYR A 99 13.34 -7.82 -1.66
CA TYR A 99 14.39 -7.11 -0.92
C TYR A 99 15.75 -7.55 -1.46
N HIS A 100 16.11 -7.07 -2.65
CA HIS A 100 17.39 -7.41 -3.25
C HIS A 100 18.57 -6.83 -2.49
N GLN A 101 18.38 -5.74 -1.74
CA GLN A 101 19.47 -5.20 -0.94
C GLN A 101 20.00 -6.22 0.07
N HIS A 102 19.18 -7.19 0.45
CA HIS A 102 19.57 -8.20 1.41
C HIS A 102 19.61 -9.57 0.76
N SER A 103 19.89 -9.60 -0.55
CA SER A 103 19.95 -10.83 -1.31
C SER A 103 21.16 -11.64 -0.85
N GLY A 104 20.90 -12.74 -0.13
CA GLY A 104 21.95 -13.58 0.42
C GLY A 104 22.35 -13.26 1.83
N GLY A 105 21.68 -12.31 2.48
CA GLY A 105 22.00 -11.91 3.84
C GLY A 105 21.81 -10.42 4.03
N MET A 106 21.83 -9.95 5.27
CA MET A 106 21.61 -8.53 5.54
C MET A 106 22.69 -7.68 4.88
N LEU A 107 22.25 -6.73 4.06
CA LEU A 107 23.11 -5.81 3.31
C LEU A 107 23.99 -6.51 2.27
N ALA A 108 23.74 -7.80 1.99
CA ALA A 108 24.60 -8.54 1.06
C ALA A 108 24.45 -8.08 -0.38
N GLY A 109 23.49 -7.21 -0.69
CA GLY A 109 23.40 -6.63 -2.02
C GLY A 109 24.52 -5.65 -2.33
N TRP A 110 25.19 -5.14 -1.30
CA TRP A 110 26.32 -4.24 -1.47
C TRP A 110 27.61 -5.05 -1.46
N LYS A 111 28.24 -5.20 -2.63
CA LYS A 111 29.43 -6.00 -2.79
C LYS A 111 30.71 -5.19 -2.96
N PHE A 112 30.66 -4.09 -3.72
CA PHE A 112 31.84 -3.27 -3.96
C PHE A 112 32.46 -2.78 -2.65
N SER A 113 33.78 -2.95 -2.53
CA SER A 113 34.54 -2.53 -1.35
C SER A 113 34.03 -3.19 -0.08
N ASN A 114 33.46 -4.39 -0.23
CA ASN A 114 32.93 -5.17 0.88
C ASN A 114 33.36 -6.61 0.78
N VAL A 115 32.81 -7.33 -0.21
CA VAL A 115 33.17 -8.72 -0.47
C VAL A 115 33.86 -8.87 -1.82
N LYS A 116 34.22 -7.77 -2.46
CA LYS A 116 34.90 -7.80 -3.75
C LYS A 116 35.59 -6.46 -3.94
N ASP A 117 36.59 -6.45 -4.81
CA ASP A 117 37.35 -5.23 -5.07
C ASP A 117 36.45 -4.14 -5.65
N GLY A 118 36.67 -2.91 -5.19
CA GLY A 118 35.83 -1.79 -5.57
C GLY A 118 36.21 -1.21 -6.92
N VAL A 119 35.79 0.03 -7.14
CA VAL A 119 35.93 0.68 -8.44
C VAL A 119 37.18 1.54 -8.55
N PHE A 120 37.92 1.74 -7.46
CA PHE A 120 39.12 2.57 -7.51
C PHE A 120 40.30 1.81 -8.09
N GLY A 121 40.10 1.15 -9.24
CA GLY A 121 41.17 0.43 -9.90
C GLY A 121 41.04 0.59 -11.40
N GLU A 122 42.09 0.15 -12.11
CA GLU A 122 42.07 0.24 -13.57
C GLU A 122 40.88 -0.51 -14.16
N PHE A 123 40.46 -1.59 -13.50
CA PHE A 123 39.28 -2.34 -13.88
C PHE A 123 38.60 -2.84 -12.61
N PHE A 124 37.31 -3.13 -12.72
CA PHE A 124 36.60 -3.78 -11.64
C PHE A 124 35.58 -4.74 -12.23
N HIS A 125 35.09 -5.63 -11.37
CA HIS A 125 34.23 -6.73 -11.78
C HIS A 125 32.81 -6.43 -11.35
N VAL A 126 31.88 -6.51 -12.31
CA VAL A 126 30.46 -6.32 -12.05
C VAL A 126 29.77 -7.65 -12.29
N ASN A 127 29.08 -8.14 -11.26
CA ASN A 127 28.38 -9.41 -11.37
C ASN A 127 27.00 -9.21 -11.99
N ASP A 128 26.62 -10.14 -12.86
CA ASP A 128 25.33 -10.11 -13.55
C ASP A 128 25.12 -8.77 -14.25
N ALA A 129 25.85 -8.61 -15.36
CA ALA A 129 25.86 -7.34 -16.07
C ALA A 129 24.46 -6.97 -16.56
N ASP A 130 23.72 -7.93 -17.10
CA ASP A 130 22.39 -7.66 -17.62
C ASP A 130 21.43 -7.21 -16.53
N MET A 131 21.75 -7.45 -15.26
CA MET A 131 20.87 -7.06 -14.16
C MET A 131 21.41 -5.91 -13.31
N ASN A 132 22.70 -5.58 -13.43
CA ASN A 132 23.32 -4.61 -12.54
C ASN A 132 24.03 -3.50 -13.30
N LEU A 133 23.65 -3.26 -14.56
CA LEU A 133 24.25 -2.18 -15.34
C LEU A 133 23.17 -1.46 -16.11
N ALA A 134 23.38 -0.17 -16.34
CA ALA A 134 22.45 0.63 -17.14
C ALA A 134 23.25 1.50 -18.11
N HIS A 135 22.76 1.61 -19.34
CA HIS A 135 23.43 2.44 -20.33
C HIS A 135 23.35 3.92 -19.95
N LEU A 136 24.44 4.64 -20.20
CA LEU A 136 24.52 6.06 -19.88
C LEU A 136 24.29 6.89 -21.13
N PRO A 137 23.25 7.72 -21.18
CA PRO A 137 23.07 8.59 -22.35
C PRO A 137 24.19 9.62 -22.44
N LYS A 138 24.55 9.97 -23.69
CA LYS A 138 25.66 10.90 -23.90
C LYS A 138 25.35 12.30 -23.36
N GLU A 139 24.08 12.67 -23.28
CA GLU A 139 23.71 14.03 -22.89
C GLU A 139 23.94 14.30 -21.41
N ILE A 140 24.24 13.28 -20.62
CA ILE A 140 24.42 13.43 -19.18
C ILE A 140 25.91 13.56 -18.90
N PRO A 141 26.36 14.63 -18.26
CA PRO A 141 27.79 14.76 -17.96
C PRO A 141 28.23 13.75 -16.91
N LEU A 142 29.53 13.45 -16.94
CA LEU A 142 30.08 12.41 -16.07
C LEU A 142 29.97 12.79 -14.60
N GLU A 143 30.30 14.04 -14.25
CA GLU A 143 30.24 14.43 -12.85
C GLU A 143 28.81 14.36 -12.32
N ALA A 144 27.81 14.52 -13.19
CA ALA A 144 26.43 14.35 -12.76
C ALA A 144 26.04 12.88 -12.68
N ALA A 145 26.49 12.09 -13.65
CA ALA A 145 26.09 10.68 -13.69
C ALA A 145 26.61 9.89 -12.50
N VAL A 146 27.80 10.22 -12.01
CA VAL A 146 28.40 9.46 -10.92
C VAL A 146 27.73 9.74 -9.58
N MET A 147 26.79 10.68 -9.52
CA MET A 147 25.99 10.87 -8.32
C MET A 147 24.83 9.89 -8.23
N ILE A 148 24.49 9.22 -9.32
CA ILE A 148 23.38 8.28 -9.36
C ILE A 148 23.71 6.99 -8.59
N PRO A 149 24.89 6.37 -8.76
CA PRO A 149 25.11 5.04 -8.16
C PRO A 149 24.84 4.94 -6.68
N ASP A 150 25.04 6.00 -5.90
CA ASP A 150 24.87 5.89 -4.45
C ASP A 150 24.09 7.07 -3.87
N MET A 151 24.59 8.29 -4.09
CA MET A 151 24.00 9.45 -3.44
C MET A 151 22.53 9.63 -3.84
N MET A 152 22.24 9.54 -5.14
CA MET A 152 20.88 9.80 -5.60
C MET A 152 19.94 8.68 -5.17
N THR A 153 20.35 7.42 -5.34
CA THR A 153 19.47 6.31 -5.01
C THR A 153 19.23 6.20 -3.51
N THR A 154 20.21 6.60 -2.69
CA THR A 154 20.03 6.56 -1.24
C THR A 154 19.05 7.65 -0.80
N GLY A 155 19.35 8.91 -1.16
CA GLY A 155 18.47 10.00 -0.78
C GLY A 155 17.05 9.81 -1.26
N PHE A 156 16.90 9.40 -2.53
CA PHE A 156 15.56 9.14 -3.06
C PHE A 156 14.89 7.99 -2.31
N HIS A 157 15.67 6.99 -1.87
CA HIS A 157 15.08 5.91 -1.10
C HIS A 157 14.53 6.41 0.22
N GLY A 158 15.25 7.34 0.86
CA GLY A 158 14.73 7.96 2.06
C GLY A 158 13.39 8.64 1.83
N ALA A 159 13.26 9.30 0.67
CA ALA A 159 11.97 9.94 0.33
C ALA A 159 10.91 8.90 0.03
N GLU A 160 11.29 7.80 -0.63
CA GLU A 160 10.33 6.74 -0.91
C GLU A 160 9.82 6.09 0.37
N LEU A 161 10.73 5.79 1.31
CA LEU A 161 10.33 5.16 2.55
C LEU A 161 9.42 6.06 3.37
N ALA A 162 9.53 7.38 3.17
CA ALA A 162 8.79 8.33 4.00
C ALA A 162 7.29 8.33 3.73
N ASP A 163 6.85 7.74 2.62
CA ASP A 163 5.42 7.69 2.26
C ASP A 163 4.79 9.08 2.24
N ILE A 164 5.39 9.95 1.42
CA ILE A 164 5.00 11.34 1.36
C ILE A 164 3.72 11.49 0.55
N GLU A 165 2.73 12.17 1.13
CA GLU A 165 1.51 12.55 0.40
C GLU A 165 1.65 13.97 -0.14
N LEU A 166 0.88 14.26 -1.19
CA LEU A 166 0.99 15.55 -1.86
C LEU A 166 0.72 16.69 -0.88
N GLY A 167 1.68 17.62 -0.80
CA GLY A 167 1.56 18.77 0.07
C GLY A 167 2.03 18.55 1.49
N ALA A 168 2.45 17.34 1.84
CA ALA A 168 2.87 17.05 3.20
C ALA A 168 4.13 17.84 3.57
N THR A 169 4.35 17.97 4.88
CA THR A 169 5.51 18.65 5.42
C THR A 169 6.56 17.61 5.79
N VAL A 170 7.75 17.74 5.22
CA VAL A 170 8.82 16.77 5.39
C VAL A 170 10.02 17.47 5.99
N ALA A 171 10.63 16.85 6.98
CA ALA A 171 11.89 17.31 7.55
C ALA A 171 12.99 16.35 7.15
N VAL A 172 14.13 16.92 6.73
CA VAL A 172 15.30 16.13 6.34
C VAL A 172 16.39 16.44 7.34
N LEU A 173 16.73 15.46 8.18
CA LEU A 173 17.72 15.64 9.23
C LEU A 173 19.09 15.30 8.66
N GLY A 174 19.89 16.33 8.39
CA GLY A 174 21.19 16.13 7.79
C GLY A 174 21.18 16.46 6.31
N ILE A 175 21.99 17.44 5.90
CA ILE A 175 22.00 17.87 4.50
C ILE A 175 23.39 17.66 3.92
N GLY A 176 23.95 16.47 4.13
CA GLY A 176 25.09 16.03 3.36
C GLY A 176 24.62 15.62 1.98
N PRO A 177 25.50 15.02 1.18
CA PRO A 177 25.09 14.61 -0.17
C PRO A 177 23.84 13.74 -0.18
N VAL A 178 23.74 12.78 0.74
CA VAL A 178 22.55 11.94 0.82
C VAL A 178 21.34 12.79 1.24
N GLY A 179 21.51 13.63 2.26
CA GLY A 179 20.41 14.47 2.69
C GLY A 179 19.95 15.44 1.62
N LEU A 180 20.90 15.98 0.86
CA LEU A 180 20.53 16.88 -0.23
C LEU A 180 19.71 16.15 -1.28
N MET A 181 20.05 14.89 -1.54
CA MET A 181 19.24 14.10 -2.47
C MET A 181 17.92 13.69 -1.84
N ALA A 182 17.86 13.57 -0.51
CA ALA A 182 16.59 13.35 0.16
C ALA A 182 15.70 14.59 0.04
N VAL A 183 16.31 15.79 0.15
CA VAL A 183 15.56 17.02 -0.05
C VAL A 183 14.99 17.07 -1.46
N ALA A 184 15.82 16.77 -2.47
CA ALA A 184 15.33 16.71 -3.84
C ALA A 184 14.32 15.58 -4.01
N GLY A 185 14.52 14.46 -3.32
CA GLY A 185 13.58 13.37 -3.42
C GLY A 185 12.21 13.70 -2.85
N ALA A 186 12.17 14.38 -1.70
CA ALA A 186 10.90 14.79 -1.12
C ALA A 186 10.15 15.72 -2.06
N LYS A 187 10.88 16.64 -2.71
CA LYS A 187 10.26 17.50 -3.70
C LYS A 187 9.71 16.69 -4.86
N LEU A 188 10.40 15.61 -5.24
CA LEU A 188 9.91 14.76 -6.32
C LEU A 188 8.72 13.91 -5.90
N ARG A 189 8.47 13.74 -4.60
CA ARG A 189 7.30 13.00 -4.13
C ARG A 189 6.15 13.93 -3.79
N GLY A 190 6.25 15.21 -4.12
CA GLY A 190 5.17 16.14 -3.91
C GLY A 190 5.13 16.82 -2.56
N ALA A 191 6.25 16.88 -1.85
CA ALA A 191 6.25 17.58 -0.57
C ALA A 191 5.98 19.06 -0.80
N GLY A 192 5.23 19.66 0.12
CA GLY A 192 5.03 21.09 0.10
C GLY A 192 6.16 21.76 0.84
N ARG A 193 6.00 21.92 2.15
CA ARG A 193 7.05 22.49 2.99
C ARG A 193 8.12 21.45 3.25
N ILE A 194 9.38 21.83 3.05
CA ILE A 194 10.52 20.95 3.30
C ILE A 194 11.47 21.68 4.21
N ILE A 195 11.64 21.17 5.43
CA ILE A 195 12.53 21.76 6.42
C ILE A 195 13.83 20.97 6.44
N ALA A 196 14.93 21.62 6.12
CA ALA A 196 16.24 20.99 6.08
C ALA A 196 17.02 21.35 7.33
N VAL A 197 17.67 20.36 7.92
CA VAL A 197 18.44 20.54 9.15
C VAL A 197 19.91 20.32 8.83
N GLY A 198 20.73 21.35 9.04
CA GLY A 198 22.14 21.25 8.71
C GLY A 198 22.84 22.56 9.03
N SER A 199 24.15 22.57 8.81
CA SER A 199 24.88 23.76 9.22
C SER A 199 25.84 24.31 8.17
N ARG A 200 26.52 23.46 7.40
CA ARG A 200 27.57 23.96 6.51
C ARG A 200 26.97 24.82 5.41
N PRO A 201 27.50 26.03 5.18
CA PRO A 201 26.87 26.95 4.21
C PRO A 201 26.75 26.40 2.80
N VAL A 202 27.79 25.71 2.31
CA VAL A 202 27.70 25.14 0.96
C VAL A 202 26.58 24.10 0.90
N CYS A 203 26.30 23.42 2.02
CA CYS A 203 25.19 22.48 2.06
C CYS A 203 23.85 23.20 2.18
N VAL A 204 23.81 24.30 2.94
CA VAL A 204 22.57 25.06 3.10
C VAL A 204 22.12 25.63 1.75
N ASP A 205 23.05 26.18 0.99
CA ASP A 205 22.72 26.73 -0.32
C ASP A 205 22.20 25.65 -1.26
N ALA A 206 22.83 24.46 -1.21
CA ALA A 206 22.38 23.35 -2.05
C ALA A 206 20.99 22.89 -1.63
N ALA A 207 20.69 22.91 -0.33
CA ALA A 207 19.38 22.49 0.15
C ALA A 207 18.28 23.39 -0.42
N LYS A 208 18.50 24.70 -0.37
CA LYS A 208 17.52 25.61 -0.97
C LYS A 208 17.41 25.37 -2.47
N TYR A 209 18.52 25.05 -3.13
CA TYR A 209 18.49 24.79 -4.56
C TYR A 209 17.64 23.57 -4.87
N TYR A 210 17.66 22.57 -4.01
CA TYR A 210 16.95 21.33 -4.26
C TYR A 210 15.53 21.34 -3.73
N GLY A 211 15.11 22.42 -3.07
CA GLY A 211 13.71 22.57 -2.71
C GLY A 211 13.40 22.90 -1.26
N ALA A 212 14.42 22.96 -0.41
CA ALA A 212 14.16 23.22 1.01
C ALA A 212 13.56 24.61 1.20
N THR A 213 12.47 24.66 1.97
CA THR A 213 11.78 25.91 2.23
C THR A 213 12.15 26.54 3.56
N ASP A 214 12.73 25.77 4.47
CA ASP A 214 13.17 26.28 5.77
C ASP A 214 14.49 25.61 6.12
N ILE A 215 15.34 26.36 6.82
CA ILE A 215 16.63 25.85 7.27
C ILE A 215 16.65 25.92 8.79
N VAL A 216 16.83 24.77 9.44
CA VAL A 216 16.92 24.70 10.89
C VAL A 216 18.37 24.41 11.24
N ASN A 217 19.02 25.41 11.82
CA ASN A 217 20.40 25.35 12.27
C ASN A 217 20.43 25.13 13.77
N TYR A 218 21.29 24.24 14.24
CA TYR A 218 21.37 23.99 15.68
C TYR A 218 21.96 25.21 16.44
N LYS A 219 22.13 26.35 15.77
CA LYS A 219 22.61 27.57 16.40
C LYS A 219 21.51 28.35 17.09
N ASP A 220 20.26 28.16 16.68
CA ASP A 220 19.13 28.88 17.26
C ASP A 220 18.37 28.06 18.29
N GLY A 221 18.86 26.87 18.66
CA GLY A 221 18.17 26.06 19.64
C GLY A 221 18.09 24.60 19.24
N PRO A 222 17.55 23.76 20.13
CA PRO A 222 17.36 22.35 19.79
C PRO A 222 16.44 22.18 18.58
N ILE A 223 16.75 21.16 17.78
CA ILE A 223 16.01 20.91 16.55
C ILE A 223 14.53 20.71 16.84
N GLU A 224 14.22 19.94 17.88
CA GLU A 224 12.83 19.63 18.20
C GLU A 224 12.03 20.90 18.47
N SER A 225 12.58 21.79 19.28
CA SER A 225 11.87 23.02 19.63
C SER A 225 11.69 23.92 18.42
N GLN A 226 12.71 24.01 17.55
CA GLN A 226 12.61 24.86 16.38
C GLN A 226 11.52 24.39 15.42
N ILE A 227 11.48 23.08 15.16
CA ILE A 227 10.52 22.56 14.19
C ILE A 227 9.10 22.68 14.71
N MET A 228 8.89 22.46 16.01
CA MET A 228 7.56 22.60 16.58
C MET A 228 7.07 24.05 16.48
N ASN A 229 7.96 25.02 16.56
CA ASN A 229 7.53 26.40 16.39
C ASN A 229 7.22 26.70 14.93
N LEU A 230 8.01 26.15 14.00
CA LEU A 230 7.77 26.39 12.58
C LEU A 230 6.41 25.85 12.17
N THR A 231 6.11 24.62 12.57
CA THR A 231 4.83 24.00 12.26
C THR A 231 3.75 24.40 13.23
N GLU A 232 4.03 25.34 14.13
CA GLU A 232 3.05 25.84 15.09
C GLU A 232 2.49 24.70 15.94
N GLY A 233 3.35 23.76 16.31
CA GLY A 233 2.97 22.66 17.16
C GLY A 233 2.41 21.45 16.44
N LYS A 234 2.20 21.54 15.13
CA LYS A 234 1.61 20.42 14.39
C LYS A 234 2.61 19.30 14.16
N GLY A 235 3.91 19.62 14.09
CA GLY A 235 4.90 18.65 13.70
C GLY A 235 4.95 18.46 12.20
N VAL A 236 5.72 17.47 11.77
CA VAL A 236 5.89 17.18 10.36
C VAL A 236 5.26 15.83 10.05
N ASP A 237 4.87 15.67 8.78
CA ASP A 237 4.26 14.41 8.36
C ASP A 237 5.28 13.30 8.22
N ALA A 238 6.52 13.62 7.85
CA ALA A 238 7.56 12.62 7.75
C ALA A 238 8.91 13.28 8.01
N ALA A 239 9.82 12.51 8.60
CA ALA A 239 11.19 12.95 8.83
C ALA A 239 12.11 11.93 8.20
N ILE A 240 13.02 12.41 7.36
CA ILE A 240 14.01 11.57 6.70
C ILE A 240 15.34 11.79 7.41
N ILE A 241 15.87 10.72 8.01
CA ILE A 241 17.16 10.79 8.70
C ILE A 241 18.27 10.52 7.70
N ALA A 242 19.15 11.51 7.50
CA ALA A 242 20.29 11.36 6.61
C ALA A 242 21.60 11.72 7.30
N GLY A 243 21.63 11.73 8.62
CA GLY A 243 22.85 12.05 9.35
C GLY A 243 22.58 12.15 10.83
N GLY A 244 23.68 12.26 11.58
CA GLY A 244 23.61 12.44 13.01
C GLY A 244 24.01 11.18 13.76
N ASN A 245 24.02 11.31 15.09
CA ASN A 245 24.33 10.20 15.99
C ASN A 245 23.06 9.40 16.26
N ALA A 246 23.14 8.47 17.21
CA ALA A 246 21.98 7.65 17.53
C ALA A 246 20.84 8.48 18.08
N ASP A 247 21.15 9.61 18.73
CA ASP A 247 20.11 10.43 19.33
C ASP A 247 19.19 11.06 18.30
N ILE A 248 19.63 11.18 17.05
CA ILE A 248 18.80 11.80 16.02
C ILE A 248 17.54 10.98 15.76
N MET A 249 17.56 9.69 16.12
CA MET A 249 16.36 8.88 16.03
C MET A 249 15.28 9.39 16.98
N ALA A 250 15.67 9.78 18.20
CA ALA A 250 14.72 10.33 19.15
C ALA A 250 14.16 11.66 18.67
N THR A 251 15.01 12.52 18.10
CA THR A 251 14.54 13.79 17.56
C THR A 251 13.53 13.56 16.45
N ALA A 252 13.77 12.56 15.60
CA ALA A 252 12.87 12.27 14.49
C ALA A 252 11.49 11.87 14.99
N VAL A 253 11.44 11.00 15.99
CA VAL A 253 10.16 10.56 16.56
C VAL A 253 9.42 11.75 17.17
N LYS A 254 10.16 12.66 17.81
CA LYS A 254 9.53 13.77 18.51
C LYS A 254 8.90 14.78 17.55
N ILE A 255 9.49 14.97 16.36
CA ILE A 255 9.00 16.00 15.45
C ILE A 255 7.94 15.48 14.48
N VAL A 256 7.84 14.17 14.29
CA VAL A 256 6.82 13.58 13.42
C VAL A 256 5.50 13.52 14.16
N LYS A 257 4.42 13.88 13.46
CA LYS A 257 3.09 13.87 14.06
C LYS A 257 2.57 12.44 14.16
N PRO A 258 1.59 12.20 15.03
CA PRO A 258 1.00 10.85 15.13
C PRO A 258 0.44 10.41 13.78
N GLY A 259 0.78 9.18 13.40
CA GLY A 259 0.42 8.68 12.09
C GLY A 259 1.46 8.93 11.01
N GLY A 260 2.50 9.70 11.31
CA GLY A 260 3.55 9.98 10.35
C GLY A 260 4.55 8.84 10.25
N THR A 261 5.68 9.14 9.59
CA THR A 261 6.69 8.14 9.30
C THR A 261 8.09 8.69 9.51
N ILE A 262 8.95 7.88 10.13
CA ILE A 262 10.38 8.17 10.24
C ILE A 262 11.10 7.26 9.26
N ALA A 263 11.75 7.86 8.27
CA ALA A 263 12.44 7.11 7.22
C ALA A 263 13.94 7.36 7.34
N ASN A 264 14.69 6.32 7.71
CA ASN A 264 16.12 6.43 7.92
C ASN A 264 16.89 5.81 6.77
N VAL A 265 17.83 6.57 6.20
CA VAL A 265 18.86 6.02 5.34
C VAL A 265 20.25 6.25 5.90
N ASN A 266 20.34 6.84 7.09
CA ASN A 266 21.62 7.09 7.74
C ASN A 266 22.25 5.77 8.19
N TYR A 267 23.58 5.77 8.26
CA TYR A 267 24.35 4.63 8.74
C TYR A 267 24.85 4.93 10.15
N PHE A 268 24.26 4.25 11.14
CA PHE A 268 24.67 4.39 12.53
C PHE A 268 25.80 3.39 12.81
N GLY A 269 27.00 3.91 13.01
CA GLY A 269 28.17 3.07 13.19
C GLY A 269 28.67 2.87 14.61
N GLU A 270 27.97 3.39 15.61
CA GLU A 270 28.43 3.26 16.99
C GLU A 270 27.23 3.22 17.92
N GLY A 271 27.40 2.50 19.01
CA GLY A 271 26.35 2.33 20.00
C GLY A 271 25.66 0.99 19.88
N GLU A 272 25.20 0.47 21.01
CA GLU A 272 24.48 -0.80 20.98
C GLU A 272 23.01 -0.64 20.64
N VAL A 273 22.44 0.54 20.90
CA VAL A 273 21.00 0.74 20.82
C VAL A 273 20.71 2.09 20.18
N LEU A 274 19.71 2.13 19.31
CA LEU A 274 19.16 3.39 18.80
C LEU A 274 17.94 3.76 19.63
N PRO A 275 17.90 4.95 20.24
CA PRO A 275 16.83 5.26 21.19
C PRO A 275 15.54 5.66 20.49
N VAL A 276 14.44 5.04 20.89
CA VAL A 276 13.10 5.46 20.50
C VAL A 276 12.42 6.02 21.75
N PRO A 277 12.13 7.32 21.81
CA PRO A 277 11.58 7.90 23.04
C PRO A 277 10.19 7.35 23.33
N ARG A 278 10.00 6.87 24.56
CA ARG A 278 8.76 6.16 24.89
C ARG A 278 7.54 7.09 24.81
N LEU A 279 7.58 8.23 25.51
CA LEU A 279 6.41 9.09 25.57
C LEU A 279 6.05 9.64 24.19
N GLU A 280 7.03 10.17 23.47
CA GLU A 280 6.78 10.76 22.16
C GLU A 280 6.45 9.73 21.10
N TRP A 281 6.69 8.44 21.37
CA TRP A 281 6.25 7.37 20.50
C TRP A 281 4.90 6.81 20.94
N GLY A 282 4.13 7.59 21.70
CA GLY A 282 2.83 7.15 22.16
C GLY A 282 2.89 5.96 23.09
N CYS A 283 4.01 5.77 23.78
CA CYS A 283 4.24 4.59 24.60
C CYS A 283 4.04 3.31 23.79
N GLY A 284 4.34 3.38 22.50
CA GLY A 284 4.18 2.25 21.61
C GLY A 284 2.95 2.29 20.74
N MET A 285 2.15 3.36 20.79
CA MET A 285 0.84 3.34 20.14
C MET A 285 0.51 4.62 19.38
N ALA A 286 1.51 5.39 18.93
CA ALA A 286 1.26 6.66 18.26
C ALA A 286 1.19 6.55 16.74
N HIS A 287 1.28 5.32 16.19
CA HIS A 287 1.27 5.10 14.74
C HIS A 287 2.36 5.88 14.02
N LYS A 288 3.52 6.04 14.67
CA LYS A 288 4.69 6.65 14.05
C LYS A 288 5.56 5.52 13.50
N THR A 289 5.42 5.24 12.20
CA THR A 289 6.15 4.15 11.59
C THR A 289 7.62 4.50 11.42
N ILE A 290 8.50 3.54 11.72
CA ILE A 290 9.94 3.73 11.61
C ILE A 290 10.47 2.75 10.58
N LYS A 291 11.06 3.27 9.51
CA LYS A 291 11.66 2.47 8.46
C LYS A 291 13.15 2.81 8.35
N GLY A 292 13.93 1.84 7.89
CA GLY A 292 15.34 2.06 7.66
C GLY A 292 15.90 1.07 6.65
N GLY A 293 16.33 1.54 5.49
CA GLY A 293 16.65 0.64 4.40
C GLY A 293 17.94 1.01 3.70
N LEU A 294 18.64 -0.03 3.24
CA LEU A 294 19.77 0.14 2.34
C LEU A 294 19.27 0.63 0.98
N CYS A 295 20.12 1.39 0.29
CA CYS A 295 19.72 1.98 -0.97
C CYS A 295 19.48 0.89 -2.02
N PRO A 296 18.49 1.06 -2.89
CA PRO A 296 18.29 0.09 -3.97
C PRO A 296 19.39 0.17 -5.00
N GLY A 297 19.64 -0.97 -5.65
CA GLY A 297 20.58 -1.03 -6.74
C GLY A 297 20.00 -1.76 -7.93
N GLY A 298 20.86 -2.25 -8.82
CA GLY A 298 20.42 -2.97 -9.98
C GLY A 298 20.13 -2.07 -11.17
N ARG A 299 19.92 -2.72 -12.31
CA ARG A 299 19.75 -2.02 -13.58
C ARG A 299 18.54 -1.10 -13.57
N LEU A 300 17.38 -1.62 -13.13
CA LEU A 300 16.16 -0.84 -13.21
C LEU A 300 16.24 0.42 -12.36
N ARG A 301 16.80 0.31 -11.15
CA ARG A 301 16.94 1.48 -10.30
C ARG A 301 17.75 2.57 -10.99
N MET A 302 18.86 2.17 -11.62
CA MET A 302 19.69 3.15 -12.33
C MET A 302 18.95 3.73 -13.54
N GLU A 303 18.24 2.88 -14.29
CA GLU A 303 17.50 3.36 -15.45
C GLU A 303 16.44 4.39 -15.05
N ARG A 304 15.78 4.16 -13.91
CA ARG A 304 14.76 5.11 -13.46
C ARG A 304 15.37 6.44 -13.06
N LEU A 305 16.49 6.39 -12.33
CA LEU A 305 17.16 7.63 -11.93
C LEU A 305 17.82 8.33 -13.11
N ILE A 306 18.28 7.58 -14.11
CA ILE A 306 18.84 8.19 -15.30
C ILE A 306 17.77 9.01 -16.03
N ASP A 307 16.55 8.49 -16.10
CA ASP A 307 15.47 9.25 -16.73
C ASP A 307 15.19 10.54 -15.97
N LEU A 308 15.30 10.51 -14.64
CA LEU A 308 15.11 11.72 -13.85
C LEU A 308 16.16 12.77 -14.18
N VAL A 309 17.40 12.35 -14.39
CA VAL A 309 18.45 13.28 -14.77
C VAL A 309 18.31 13.67 -16.23
N PHE A 310 18.02 12.70 -17.09
CA PHE A 310 17.92 12.95 -18.52
C PHE A 310 16.80 13.94 -18.83
N TYR A 311 15.63 13.75 -18.22
CA TYR A 311 14.51 14.65 -18.46
C TYR A 311 14.51 15.85 -17.51
N LYS A 312 15.63 16.10 -16.85
CA LYS A 312 15.85 17.33 -16.08
C LYS A 312 14.86 17.47 -14.92
N ARG A 313 14.57 16.35 -14.26
CA ARG A 313 13.77 16.41 -13.04
C ARG A 313 14.62 16.74 -11.81
N VAL A 314 15.91 16.43 -11.86
CA VAL A 314 16.83 16.75 -10.77
C VAL A 314 18.22 16.93 -11.37
N ASP A 315 18.95 17.94 -10.87
CA ASP A 315 20.30 18.25 -11.33
C ASP A 315 21.30 17.93 -10.24
N PRO A 316 21.89 16.73 -10.22
CA PRO A 316 22.80 16.36 -9.13
C PRO A 316 24.17 17.00 -9.22
N SER A 317 24.47 17.72 -10.30
CA SER A 317 25.80 18.31 -10.46
C SER A 317 26.09 19.34 -9.37
N LYS A 318 25.06 19.86 -8.71
CA LYS A 318 25.30 20.79 -7.60
C LYS A 318 25.97 20.10 -6.42
N LEU A 319 25.88 18.76 -6.34
CA LEU A 319 26.60 18.03 -5.31
C LEU A 319 28.11 18.04 -5.55
N VAL A 320 28.53 18.21 -6.80
CA VAL A 320 29.95 18.08 -7.15
C VAL A 320 30.58 19.45 -6.96
N THR A 321 31.30 19.63 -5.86
CA THR A 321 32.00 20.87 -5.57
C THR A 321 33.46 20.86 -6.00
N HIS A 322 34.01 19.68 -6.25
CA HIS A 322 35.41 19.55 -6.67
C HIS A 322 35.50 18.51 -7.77
N VAL A 323 36.19 18.88 -8.85
CA VAL A 323 36.42 17.99 -9.98
C VAL A 323 37.92 17.89 -10.19
N PHE A 324 38.43 16.66 -10.20
CA PHE A 324 39.83 16.38 -10.49
C PHE A 324 39.92 15.54 -11.75
N ARG A 325 41.09 15.56 -12.37
CA ARG A 325 41.36 14.78 -13.57
C ARG A 325 42.58 13.91 -13.33
N GLY A 326 42.49 12.65 -13.71
CA GLY A 326 43.65 11.80 -13.62
C GLY A 326 43.49 10.73 -12.54
N PHE A 327 44.12 9.59 -12.78
CA PHE A 327 44.02 8.47 -11.85
C PHE A 327 44.67 8.78 -10.50
N ASP A 328 45.72 9.61 -10.50
CA ASP A 328 46.42 9.91 -9.26
C ASP A 328 45.57 10.71 -8.29
N ASN A 329 44.64 11.50 -8.79
CA ASN A 329 43.84 12.34 -7.90
C ASN A 329 42.74 11.57 -7.19
N ILE A 330 42.64 10.25 -7.40
CA ILE A 330 41.75 9.44 -6.57
C ILE A 330 42.21 9.49 -5.13
N GLU A 331 43.53 9.51 -4.91
CA GLU A 331 44.07 9.61 -3.56
C GLU A 331 43.71 10.95 -2.93
N LYS A 332 43.89 12.04 -3.67
CA LYS A 332 43.59 13.36 -3.13
C LYS A 332 42.10 13.53 -2.87
N ALA A 333 41.26 13.03 -3.78
CA ALA A 333 39.81 13.09 -3.56
C ALA A 333 39.41 12.25 -2.36
N PHE A 334 40.06 11.08 -2.19
CA PHE A 334 39.78 10.26 -1.02
C PHE A 334 40.17 11.01 0.26
N MET A 335 41.31 11.70 0.24
CA MET A 335 41.76 12.45 1.40
C MET A 335 40.89 13.66 1.71
N LEU A 336 40.19 14.22 0.72
CA LEU A 336 39.26 15.30 1.01
C LEU A 336 38.12 14.81 1.89
N MET A 337 37.62 13.60 1.62
CA MET A 337 36.52 13.05 2.39
C MET A 337 36.90 12.78 3.84
N LYS A 338 38.19 12.61 4.13
CA LYS A 338 38.63 12.40 5.50
C LYS A 338 38.80 13.73 6.23
N ASP A 339 39.38 14.73 5.56
CA ASP A 339 39.60 16.03 6.19
C ASP A 339 38.33 16.87 6.22
N LYS A 340 37.46 16.72 5.20
CA LYS A 340 36.17 17.39 5.12
C LYS A 340 36.29 18.90 5.21
N PRO A 341 36.70 19.58 4.14
CA PRO A 341 36.61 21.05 4.13
C PRO A 341 35.15 21.50 4.13
N LYS A 342 34.95 22.72 4.61
CA LYS A 342 33.59 23.26 4.73
C LYS A 342 32.98 23.65 3.39
N ASP A 343 33.76 23.68 2.31
CA ASP A 343 33.25 24.00 0.98
C ASP A 343 33.14 22.77 0.09
N LEU A 344 33.27 21.58 0.66
CA LEU A 344 33.20 20.33 -0.08
C LEU A 344 31.85 19.66 0.17
N ILE A 345 31.24 19.15 -0.90
CA ILE A 345 30.06 18.30 -0.78
C ILE A 345 30.44 16.91 -1.28
N LYS A 346 30.78 16.81 -2.55
CA LYS A 346 31.16 15.53 -3.13
C LYS A 346 32.27 15.77 -4.15
N PRO A 347 33.41 15.09 -4.02
CA PRO A 347 34.45 15.20 -5.04
C PRO A 347 34.32 14.11 -6.07
N VAL A 348 34.73 14.44 -7.30
CA VAL A 348 34.64 13.55 -8.43
C VAL A 348 35.99 13.52 -9.14
N VAL A 349 36.44 12.32 -9.48
CA VAL A 349 37.68 12.12 -10.25
C VAL A 349 37.28 11.64 -11.64
N ILE A 350 37.66 12.39 -12.66
CA ILE A 350 37.37 12.04 -14.04
C ILE A 350 38.55 11.26 -14.60
N LEU A 351 38.26 10.12 -15.23
CA LEU A 351 39.29 9.22 -15.73
C LEU A 351 39.30 9.05 -17.24
N ALA A 352 38.21 9.39 -17.93
CA ALA A 352 38.17 9.27 -19.38
C ALA A 352 39.18 10.22 -20.02
N FME B 1 -26.54 7.92 39.85
CN FME B 1 -27.82 7.99 40.35
O1 FME B 1 -28.36 9.06 40.68
CA FME B 1 -25.92 6.69 39.48
CB FME B 1 -25.66 6.59 37.97
CG FME B 1 -25.00 7.84 37.46
SD FME B 1 -24.25 7.40 35.92
CE FME B 1 -22.84 6.51 36.44
C FME B 1 -24.58 6.46 40.18
O FME B 1 -23.82 7.37 40.49
N LYS B 2 -24.29 5.19 40.43
CA LYS B 2 -23.04 4.79 41.07
C LYS B 2 -22.00 4.41 40.02
N GLY B 3 -20.73 4.38 40.42
CA GLY B 3 -19.66 4.06 39.49
C GLY B 3 -18.35 3.73 40.18
N PHE B 4 -17.73 2.62 39.81
CA PHE B 4 -16.43 2.27 40.36
C PHE B 4 -15.36 3.15 39.75
N ALA B 5 -14.72 3.98 40.58
CA ALA B 5 -13.88 5.06 40.09
C ALA B 5 -12.49 5.03 40.72
N MET B 6 -11.56 5.69 40.04
CA MET B 6 -10.23 5.95 40.55
C MET B 6 -10.27 7.26 41.34
N LEU B 7 -10.13 7.16 42.66
CA LEU B 7 -10.14 8.38 43.48
C LEU B 7 -8.85 9.17 43.26
N SER B 8 -7.71 8.48 43.30
CA SER B 8 -6.41 9.10 43.05
C SER B 8 -5.43 7.98 42.76
N ILE B 9 -4.15 8.33 42.65
CA ILE B 9 -3.10 7.35 42.37
C ILE B 9 -3.03 6.35 43.52
N GLY B 10 -3.39 5.10 43.24
CA GLY B 10 -3.33 4.06 44.24
C GLY B 10 -4.61 3.82 45.01
N LYS B 11 -5.69 4.54 44.69
CA LYS B 11 -6.94 4.47 45.43
C LYS B 11 -8.11 4.33 44.46
N VAL B 12 -9.02 3.41 44.75
CA VAL B 12 -10.24 3.23 43.98
C VAL B 12 -11.41 3.17 44.95
N GLY B 13 -12.60 3.36 44.41
CA GLY B 13 -13.80 3.31 45.23
C GLY B 13 -15.03 3.72 44.45
N TRP B 14 -16.17 3.42 45.05
CA TRP B 14 -17.46 3.78 44.45
C TRP B 14 -17.80 5.24 44.68
N ILE B 15 -18.41 5.87 43.67
CA ILE B 15 -18.80 7.27 43.76
C ILE B 15 -20.19 7.44 43.18
N GLU B 16 -20.85 8.53 43.60
CA GLU B 16 -22.16 8.91 43.09
C GLU B 16 -21.98 10.11 42.15
N LYS B 17 -22.37 9.92 40.91
CA LYS B 17 -22.35 10.94 39.88
C LYS B 17 -23.79 11.25 39.46
N GLU B 18 -24.02 12.49 39.06
CA GLU B 18 -25.28 12.81 38.40
C GLU B 18 -25.29 12.18 37.01
N LYS B 19 -26.28 11.34 36.75
CA LYS B 19 -26.42 10.65 35.47
C LYS B 19 -26.19 11.62 34.30
N PRO B 20 -25.34 11.27 33.34
CA PRO B 20 -25.01 12.22 32.28
C PRO B 20 -26.17 12.42 31.31
N ALA B 21 -26.18 13.58 30.68
CA ALA B 21 -27.16 13.99 29.69
C ALA B 21 -26.55 13.97 28.30
N PRO B 22 -27.26 13.45 27.30
CA PRO B 22 -26.68 13.35 25.96
C PRO B 22 -26.84 14.65 25.17
N GLY B 23 -25.80 15.00 24.43
CA GLY B 23 -25.89 16.05 23.46
C GLY B 23 -26.70 15.59 22.26
N PRO B 24 -26.91 16.50 21.31
CA PRO B 24 -27.73 16.16 20.14
C PRO B 24 -27.23 14.96 19.36
N PHE B 25 -25.93 14.64 19.43
CA PHE B 25 -25.38 13.53 18.69
C PHE B 25 -24.95 12.37 19.57
N ASP B 26 -25.24 12.42 20.87
CA ASP B 26 -24.69 11.47 21.82
C ASP B 26 -25.74 10.47 22.27
N ALA B 27 -25.29 9.47 23.02
CA ALA B 27 -26.16 8.43 23.54
C ALA B 27 -25.73 8.08 24.95
N ILE B 28 -26.70 7.74 25.78
CA ILE B 28 -26.48 7.24 27.14
C ILE B 28 -26.75 5.75 27.14
N VAL B 29 -25.79 4.97 27.64
CA VAL B 29 -25.84 3.51 27.59
C VAL B 29 -25.76 2.95 29.00
N ARG B 30 -26.63 1.99 29.30
CA ARG B 30 -26.33 1.25 30.52
C ARG B 30 -25.65 -0.07 30.17
N PRO B 31 -24.65 -0.47 30.94
CA PRO B 31 -23.87 -1.66 30.56
C PRO B 31 -24.61 -2.96 30.86
N LEU B 32 -24.50 -3.90 29.93
CA LEU B 32 -24.95 -5.27 30.15
C LEU B 32 -23.83 -6.20 30.53
N ALA B 33 -22.61 -5.92 30.07
CA ALA B 33 -21.44 -6.69 30.44
C ALA B 33 -20.22 -5.80 30.32
N VAL B 34 -19.35 -5.85 31.33
CA VAL B 34 -18.12 -5.04 31.35
C VAL B 34 -16.94 -5.96 31.63
N ALA B 35 -15.75 -5.45 31.34
CA ALA B 35 -14.54 -6.20 31.59
C ALA B 35 -13.43 -5.25 32.01
N PRO B 36 -12.66 -5.57 33.05
CA PRO B 36 -11.51 -4.76 33.40
C PRO B 36 -10.32 -5.12 32.53
N CYS B 37 -9.37 -4.19 32.45
CA CYS B 37 -8.20 -4.37 31.60
C CYS B 37 -6.94 -4.06 32.39
N THR B 38 -5.81 -4.54 31.86
CA THR B 38 -4.51 -4.20 32.44
C THR B 38 -4.27 -2.69 32.41
N SER B 39 -4.85 -1.99 31.43
CA SER B 39 -4.70 -0.55 31.35
C SER B 39 -5.27 0.13 32.59
N ASP B 40 -6.41 -0.36 33.08
CA ASP B 40 -6.99 0.19 34.31
C ASP B 40 -6.01 0.06 35.47
N ILE B 41 -5.24 -1.03 35.51
CA ILE B 41 -4.28 -1.22 36.60
C ILE B 41 -3.12 -0.23 36.45
N HIS B 42 -2.58 -0.10 35.25
CA HIS B 42 -1.50 0.86 35.02
C HIS B 42 -1.96 2.28 35.33
N THR B 43 -3.21 2.59 35.02
CA THR B 43 -3.73 3.94 35.28
C THR B 43 -3.79 4.22 36.77
N VAL B 44 -4.32 3.27 37.54
CA VAL B 44 -4.57 3.52 38.95
C VAL B 44 -3.29 3.43 39.77
N PHE B 45 -2.55 2.34 39.63
CA PHE B 45 -1.46 2.05 40.53
C PHE B 45 -0.09 2.45 40.00
N GLU B 46 0.03 2.78 38.72
CA GLU B 46 1.30 3.20 38.16
C GLU B 46 1.27 4.61 37.57
N GLY B 47 0.12 5.28 37.57
CA GLY B 47 0.08 6.61 36.97
C GLY B 47 0.42 6.61 35.51
N ALA B 48 -0.13 5.64 34.75
CA ALA B 48 0.26 5.47 33.36
C ALA B 48 -0.14 6.67 32.51
N ILE B 49 -1.31 7.26 32.79
CA ILE B 49 -1.81 8.40 32.04
C ILE B 49 -1.73 9.68 32.87
N GLY B 50 -1.10 9.63 34.03
CA GLY B 50 -0.97 10.80 34.87
C GLY B 50 -1.96 10.77 36.02
N GLU B 51 -2.05 11.90 36.71
CA GLU B 51 -2.91 12.00 37.87
C GLU B 51 -4.35 12.15 37.42
N ARG B 52 -5.24 11.36 38.00
CA ARG B 52 -6.67 11.44 37.77
C ARG B 52 -7.37 11.47 39.12
N HIS B 53 -8.50 12.16 39.17
CA HIS B 53 -9.27 12.30 40.39
C HIS B 53 -10.73 12.02 40.12
N ASN B 54 -11.29 11.03 40.82
CA ASN B 54 -12.73 10.76 40.80
C ASN B 54 -13.20 10.41 39.40
N MET B 55 -12.44 9.57 38.71
CA MET B 55 -12.74 9.18 37.34
C MET B 55 -13.20 7.73 37.32
N ILE B 56 -14.43 7.51 36.83
CA ILE B 56 -14.96 6.15 36.73
C ILE B 56 -14.12 5.36 35.74
N LEU B 57 -13.75 4.14 36.13
CA LEU B 57 -12.85 3.30 35.35
C LEU B 57 -13.60 2.48 34.30
N GLY B 58 -12.84 1.72 33.51
CA GLY B 58 -13.41 0.78 32.54
C GLY B 58 -13.63 1.36 31.16
N HIS B 59 -13.34 0.55 30.14
CA HIS B 59 -13.57 0.99 28.76
C HIS B 59 -14.01 -0.13 27.85
N GLU B 60 -14.30 -1.32 28.37
CA GLU B 60 -14.76 -2.45 27.57
C GLU B 60 -16.17 -2.78 28.06
N ALA B 61 -17.17 -2.51 27.22
CA ALA B 61 -18.55 -2.71 27.66
C ALA B 61 -19.44 -3.07 26.50
N VAL B 62 -20.48 -3.83 26.83
CA VAL B 62 -21.62 -4.08 25.97
C VAL B 62 -22.85 -3.61 26.72
N GLY B 63 -23.77 -2.93 26.04
CA GLY B 63 -24.83 -2.33 26.80
C GLY B 63 -26.11 -2.14 25.99
N GLU B 64 -27.06 -1.49 26.63
CA GLU B 64 -28.35 -1.17 26.03
C GLU B 64 -28.51 0.35 26.00
N VAL B 65 -28.89 0.88 24.84
CA VAL B 65 -29.11 2.32 24.73
C VAL B 65 -30.38 2.68 25.49
N VAL B 66 -30.29 3.68 26.35
CA VAL B 66 -31.46 4.16 27.09
C VAL B 66 -31.89 5.56 26.68
N GLU B 67 -31.02 6.36 26.08
CA GLU B 67 -31.37 7.73 25.70
C GLU B 67 -30.44 8.19 24.59
N VAL B 68 -30.99 8.92 23.62
CA VAL B 68 -30.22 9.43 22.49
C VAL B 68 -30.58 10.89 22.25
N GLY B 69 -29.66 11.60 21.60
CA GLY B 69 -29.91 12.99 21.27
C GLY B 69 -30.89 13.14 20.12
N SER B 70 -31.32 14.38 19.90
CA SER B 70 -32.35 14.64 18.90
C SER B 70 -31.87 14.38 17.48
N GLU B 71 -30.57 14.29 17.26
CA GLU B 71 -30.02 14.06 15.93
C GLU B 71 -29.46 12.66 15.75
N VAL B 72 -29.51 11.83 16.79
CA VAL B 72 -29.13 10.43 16.62
C VAL B 72 -30.19 9.72 15.80
N LYS B 73 -29.77 9.03 14.75
CA LYS B 73 -30.69 8.48 13.77
C LYS B 73 -30.64 6.96 13.65
N ASP B 74 -29.51 6.33 13.94
CA ASP B 74 -29.37 4.89 13.76
C ASP B 74 -29.49 4.10 15.06
N PHE B 75 -29.70 4.77 16.19
CA PHE B 75 -29.81 4.07 17.47
C PHE B 75 -30.92 4.67 18.31
N LYS B 76 -31.71 3.80 18.91
CA LYS B 76 -32.90 4.13 19.69
C LYS B 76 -32.86 3.43 21.04
N PRO B 77 -33.66 3.91 22.01
CA PRO B 77 -33.73 3.23 23.31
C PRO B 77 -34.16 1.78 23.17
N GLY B 78 -33.39 0.89 23.80
CA GLY B 78 -33.65 -0.54 23.75
C GLY B 78 -32.68 -1.32 22.90
N ASP B 79 -31.86 -0.66 22.09
CA ASP B 79 -30.92 -1.36 21.23
C ASP B 79 -29.73 -1.87 22.04
N ARG B 80 -29.41 -3.15 21.88
CA ARG B 80 -28.17 -3.69 22.42
C ARG B 80 -27.03 -3.39 21.48
N VAL B 81 -25.93 -2.85 22.02
CA VAL B 81 -24.84 -2.35 21.20
C VAL B 81 -23.50 -2.77 21.79
N VAL B 82 -22.50 -2.84 20.92
CA VAL B 82 -21.10 -3.01 21.30
C VAL B 82 -20.45 -1.64 21.27
N VAL B 83 -19.81 -1.26 22.36
CA VAL B 83 -19.20 0.06 22.51
C VAL B 83 -17.69 -0.11 22.33
N PRO B 84 -17.09 0.47 21.29
CA PRO B 84 -15.63 0.38 21.16
C PRO B 84 -14.95 1.14 22.28
N ALA B 85 -13.79 0.63 22.70
CA ALA B 85 -13.03 1.33 23.72
C ALA B 85 -12.58 2.70 23.25
N ALA B 86 -12.34 2.85 21.95
CA ALA B 86 -11.97 4.12 21.34
C ALA B 86 -13.20 4.72 20.69
N THR B 87 -13.65 5.86 21.21
CA THR B 87 -14.83 6.57 20.71
C THR B 87 -14.40 7.99 20.34
N PRO B 88 -13.73 8.15 19.21
CA PRO B 88 -13.14 9.45 18.89
C PRO B 88 -14.18 10.47 18.45
N ASP B 89 -13.76 11.74 18.47
CA ASP B 89 -14.45 12.79 17.75
C ASP B 89 -14.14 12.62 16.27
N TRP B 90 -15.16 12.49 15.45
CA TRP B 90 -14.96 12.17 14.04
C TRP B 90 -14.85 13.39 13.14
N ARG B 91 -14.78 14.59 13.72
CA ARG B 91 -14.67 15.83 12.95
C ARG B 91 -13.38 16.55 13.34
N THR B 92 -12.24 15.95 12.97
CA THR B 92 -10.93 16.53 13.22
C THR B 92 -10.06 16.35 11.97
N SER B 93 -8.90 17.01 11.98
CA SER B 93 -7.98 16.87 10.86
C SER B 93 -7.29 15.51 10.85
N GLU B 94 -7.11 14.90 12.03
CA GLU B 94 -6.48 13.58 12.06
C GLU B 94 -7.37 12.50 11.45
N VAL B 95 -8.70 12.70 11.50
CA VAL B 95 -9.60 11.76 10.82
C VAL B 95 -9.45 11.88 9.31
N GLN B 96 -9.30 13.12 8.82
CA GLN B 96 -9.09 13.31 7.39
C GLN B 96 -7.73 12.77 6.93
N ARG B 97 -6.79 12.58 7.86
CA ARG B 97 -5.53 11.90 7.56
C ARG B 97 -5.61 10.39 7.68
N GLY B 98 -6.71 9.86 8.20
CA GLY B 98 -6.90 8.42 8.32
C GLY B 98 -6.47 7.82 9.63
N TYR B 99 -6.34 8.61 10.69
CA TYR B 99 -5.89 8.14 12.00
C TYR B 99 -6.86 8.67 13.06
N HIS B 100 -8.03 8.05 13.14
CA HIS B 100 -9.02 8.47 14.12
C HIS B 100 -8.56 8.18 15.55
N GLN B 101 -7.65 7.22 15.74
CA GLN B 101 -7.14 6.93 17.08
C GLN B 101 -6.49 8.15 17.71
N HIS B 102 -6.06 9.12 16.91
CA HIS B 102 -5.38 10.31 17.40
C HIS B 102 -6.18 11.57 17.08
N SER B 103 -7.50 11.44 17.03
CA SER B 103 -8.38 12.56 16.72
C SER B 103 -8.35 13.57 17.87
N GLY B 104 -7.69 14.70 17.65
CA GLY B 104 -7.56 15.71 18.69
C GLY B 104 -6.28 15.62 19.50
N GLY B 105 -5.36 14.75 19.13
CA GLY B 105 -4.13 14.59 19.87
C GLY B 105 -3.68 13.14 19.93
N MET B 106 -2.45 12.91 20.37
CA MET B 106 -1.93 11.56 20.44
C MET B 106 -2.78 10.72 21.39
N LEU B 107 -3.30 9.59 20.88
CA LEU B 107 -4.16 8.66 21.61
C LEU B 107 -5.49 9.28 22.04
N ALA B 108 -5.81 10.47 21.55
CA ALA B 108 -7.01 11.18 22.01
C ALA B 108 -8.30 10.51 21.55
N GLY B 109 -8.22 9.50 20.67
CA GLY B 109 -9.40 8.72 20.35
C GLY B 109 -9.89 7.85 21.49
N TRP B 110 -9.03 7.60 22.48
CA TRP B 110 -9.39 6.82 23.66
C TRP B 110 -9.86 7.78 24.74
N LYS B 111 -11.17 7.80 24.99
CA LYS B 111 -11.77 8.74 25.93
C LYS B 111 -12.20 8.09 27.25
N PHE B 112 -12.79 6.90 27.21
CA PHE B 112 -13.25 6.22 28.41
C PHE B 112 -12.10 6.01 29.38
N SER B 113 -12.33 6.36 30.65
CA SER B 113 -11.33 6.19 31.70
C SER B 113 -10.04 6.94 31.39
N ASN B 114 -10.16 8.03 30.63
CA ASN B 114 -9.01 8.86 30.28
C ASN B 114 -9.38 10.33 30.40
N VAL B 115 -10.25 10.80 29.52
CA VAL B 115 -10.74 12.17 29.55
C VAL B 115 -12.23 12.25 29.86
N LYS B 116 -12.84 11.12 30.22
CA LYS B 116 -14.26 11.07 30.53
C LYS B 116 -14.51 9.83 31.39
N ASP B 117 -15.62 9.85 32.11
CA ASP B 117 -15.96 8.72 32.98
C ASP B 117 -16.15 7.45 32.15
N GLY B 118 -15.61 6.35 32.66
CA GLY B 118 -15.61 5.08 31.96
C GLY B 118 -16.94 4.35 32.05
N VAL B 119 -16.87 3.03 31.80
CA VAL B 119 -18.08 2.22 31.69
C VAL B 119 -18.45 1.52 33.00
N PHE B 120 -17.62 1.63 34.04
CA PHE B 120 -17.94 0.95 35.28
C PHE B 120 -18.97 1.70 36.10
N GLY B 121 -20.09 2.08 35.49
CA GLY B 121 -21.16 2.76 36.19
C GLY B 121 -22.51 2.29 35.71
N GLU B 122 -23.55 2.71 36.45
CA GLU B 122 -24.91 2.35 36.07
C GLU B 122 -25.25 2.86 34.67
N PHE B 123 -24.65 3.98 34.28
CA PHE B 123 -24.78 4.51 32.94
C PHE B 123 -23.45 5.14 32.54
N PHE B 124 -23.23 5.27 31.24
CA PHE B 124 -22.09 6.02 30.73
C PHE B 124 -22.48 6.73 29.45
N HIS B 125 -21.64 7.67 29.05
CA HIS B 125 -21.91 8.59 27.95
C HIS B 125 -21.08 8.20 26.73
N VAL B 126 -21.73 8.05 25.58
CA VAL B 126 -21.07 7.74 24.31
C VAL B 126 -21.26 8.93 23.37
N ASN B 127 -20.14 9.50 22.91
CA ASN B 127 -20.20 10.63 21.99
C ASN B 127 -20.34 10.13 20.56
N ASP B 128 -21.16 10.85 19.78
CA ASP B 128 -21.39 10.53 18.37
C ASP B 128 -21.83 9.08 18.20
N ALA B 129 -23.08 8.83 18.62
CA ALA B 129 -23.57 7.46 18.67
C ALA B 129 -23.56 6.82 17.29
N ASP B 130 -24.02 7.54 16.27
CA ASP B 130 -24.10 6.99 14.92
C ASP B 130 -22.74 6.62 14.35
N MET B 131 -21.65 7.15 14.93
CA MET B 131 -20.32 6.86 14.45
C MET B 131 -19.52 5.97 15.40
N ASN B 132 -19.97 5.81 16.65
CA ASN B 132 -19.18 5.10 17.66
C ASN B 132 -19.96 3.98 18.35
N LEU B 133 -21.00 3.46 17.71
CA LEU B 133 -21.77 2.35 18.27
C LEU B 133 -22.09 1.37 17.16
N ALA B 134 -22.20 0.10 17.50
CA ALA B 134 -22.56 -0.92 16.55
C ALA B 134 -23.62 -1.82 17.17
N HIS B 135 -24.63 -2.20 16.39
CA HIS B 135 -25.68 -3.06 16.90
C HIS B 135 -25.12 -4.43 17.21
N LEU B 136 -25.57 -5.01 18.32
CA LEU B 136 -25.12 -6.33 18.73
C LEU B 136 -26.15 -7.37 18.37
N PRO B 137 -25.86 -8.31 17.49
CA PRO B 137 -26.83 -9.36 17.18
C PRO B 137 -27.09 -10.23 18.40
N LYS B 138 -28.33 -10.68 18.54
CA LYS B 138 -28.72 -11.47 19.70
C LYS B 138 -28.00 -12.82 19.74
N GLU B 139 -27.53 -13.32 18.60
CA GLU B 139 -26.91 -14.63 18.55
C GLU B 139 -25.53 -14.64 19.19
N ILE B 140 -24.96 -13.49 19.52
CA ILE B 140 -23.62 -13.41 20.10
C ILE B 140 -23.74 -13.26 21.60
N PRO B 141 -23.16 -14.14 22.40
CA PRO B 141 -23.27 -14.02 23.86
C PRO B 141 -22.51 -12.80 24.38
N LEU B 142 -22.96 -12.30 25.53
CA LEU B 142 -22.39 -11.08 26.09
C LEU B 142 -20.92 -11.26 26.44
N GLU B 143 -20.57 -12.39 27.06
CA GLU B 143 -19.19 -12.62 27.45
C GLU B 143 -18.28 -12.69 26.24
N ALA B 144 -18.81 -13.10 25.08
CA ALA B 144 -18.00 -13.08 23.87
C ALA B 144 -17.94 -11.67 23.29
N ALA B 145 -19.07 -10.95 23.31
CA ALA B 145 -19.14 -9.62 22.70
C ALA B 145 -18.24 -8.62 23.40
N VAL B 146 -18.08 -8.73 24.72
CA VAL B 146 -17.28 -7.77 25.46
C VAL B 146 -15.79 -7.93 25.20
N MET B 147 -15.39 -8.97 24.46
CA MET B 147 -14.02 -9.11 24.01
C MET B 147 -13.73 -8.29 22.76
N ILE B 148 -14.76 -7.80 22.08
CA ILE B 148 -14.61 -7.01 20.86
C ILE B 148 -14.11 -5.59 21.13
N PRO B 149 -14.65 -4.85 22.12
CA PRO B 149 -14.28 -3.43 22.27
C PRO B 149 -12.79 -3.13 22.36
N ASP B 150 -12.00 -4.04 22.95
CA ASP B 150 -10.59 -3.72 23.15
C ASP B 150 -9.69 -4.90 22.77
N MET B 151 -9.91 -6.07 23.38
CA MET B 151 -9.01 -7.19 23.18
C MET B 151 -8.94 -7.59 21.71
N MET B 152 -10.10 -7.74 21.07
CA MET B 152 -10.12 -8.21 19.70
C MET B 152 -9.56 -7.16 18.74
N THR B 153 -9.97 -5.90 18.89
CA THR B 153 -9.53 -4.88 17.96
C THR B 153 -8.04 -4.58 18.12
N THR B 154 -7.50 -4.69 19.33
CA THR B 154 -6.07 -4.46 19.53
C THR B 154 -5.25 -5.60 18.93
N GLY B 155 -5.54 -6.83 19.36
CA GLY B 155 -4.80 -7.97 18.84
C GLY B 155 -4.86 -8.07 17.33
N PHE B 156 -6.05 -7.91 16.75
CA PHE B 156 -6.17 -7.95 15.29
C PHE B 156 -5.39 -6.81 14.65
N HIS B 157 -5.31 -5.66 15.31
CA HIS B 157 -4.56 -4.54 14.76
C HIS B 157 -3.08 -4.88 14.67
N GLY B 158 -2.55 -5.58 15.67
CA GLY B 158 -1.17 -6.05 15.57
C GLY B 158 -0.95 -6.91 14.35
N ALA B 159 -1.92 -7.75 14.02
CA ALA B 159 -1.82 -8.57 12.81
C ALA B 159 -1.93 -7.71 11.55
N GLU B 160 -2.78 -6.68 11.58
CA GLU B 160 -2.89 -5.78 10.44
C GLU B 160 -1.59 -5.01 10.22
N LEU B 161 -1.01 -4.47 11.30
CA LEU B 161 0.23 -3.72 11.17
C LEU B 161 1.38 -4.60 10.73
N ALA B 162 1.32 -5.89 11.01
CA ALA B 162 2.44 -6.78 10.72
C ALA B 162 2.64 -7.01 9.22
N ASP B 163 1.67 -6.65 8.38
CA ASP B 163 1.75 -6.82 6.92
C ASP B 163 2.07 -8.27 6.57
N ILE B 164 1.21 -9.17 7.03
CA ILE B 164 1.41 -10.60 6.87
C ILE B 164 1.06 -11.00 5.44
N GLU B 165 1.98 -11.69 4.78
CA GLU B 165 1.72 -12.31 3.49
C GLU B 165 1.29 -13.76 3.68
N LEU B 166 0.57 -14.29 2.69
CA LEU B 166 0.04 -15.65 2.81
C LEU B 166 1.17 -16.64 3.02
N GLY B 167 1.07 -17.43 4.10
CA GLY B 167 2.05 -18.44 4.41
C GLY B 167 3.23 -17.97 5.22
N ALA B 168 3.29 -16.68 5.56
CA ALA B 168 4.41 -16.14 6.32
C ALA B 168 4.48 -16.75 7.71
N THR B 169 5.67 -16.68 8.31
CA THR B 169 5.90 -17.13 9.66
C THR B 169 5.84 -15.94 10.60
N VAL B 170 4.98 -16.01 11.61
CA VAL B 170 4.71 -14.90 12.52
C VAL B 170 5.05 -15.32 13.94
N ALA B 171 5.71 -14.42 14.67
CA ALA B 171 5.95 -14.59 16.09
C ALA B 171 5.07 -13.62 16.86
N VAL B 172 4.44 -14.13 17.91
CA VAL B 172 3.63 -13.30 18.79
C VAL B 172 4.31 -13.29 20.15
N LEU B 173 4.85 -12.13 20.53
CA LEU B 173 5.58 -11.98 21.78
C LEU B 173 4.59 -11.59 22.86
N GLY B 174 4.25 -12.53 23.73
CA GLY B 174 3.30 -12.26 24.78
C GLY B 174 1.94 -12.83 24.43
N ILE B 175 1.42 -13.75 25.24
CA ILE B 175 0.13 -14.36 24.92
C ILE B 175 -0.87 -14.10 26.04
N GLY B 176 -0.98 -12.84 26.47
CA GLY B 176 -2.10 -12.43 27.26
C GLY B 176 -3.30 -12.31 26.35
N PRO B 177 -4.42 -11.78 26.85
CA PRO B 177 -5.62 -11.67 26.00
C PRO B 177 -5.35 -10.94 24.68
N VAL B 178 -4.61 -9.83 24.70
CA VAL B 178 -4.27 -9.14 23.47
C VAL B 178 -3.41 -10.02 22.58
N GLY B 179 -2.41 -10.69 23.17
CA GLY B 179 -1.55 -11.55 22.39
C GLY B 179 -2.30 -12.73 21.80
N LEU B 180 -3.26 -13.29 22.55
CA LEU B 180 -4.04 -14.39 22.03
C LEU B 180 -4.88 -13.95 20.84
N MET B 181 -5.40 -12.73 20.88
CA MET B 181 -6.12 -12.23 19.73
C MET B 181 -5.18 -11.88 18.59
N ALA B 182 -3.92 -11.56 18.90
CA ALA B 182 -2.93 -11.37 17.84
C ALA B 182 -2.62 -12.69 17.15
N VAL B 183 -2.54 -13.78 17.91
CA VAL B 183 -2.38 -15.10 17.31
C VAL B 183 -3.57 -15.41 16.41
N ALA B 184 -4.79 -15.17 16.90
CA ALA B 184 -5.97 -15.38 16.06
C ALA B 184 -5.95 -14.44 14.86
N GLY B 185 -5.49 -13.20 15.07
CA GLY B 185 -5.37 -12.26 13.97
C GLY B 185 -4.35 -12.71 12.94
N ALA B 186 -3.22 -13.24 13.39
CA ALA B 186 -2.21 -13.74 12.45
C ALA B 186 -2.79 -14.88 11.61
N LYS B 187 -3.57 -15.76 12.24
CA LYS B 187 -4.25 -16.82 11.49
C LYS B 187 -5.25 -16.25 10.50
N LEU B 188 -5.91 -15.15 10.86
CA LEU B 188 -6.87 -14.53 9.97
C LEU B 188 -6.22 -13.82 8.80
N ARG B 189 -4.93 -13.52 8.85
CA ARG B 189 -4.22 -12.94 7.72
C ARG B 189 -3.48 -13.97 6.88
N GLY B 190 -3.70 -15.25 7.12
CA GLY B 190 -3.09 -16.28 6.29
C GLY B 190 -1.72 -16.71 6.73
N ALA B 191 -1.34 -16.46 7.98
CA ALA B 191 -0.03 -16.91 8.45
C ALA B 191 0.03 -18.43 8.43
N GLY B 192 1.20 -18.95 8.07
CA GLY B 192 1.41 -20.38 8.15
C GLY B 192 1.84 -20.74 9.55
N ARG B 193 3.15 -20.67 9.80
CA ARG B 193 3.69 -20.96 11.12
C ARG B 193 3.48 -19.78 12.05
N ILE B 194 2.96 -20.05 13.24
CA ILE B 194 2.76 -19.02 14.26
C ILE B 194 3.49 -19.48 15.52
N ILE B 195 4.52 -18.74 15.90
CA ILE B 195 5.30 -19.02 17.10
C ILE B 195 4.80 -18.08 18.18
N ALA B 196 4.23 -18.63 19.23
CA ALA B 196 3.72 -17.84 20.35
C ALA B 196 4.67 -17.95 21.52
N VAL B 197 4.94 -16.83 22.18
CA VAL B 197 5.89 -16.77 23.28
C VAL B 197 5.13 -16.46 24.57
N GLY B 198 5.21 -17.37 25.53
CA GLY B 198 4.52 -17.19 26.80
C GLY B 198 4.76 -18.37 27.70
N SER B 199 4.24 -18.26 28.92
CA SER B 199 4.53 -19.28 29.92
C SER B 199 3.29 -19.83 30.63
N ARG B 200 2.28 -18.99 30.88
CA ARG B 200 1.16 -19.45 31.69
C ARG B 200 0.42 -20.57 30.97
N PRO B 201 0.21 -21.72 31.63
CA PRO B 201 -0.42 -22.85 30.93
C PRO B 201 -1.79 -22.54 30.37
N VAL B 202 -2.62 -21.79 31.10
CA VAL B 202 -3.94 -21.44 30.58
C VAL B 202 -3.82 -20.61 29.31
N CYS B 203 -2.75 -19.80 29.21
CA CYS B 203 -2.52 -19.02 27.99
C CYS B 203 -1.96 -19.88 26.87
N VAL B 204 -1.10 -20.85 27.20
CA VAL B 204 -0.54 -21.72 26.16
C VAL B 204 -1.65 -22.53 25.50
N ASP B 205 -2.58 -23.06 26.29
CA ASP B 205 -3.69 -23.81 25.72
C ASP B 205 -4.56 -22.92 24.84
N ALA B 206 -4.83 -21.69 25.29
CA ALA B 206 -5.62 -20.78 24.47
C ALA B 206 -4.88 -20.41 23.19
N ALA B 207 -3.55 -20.26 23.28
CA ALA B 207 -2.75 -19.94 22.10
C ALA B 207 -2.82 -21.04 21.06
N LYS B 208 -2.69 -22.30 21.49
CA LYS B 208 -2.82 -23.40 20.55
C LYS B 208 -4.22 -23.43 19.94
N TYR B 209 -5.23 -23.09 20.74
CA TYR B 209 -6.60 -23.06 20.24
C TYR B 209 -6.77 -22.02 19.14
N TYR B 210 -6.08 -20.90 19.24
CA TYR B 210 -6.26 -19.81 18.28
C TYR B 210 -5.33 -19.93 17.08
N GLY B 211 -4.43 -20.92 17.05
CA GLY B 211 -3.69 -21.17 15.84
C GLY B 211 -2.18 -21.30 15.97
N ALA B 212 -1.65 -21.12 17.17
CA ALA B 212 -0.20 -21.21 17.34
C ALA B 212 0.28 -22.62 17.03
N THR B 213 1.32 -22.71 16.21
CA THR B 213 1.92 -23.99 15.85
C THR B 213 3.13 -24.32 16.69
N ASP B 214 3.72 -23.34 17.37
CA ASP B 214 4.84 -23.55 18.26
C ASP B 214 4.69 -22.66 19.47
N ILE B 215 5.16 -23.15 20.61
CA ILE B 215 5.10 -22.43 21.88
C ILE B 215 6.52 -22.29 22.38
N VAL B 216 6.96 -21.05 22.60
CA VAL B 216 8.27 -20.75 23.15
C VAL B 216 8.06 -20.22 24.55
N ASN B 217 8.53 -20.97 25.55
CA ASN B 217 8.46 -20.53 26.93
C ASN B 217 9.76 -19.82 27.25
N TYR B 218 9.66 -18.55 27.66
CA TYR B 218 10.87 -17.78 27.94
C TYR B 218 11.54 -18.20 29.25
N LYS B 219 11.05 -19.27 29.88
CA LYS B 219 11.74 -19.92 31.00
C LYS B 219 12.65 -21.05 30.56
N ASP B 220 12.48 -21.55 29.33
CA ASP B 220 13.27 -22.64 28.80
C ASP B 220 14.49 -22.16 28.01
N GLY B 221 14.79 -20.87 28.08
CA GLY B 221 15.92 -20.30 27.38
C GLY B 221 15.57 -18.95 26.79
N PRO B 222 16.58 -18.24 26.26
CA PRO B 222 16.31 -16.94 25.65
C PRO B 222 15.37 -17.06 24.47
N ILE B 223 14.47 -16.08 24.34
CA ILE B 223 13.48 -16.13 23.26
C ILE B 223 14.17 -16.11 21.92
N GLU B 224 15.18 -15.25 21.76
CA GLU B 224 15.85 -15.10 20.47
C GLU B 224 16.49 -16.42 20.04
N SER B 225 17.20 -17.08 20.95
CA SER B 225 17.88 -18.32 20.59
C SER B 225 16.88 -19.42 20.25
N GLN B 226 15.78 -19.49 20.99
CA GLN B 226 14.79 -20.53 20.72
C GLN B 226 14.16 -20.36 19.35
N ILE B 227 13.76 -19.13 19.01
CA ILE B 227 13.08 -18.90 17.74
C ILE B 227 14.02 -19.14 16.58
N MET B 228 15.29 -18.74 16.71
CA MET B 228 16.25 -18.99 15.65
C MET B 228 16.49 -20.48 15.44
N ASN B 229 16.37 -21.29 16.50
CA ASN B 229 16.48 -22.72 16.32
C ASN B 229 15.25 -23.28 15.63
N LEU B 230 14.07 -22.77 15.97
CA LEU B 230 12.84 -23.23 15.31
C LEU B 230 12.87 -22.90 13.83
N THR B 231 13.25 -21.66 13.49
CA THR B 231 13.32 -21.20 12.12
C THR B 231 14.63 -21.55 11.43
N GLU B 232 15.49 -22.35 12.07
CA GLU B 232 16.75 -22.80 11.49
C GLU B 232 17.60 -21.63 10.99
N GLY B 233 17.58 -20.54 11.75
CA GLY B 233 18.36 -19.36 11.41
C GLY B 233 17.68 -18.40 10.45
N LYS B 234 16.51 -18.75 9.92
CA LYS B 234 15.85 -17.85 8.97
C LYS B 234 15.19 -16.67 9.66
N GLY B 235 14.78 -16.82 10.92
CA GLY B 235 14.00 -15.79 11.55
C GLY B 235 12.55 -15.87 11.12
N VAL B 236 11.79 -14.87 11.52
CA VAL B 236 10.37 -14.81 11.21
C VAL B 236 10.09 -13.65 10.26
N ASP B 237 8.98 -13.77 9.53
CA ASP B 237 8.59 -12.72 8.59
C ASP B 237 8.03 -11.50 9.31
N ALA B 238 7.37 -11.70 10.44
CA ALA B 238 6.85 -10.58 11.21
C ALA B 238 6.82 -10.98 12.68
N ALA B 239 6.95 -9.99 13.56
CA ALA B 239 6.84 -10.19 15.00
C ALA B 239 5.80 -9.22 15.55
N ILE B 240 4.84 -9.74 16.29
CA ILE B 240 3.79 -8.95 16.93
C ILE B 240 4.11 -8.86 18.41
N ILE B 241 4.39 -7.66 18.88
CA ILE B 241 4.68 -7.43 20.30
C ILE B 241 3.36 -7.18 21.00
N ALA B 242 3.00 -8.07 21.92
CA ALA B 242 1.75 -7.95 22.68
C ALA B 242 1.99 -8.01 24.17
N GLY B 243 3.23 -7.82 24.61
CA GLY B 243 3.54 -7.84 26.02
C GLY B 243 5.04 -7.73 26.21
N GLY B 244 5.42 -7.54 27.48
CA GLY B 244 6.82 -7.45 27.86
C GLY B 244 7.25 -6.03 28.19
N ASN B 245 8.50 -5.93 28.63
CA ASN B 245 9.10 -4.65 28.98
C ASN B 245 9.72 -4.01 27.74
N ALA B 246 10.47 -2.92 27.94
CA ALA B 246 11.08 -2.23 26.81
C ALA B 246 12.08 -3.12 26.09
N ASP B 247 12.69 -4.06 26.79
CA ASP B 247 13.68 -4.95 26.18
C ASP B 247 13.07 -5.84 25.11
N ILE B 248 11.77 -6.09 25.15
CA ILE B 248 11.15 -6.98 24.18
C ILE B 248 11.19 -6.38 22.79
N MET B 249 11.35 -5.05 22.68
CA MET B 249 11.53 -4.43 21.38
C MET B 249 12.83 -4.89 20.73
N ALA B 250 13.89 -5.01 21.52
CA ALA B 250 15.15 -5.51 21.00
C ALA B 250 15.04 -6.96 20.58
N THR B 251 14.30 -7.77 21.34
CA THR B 251 14.09 -9.17 20.97
C THR B 251 13.37 -9.28 19.64
N ALA B 252 12.35 -8.45 19.42
CA ALA B 252 11.57 -8.51 18.19
C ALA B 252 12.43 -8.20 16.96
N VAL B 253 13.26 -7.16 17.03
CA VAL B 253 14.10 -6.81 15.90
C VAL B 253 15.08 -7.93 15.58
N LYS B 254 15.57 -8.63 16.61
CA LYS B 254 16.60 -9.65 16.41
C LYS B 254 16.04 -10.86 15.67
N ILE B 255 14.77 -11.19 15.88
CA ILE B 255 14.19 -12.39 15.27
C ILE B 255 13.53 -12.12 13.92
N VAL B 256 13.19 -10.87 13.61
CA VAL B 256 12.58 -10.57 12.32
C VAL B 256 13.66 -10.52 11.26
N LYS B 257 13.38 -11.12 10.10
CA LYS B 257 14.34 -11.17 9.02
C LYS B 257 14.38 -9.82 8.28
N PRO B 258 15.45 -9.56 7.53
CA PRO B 258 15.52 -8.31 6.77
C PRO B 258 14.33 -8.18 5.80
N GLY B 259 13.71 -7.00 5.80
CA GLY B 259 12.51 -6.79 5.04
C GLY B 259 11.23 -7.08 5.79
N GLY B 260 11.32 -7.67 6.97
CA GLY B 260 10.15 -7.98 7.76
C GLY B 260 9.62 -6.78 8.52
N THR B 261 8.70 -7.06 9.43
CA THR B 261 7.99 -5.99 10.13
C THR B 261 7.84 -6.35 11.60
N ILE B 262 8.08 -5.37 12.46
CA ILE B 262 7.82 -5.47 13.90
C ILE B 262 6.58 -4.63 14.19
N ALA B 263 5.51 -5.28 14.65
CA ALA B 263 4.23 -4.61 14.92
C ALA B 263 3.96 -4.64 16.41
N ASN B 264 3.96 -3.47 17.05
CA ASN B 264 3.74 -3.38 18.48
C ASN B 264 2.33 -2.86 18.77
N VAL B 265 1.61 -3.59 19.62
CA VAL B 265 0.41 -3.10 20.27
C VAL B 265 0.54 -3.11 21.78
N ASN B 266 1.71 -3.47 22.31
CA ASN B 266 1.93 -3.46 23.74
C ASN B 266 2.06 -2.03 24.25
N TYR B 267 1.73 -1.85 25.53
CA TYR B 267 1.86 -0.56 26.19
C TYR B 267 3.13 -0.57 27.04
N PHE B 268 4.14 0.18 26.62
CA PHE B 268 5.37 0.33 27.38
C PHE B 268 5.15 1.48 28.36
N GLY B 269 5.01 1.15 29.65
CA GLY B 269 4.69 2.12 30.66
C GLY B 269 5.83 2.61 31.53
N GLU B 270 7.06 2.16 31.27
CA GLU B 270 8.17 2.59 32.12
C GLU B 270 9.43 2.64 31.27
N GLY B 271 10.32 3.55 31.62
CA GLY B 271 11.55 3.73 30.89
C GLY B 271 11.51 4.96 30.00
N GLU B 272 12.68 5.57 29.81
CA GLU B 272 12.77 6.75 28.95
C GLU B 272 12.90 6.40 27.48
N VAL B 273 13.41 5.21 27.15
CA VAL B 273 13.75 4.85 25.79
C VAL B 273 13.37 3.40 25.53
N LEU B 274 12.83 3.13 24.34
CA LEU B 274 12.66 1.77 23.86
C LEU B 274 13.87 1.41 23.01
N PRO B 275 14.59 0.34 23.33
CA PRO B 275 15.84 0.05 22.63
C PRO B 275 15.62 -0.64 21.29
N VAL B 276 16.26 -0.10 20.25
CA VAL B 276 16.35 -0.74 18.94
C VAL B 276 17.81 -1.14 18.72
N PRO B 277 18.12 -2.44 18.62
CA PRO B 277 19.53 -2.85 18.51
C PRO B 277 20.13 -2.39 17.20
N ARG B 278 21.29 -1.74 17.29
CA ARG B 278 21.89 -1.13 16.11
C ARG B 278 22.29 -2.18 15.08
N LEU B 279 23.07 -3.18 15.49
CA LEU B 279 23.58 -4.17 14.55
C LEU B 279 22.45 -5.00 13.95
N GLU B 280 21.52 -5.50 14.79
CA GLU B 280 20.43 -6.32 14.27
C GLU B 280 19.41 -5.53 13.46
N TRP B 281 19.46 -4.20 13.51
CA TRP B 281 18.65 -3.36 12.63
C TRP B 281 19.43 -2.95 11.39
N GLY B 282 20.50 -3.67 11.05
CA GLY B 282 21.29 -3.36 9.87
C GLY B 282 21.99 -2.02 9.95
N CYS B 283 22.26 -1.54 11.17
CA CYS B 283 22.83 -0.21 11.39
C CYS B 283 21.96 0.87 10.75
N GLY B 284 20.66 0.62 10.69
CA GLY B 284 19.71 1.53 10.10
C GLY B 284 19.24 1.18 8.70
N MET B 285 19.66 0.04 8.15
CA MET B 285 19.43 -0.21 6.74
C MET B 285 18.95 -1.64 6.46
N ALA B 286 18.33 -2.30 7.42
CA ALA B 286 17.91 -3.68 7.26
C ALA B 286 16.47 -3.84 6.77
N HIS B 287 15.79 -2.73 6.45
CA HIS B 287 14.39 -2.75 6.01
C HIS B 287 13.50 -3.49 7.01
N LYS B 288 13.81 -3.39 8.30
CA LYS B 288 12.96 -3.98 9.33
C LYS B 288 12.02 -2.89 9.83
N THR B 289 10.80 -2.88 9.31
CA THR B 289 9.85 -1.85 9.65
C THR B 289 9.30 -2.06 11.06
N ILE B 290 9.22 -0.98 11.83
CA ILE B 290 8.71 -1.00 13.20
C ILE B 290 7.46 -0.14 13.26
N LYS B 291 6.33 -0.76 13.60
CA LYS B 291 5.06 -0.07 13.74
C LYS B 291 4.55 -0.20 15.17
N GLY B 292 3.76 0.79 15.59
CA GLY B 292 3.14 0.76 16.89
C GLY B 292 1.89 1.60 16.94
N GLY B 293 0.74 0.96 17.13
CA GLY B 293 -0.52 1.66 16.96
C GLY B 293 -1.53 1.36 18.05
N LEU B 294 -2.31 2.39 18.38
CA LEU B 294 -3.50 2.24 19.21
C LEU B 294 -4.58 1.46 18.46
N CYS B 295 -5.41 0.74 19.21
CA CYS B 295 -6.44 -0.08 18.57
C CYS B 295 -7.46 0.81 17.86
N PRO B 296 -7.95 0.39 16.70
CA PRO B 296 -9.02 1.15 16.04
C PRO B 296 -10.32 1.04 16.81
N GLY B 297 -11.13 2.09 16.70
CA GLY B 297 -12.45 2.11 17.30
C GLY B 297 -13.49 2.56 16.31
N GLY B 298 -14.62 3.03 16.81
CA GLY B 298 -15.69 3.50 15.93
C GLY B 298 -16.61 2.38 15.50
N ARG B 299 -17.72 2.78 14.88
CA ARG B 299 -18.78 1.85 14.52
C ARG B 299 -18.30 0.81 13.53
N LEU B 300 -17.63 1.25 12.45
CA LEU B 300 -17.26 0.32 11.39
C LEU B 300 -16.31 -0.76 11.90
N ARG B 301 -15.32 -0.38 12.72
CA ARG B 301 -14.41 -1.38 13.29
C ARG B 301 -15.17 -2.42 14.09
N MET B 302 -16.14 -2.00 14.89
CA MET B 302 -16.94 -2.94 15.67
C MET B 302 -17.81 -3.81 14.77
N GLU B 303 -18.45 -3.21 13.77
CA GLU B 303 -19.30 -4.00 12.89
C GLU B 303 -18.52 -5.10 12.18
N ARG B 304 -17.29 -4.80 11.75
CA ARG B 304 -16.50 -5.80 11.06
C ARG B 304 -16.08 -6.92 12.00
N LEU B 305 -15.67 -6.58 13.22
CA LEU B 305 -15.29 -7.61 14.17
C LEU B 305 -16.50 -8.41 14.64
N ILE B 306 -17.68 -7.79 14.67
CA ILE B 306 -18.91 -8.52 14.97
C ILE B 306 -19.18 -9.56 13.90
N ASP B 307 -18.97 -9.20 12.63
CA ASP B 307 -19.17 -10.16 11.56
C ASP B 307 -18.20 -11.33 11.68
N LEU B 308 -16.97 -11.08 12.13
CA LEU B 308 -16.02 -12.17 12.32
C LEU B 308 -16.52 -13.13 13.38
N VAL B 309 -17.13 -12.61 14.45
CA VAL B 309 -17.67 -13.49 15.48
C VAL B 309 -18.95 -14.14 15.00
N PHE B 310 -19.82 -13.37 14.35
CA PHE B 310 -21.10 -13.89 13.90
C PHE B 310 -20.93 -15.05 12.93
N TYR B 311 -20.02 -14.90 11.96
CA TYR B 311 -19.79 -15.94 10.98
C TYR B 311 -18.74 -16.94 11.43
N LYS B 312 -18.44 -16.97 12.73
CA LYS B 312 -17.64 -18.03 13.35
C LYS B 312 -16.22 -18.10 12.78
N ARG B 313 -15.63 -16.92 12.51
CA ARG B 313 -14.24 -16.88 12.09
C ARG B 313 -13.30 -16.91 13.29
N VAL B 314 -13.76 -16.44 14.45
CA VAL B 314 -12.98 -16.47 15.69
C VAL B 314 -13.96 -16.54 16.85
N ASP B 315 -13.62 -17.33 17.86
CA ASP B 315 -14.46 -17.45 19.06
C ASP B 315 -13.73 -16.85 20.25
N PRO B 316 -14.01 -15.60 20.62
CA PRO B 316 -13.28 -14.95 21.72
C PRO B 316 -13.68 -15.42 23.11
N SER B 317 -14.70 -16.28 23.23
CA SER B 317 -15.14 -16.72 24.55
C SER B 317 -14.07 -17.51 25.29
N LYS B 318 -13.06 -18.04 24.60
CA LYS B 318 -11.97 -18.73 25.27
C LYS B 318 -11.15 -17.77 26.14
N LEU B 319 -11.21 -16.47 25.86
CA LEU B 319 -10.53 -15.49 26.71
C LEU B 319 -11.19 -15.32 28.07
N VAL B 320 -12.48 -15.63 28.19
CA VAL B 320 -13.22 -15.36 29.41
C VAL B 320 -13.04 -16.57 30.31
N THR B 321 -12.16 -16.44 31.31
CA THR B 321 -11.91 -17.49 32.28
C THR B 321 -12.70 -17.32 33.56
N HIS B 322 -13.23 -16.12 33.82
CA HIS B 322 -13.99 -15.83 35.03
C HIS B 322 -15.19 -14.97 34.66
N VAL B 323 -16.37 -15.36 35.14
CA VAL B 323 -17.60 -14.62 34.93
C VAL B 323 -18.22 -14.30 36.29
N PHE B 324 -18.50 -13.02 36.52
CA PHE B 324 -19.19 -12.56 37.70
C PHE B 324 -20.51 -11.93 37.31
N ARG B 325 -21.41 -11.84 38.28
CA ARG B 325 -22.70 -11.20 38.09
C ARG B 325 -22.89 -10.13 39.16
N GLY B 326 -23.40 -8.98 38.74
CA GLY B 326 -23.73 -7.95 39.70
C GLY B 326 -22.78 -6.77 39.61
N PHE B 327 -23.34 -5.57 39.81
N PHE B 327 -23.34 -5.56 39.79
CA PHE B 327 -22.55 -4.35 39.75
CA PHE B 327 -22.51 -4.36 39.74
C PHE B 327 -21.45 -4.33 40.81
C PHE B 327 -21.41 -4.39 40.79
N ASP B 328 -21.70 -4.94 41.98
CA ASP B 328 -20.71 -4.94 43.05
C ASP B 328 -19.46 -5.73 42.68
N ASN B 329 -19.59 -6.73 41.81
CA ASN B 329 -18.45 -7.57 41.48
C ASN B 329 -17.48 -6.91 40.51
N ILE B 330 -17.75 -5.66 40.10
CA ILE B 330 -16.78 -4.90 39.32
C ILE B 330 -15.50 -4.70 40.12
N GLU B 331 -15.61 -4.48 41.43
CA GLU B 331 -14.43 -4.31 42.26
C GLU B 331 -13.63 -5.61 42.34
N LYS B 332 -14.31 -6.73 42.57
CA LYS B 332 -13.61 -8.02 42.65
C LYS B 332 -12.95 -8.37 41.33
N ALA B 333 -13.64 -8.13 40.22
CA ALA B 333 -13.04 -8.40 38.91
C ALA B 333 -11.85 -7.49 38.66
N PHE B 334 -11.96 -6.22 39.05
CA PHE B 334 -10.85 -5.28 38.91
C PHE B 334 -9.66 -5.73 39.75
N MET B 335 -9.92 -6.18 40.99
CA MET B 335 -8.84 -6.63 41.84
C MET B 335 -8.22 -7.93 41.34
N LEU B 336 -8.97 -8.69 40.54
CA LEU B 336 -8.41 -9.89 39.93
C LEU B 336 -7.36 -9.54 38.90
N MET B 337 -7.60 -8.48 38.10
CA MET B 337 -6.59 -8.00 37.17
C MET B 337 -5.36 -7.45 37.86
N LYS B 338 -5.47 -7.05 39.13
CA LYS B 338 -4.30 -6.58 39.85
C LYS B 338 -3.49 -7.75 40.39
N ASP B 339 -4.18 -8.78 40.89
CA ASP B 339 -3.50 -9.93 41.46
C ASP B 339 -2.99 -10.88 40.38
N LYS B 340 -3.73 -11.01 39.27
CA LYS B 340 -3.38 -11.82 38.12
C LYS B 340 -3.05 -13.26 38.52
N PRO B 341 -4.05 -14.08 38.83
CA PRO B 341 -3.79 -15.51 39.04
C PRO B 341 -3.36 -16.19 37.75
N LYS B 342 -2.68 -17.33 37.90
CA LYS B 342 -2.20 -18.07 36.74
C LYS B 342 -3.31 -18.75 35.95
N ASP B 343 -4.54 -18.78 36.47
CA ASP B 343 -5.66 -19.37 35.75
C ASP B 343 -6.58 -18.30 35.17
N LEU B 344 -6.17 -17.05 35.20
CA LEU B 344 -6.96 -15.94 34.70
C LEU B 344 -6.44 -15.49 33.34
N ILE B 345 -7.36 -15.25 32.41
CA ILE B 345 -7.02 -14.57 31.17
C ILE B 345 -7.77 -13.24 31.16
N LYS B 346 -9.10 -13.31 31.15
CA LYS B 346 -9.91 -12.11 31.12
C LYS B 346 -11.16 -12.35 31.96
N PRO B 347 -11.46 -11.48 32.92
CA PRO B 347 -12.71 -11.62 33.67
C PRO B 347 -13.83 -10.77 33.09
N VAL B 348 -15.07 -11.23 33.22
CA VAL B 348 -16.23 -10.51 32.68
C VAL B 348 -17.28 -10.42 33.79
N VAL B 349 -17.88 -9.24 33.93
CA VAL B 349 -18.97 -9.02 34.88
C VAL B 349 -20.25 -8.85 34.09
N ILE B 350 -21.22 -9.72 34.36
CA ILE B 350 -22.52 -9.68 33.69
C ILE B 350 -23.49 -8.88 34.56
N LEU B 351 -24.23 -7.99 33.93
CA LEU B 351 -25.13 -7.09 34.63
C LEU B 351 -26.58 -7.38 34.25
N ALA B 352 -27.49 -7.03 35.16
CA ALA B 352 -28.92 -7.19 34.93
C ALA B 352 -29.40 -6.29 33.79
N FME C 1 10.56 -39.89 -25.96
CN FME C 1 11.25 -40.99 -26.43
O1 FME C 1 12.13 -40.94 -27.32
CA FME C 1 9.56 -39.98 -24.93
CB FME C 1 9.79 -39.00 -23.77
CG FME C 1 9.84 -37.55 -24.19
SD FME C 1 9.96 -36.58 -22.71
CE FME C 1 9.37 -35.01 -23.22
C FME C 1 8.14 -39.73 -25.46
O FME C 1 7.89 -39.24 -26.56
N LYS C 2 7.16 -40.10 -24.62
CA LYS C 2 5.74 -39.89 -24.92
C LYS C 2 5.19 -38.68 -24.17
N GLY C 3 4.15 -38.06 -24.73
CA GLY C 3 3.57 -36.88 -24.12
C GLY C 3 2.26 -36.46 -24.76
N PHE C 4 1.23 -36.23 -23.95
CA PHE C 4 -0.05 -35.79 -24.47
C PHE C 4 0.03 -34.32 -24.88
N ALA C 5 -0.12 -34.04 -26.17
CA ALA C 5 0.19 -32.73 -26.71
C ALA C 5 -0.97 -32.17 -27.52
N MET C 6 -0.93 -30.86 -27.71
CA MET C 6 -1.85 -30.15 -28.60
C MET C 6 -1.28 -30.19 -30.02
N LEU C 7 -1.94 -30.96 -30.90
CA LEU C 7 -1.48 -31.04 -32.28
C LEU C 7 -1.71 -29.72 -33.01
N SER C 8 -2.89 -29.14 -32.84
CA SER C 8 -3.26 -27.84 -33.37
C SER C 8 -4.51 -27.38 -32.63
N ILE C 9 -5.09 -26.26 -33.07
CA ILE C 9 -6.31 -25.76 -32.45
C ILE C 9 -7.43 -26.76 -32.69
N GLY C 10 -7.91 -27.39 -31.61
CA GLY C 10 -8.99 -28.34 -31.68
C GLY C 10 -8.57 -29.79 -31.79
N LYS C 11 -7.28 -30.08 -31.76
CA LYS C 11 -6.77 -31.43 -31.93
C LYS C 11 -5.74 -31.74 -30.85
N VAL C 12 -5.88 -32.90 -30.21
CA VAL C 12 -4.93 -33.36 -29.20
C VAL C 12 -4.58 -34.82 -29.45
N GLY C 13 -3.47 -35.25 -28.88
CA GLY C 13 -3.03 -36.62 -29.03
C GLY C 13 -1.63 -36.79 -28.48
N TRP C 14 -1.22 -38.06 -28.39
CA TRP C 14 0.14 -38.39 -27.97
C TRP C 14 1.12 -38.18 -29.11
N ILE C 15 2.32 -37.70 -28.78
CA ILE C 15 3.36 -37.40 -29.75
C ILE C 15 4.70 -37.91 -29.23
N GLU C 16 5.67 -37.98 -30.14
CA GLU C 16 7.02 -38.42 -29.82
C GLU C 16 7.93 -37.21 -29.74
N LYS C 17 8.51 -36.98 -28.55
CA LYS C 17 9.48 -35.91 -28.33
C LYS C 17 10.83 -36.45 -27.89
N GLU C 18 11.87 -35.66 -28.17
CA GLU C 18 13.20 -35.89 -27.60
C GLU C 18 13.21 -35.56 -26.11
N LYS C 19 13.57 -36.54 -25.27
CA LYS C 19 13.71 -36.30 -23.85
C LYS C 19 14.52 -35.03 -23.60
N PRO C 20 14.04 -34.09 -22.79
CA PRO C 20 14.74 -32.81 -22.65
C PRO C 20 16.04 -32.93 -21.86
N ALA C 21 16.97 -32.02 -22.19
CA ALA C 21 18.28 -31.92 -21.56
C ALA C 21 18.37 -30.67 -20.70
N PRO C 22 18.92 -30.76 -19.49
CA PRO C 22 18.98 -29.58 -18.61
C PRO C 22 20.20 -28.71 -18.87
N GLY C 23 19.98 -27.40 -18.83
CA GLY C 23 21.08 -26.47 -18.78
C GLY C 23 21.75 -26.49 -17.41
N PRO C 24 22.83 -25.72 -17.27
CA PRO C 24 23.55 -25.70 -15.99
C PRO C 24 22.71 -25.26 -14.80
N PHE C 25 21.64 -24.48 -15.01
CA PHE C 25 20.79 -24.03 -13.93
C PHE C 25 19.43 -24.72 -13.94
N ASP C 26 19.23 -25.70 -14.80
CA ASP C 26 17.92 -26.30 -15.03
C ASP C 26 17.86 -27.69 -14.40
N ALA C 27 16.66 -28.27 -14.42
CA ALA C 27 16.43 -29.60 -13.86
C ALA C 27 15.44 -30.36 -14.73
N ILE C 28 15.63 -31.67 -14.81
CA ILE C 28 14.70 -32.57 -15.48
C ILE C 28 13.92 -33.33 -14.41
N VAL C 29 12.59 -33.32 -14.52
CA VAL C 29 11.70 -33.90 -13.52
C VAL C 29 10.81 -34.93 -14.19
N ARG C 30 10.66 -36.10 -13.54
CA ARG C 30 9.58 -36.92 -14.05
C ARG C 30 8.35 -36.77 -13.16
N PRO C 31 7.14 -36.76 -13.74
CA PRO C 31 5.94 -36.47 -12.94
C PRO C 31 5.53 -37.65 -12.06
N LEU C 32 5.17 -37.34 -10.81
CA LEU C 32 4.57 -38.30 -9.90
C LEU C 32 3.06 -38.17 -9.81
N ALA C 33 2.53 -36.96 -9.99
CA ALA C 33 1.09 -36.73 -10.04
C ALA C 33 0.87 -35.49 -10.88
N VAL C 34 -0.10 -35.55 -11.79
CA VAL C 34 -0.41 -34.42 -12.64
C VAL C 34 -1.91 -34.16 -12.57
N ALA C 35 -2.30 -32.96 -13.02
CA ALA C 35 -3.68 -32.56 -13.05
C ALA C 35 -3.91 -31.69 -14.28
N PRO C 36 -5.00 -31.92 -15.01
CA PRO C 36 -5.34 -31.04 -16.13
C PRO C 36 -6.06 -29.79 -15.65
N CYS C 37 -6.06 -28.77 -16.48
CA CYS C 37 -6.69 -27.51 -16.10
C CYS C 37 -7.64 -27.05 -17.21
N THR C 38 -8.56 -26.17 -16.81
CA THR C 38 -9.45 -25.52 -17.78
C THR C 38 -8.66 -24.68 -18.76
N SER C 39 -7.49 -24.17 -18.34
CA SER C 39 -6.67 -23.35 -19.24
C SER C 39 -6.25 -24.12 -20.47
N ASP C 40 -5.90 -25.41 -20.31
CA ASP C 40 -5.58 -26.25 -21.46
C ASP C 40 -6.76 -26.32 -22.43
N ILE C 41 -7.98 -26.33 -21.90
CA ILE C 41 -9.15 -26.40 -22.75
C ILE C 41 -9.33 -25.10 -23.54
N HIS C 42 -9.18 -23.95 -22.85
CA HIS C 42 -9.24 -22.67 -23.56
C HIS C 42 -8.13 -22.58 -24.60
N THR C 43 -6.95 -23.11 -24.29
CA THR C 43 -5.83 -23.03 -25.21
C THR C 43 -6.07 -23.86 -26.47
N VAL C 44 -6.56 -25.09 -26.30
CA VAL C 44 -6.66 -26.02 -27.41
C VAL C 44 -7.90 -25.73 -28.25
N PHE C 45 -9.06 -25.65 -27.61
CA PHE C 45 -10.34 -25.66 -28.32
C PHE C 45 -10.93 -24.28 -28.55
N GLU C 46 -10.38 -23.22 -27.97
CA GLU C 46 -10.86 -21.87 -28.21
C GLU C 46 -9.83 -20.96 -28.87
N GLY C 47 -8.59 -21.41 -29.01
CA GLY C 47 -7.56 -20.57 -29.60
C GLY C 47 -7.35 -19.28 -28.84
N ALA C 48 -7.39 -19.35 -27.51
CA ALA C 48 -7.32 -18.13 -26.71
C ALA C 48 -5.95 -17.46 -26.80
N ILE C 49 -4.87 -18.25 -26.85
CA ILE C 49 -3.53 -17.72 -26.94
C ILE C 49 -2.90 -17.95 -28.31
N GLY C 50 -3.66 -18.48 -29.26
CA GLY C 50 -3.16 -18.69 -30.60
C GLY C 50 -2.79 -20.13 -30.90
N GLU C 51 -2.14 -20.29 -32.06
CA GLU C 51 -1.79 -21.61 -32.59
C GLU C 51 -0.56 -22.20 -31.91
N ARG C 52 -0.65 -23.50 -31.61
CA ARG C 52 0.48 -24.27 -31.11
C ARG C 52 0.58 -25.57 -31.90
N HIS C 53 1.80 -26.10 -32.02
CA HIS C 53 2.03 -27.32 -32.77
C HIS C 53 2.86 -28.28 -31.94
N ASN C 54 2.30 -29.45 -31.62
CA ASN C 54 3.02 -30.52 -30.93
C ASN C 54 3.63 -30.01 -29.63
N MET C 55 2.80 -29.34 -28.84
CA MET C 55 3.19 -28.81 -27.54
C MET C 55 2.57 -29.68 -26.47
N ILE C 56 3.42 -30.31 -25.65
CA ILE C 56 2.93 -31.15 -24.57
C ILE C 56 2.13 -30.29 -23.59
N LEU C 57 0.95 -30.77 -23.23
CA LEU C 57 0.03 -29.99 -22.41
C LEU C 57 0.33 -30.19 -20.92
N GLY C 58 -0.44 -29.51 -20.08
CA GLY C 58 -0.33 -29.68 -18.64
C GLY C 58 0.65 -28.74 -17.98
N HIS C 59 0.28 -28.24 -16.80
CA HIS C 59 1.20 -27.39 -16.05
C HIS C 59 1.09 -27.58 -14.53
N GLU C 60 0.35 -28.60 -14.07
CA GLU C 60 0.20 -28.87 -12.65
C GLU C 60 0.78 -30.25 -12.39
N ALA C 61 1.91 -30.30 -11.70
CA ALA C 61 2.60 -31.55 -11.48
C ALA C 61 3.40 -31.53 -10.19
N VAL C 62 3.38 -32.65 -9.48
CA VAL C 62 4.33 -32.96 -8.42
C VAL C 62 5.19 -34.10 -8.92
N GLY C 63 6.51 -33.90 -8.92
CA GLY C 63 7.37 -34.85 -9.58
C GLY C 63 8.62 -35.18 -8.78
N GLU C 64 9.48 -35.97 -9.42
CA GLU C 64 10.76 -36.39 -8.87
C GLU C 64 11.86 -35.88 -9.80
N VAL C 65 12.87 -35.25 -9.21
CA VAL C 65 14.00 -34.78 -10.01
C VAL C 65 14.82 -35.99 -10.44
N VAL C 66 15.12 -36.06 -11.74
CA VAL C 66 15.95 -37.12 -12.26
C VAL C 66 17.31 -36.62 -12.75
N GLU C 67 17.45 -35.33 -13.05
CA GLU C 67 18.72 -34.78 -13.53
C GLU C 67 18.74 -33.29 -13.27
N VAL C 68 19.91 -32.77 -12.89
CA VAL C 68 20.10 -31.35 -12.62
C VAL C 68 21.38 -30.86 -13.29
N GLY C 69 21.44 -29.55 -13.51
CA GLY C 69 22.63 -28.94 -14.07
C GLY C 69 23.77 -28.85 -13.07
N SER C 70 24.94 -28.47 -13.61
CA SER C 70 26.15 -28.40 -12.80
C SER C 70 26.11 -27.27 -11.77
N GLU C 71 25.21 -26.30 -11.93
CA GLU C 71 25.12 -25.18 -11.02
C GLU C 71 23.87 -25.23 -10.15
N VAL C 72 23.03 -26.25 -10.30
CA VAL C 72 21.90 -26.43 -9.37
C VAL C 72 22.44 -26.87 -8.03
N LYS C 73 22.02 -26.20 -6.96
CA LYS C 73 22.62 -26.40 -5.65
C LYS C 73 21.68 -26.98 -4.60
N ASP C 74 20.39 -26.74 -4.69
CA ASP C 74 19.44 -27.13 -3.66
C ASP C 74 18.62 -28.37 -4.01
N PHE C 75 18.83 -28.97 -5.18
CA PHE C 75 18.05 -30.12 -5.60
C PHE C 75 18.94 -31.15 -6.25
N LYS C 76 18.70 -32.42 -5.93
CA LYS C 76 19.46 -33.55 -6.42
C LYS C 76 18.51 -34.58 -6.99
N PRO C 77 19.01 -35.48 -7.85
CA PRO C 77 18.13 -36.54 -8.37
C PRO C 77 17.55 -37.38 -7.24
N GLY C 78 16.23 -37.57 -7.30
CA GLY C 78 15.51 -38.30 -6.28
C GLY C 78 14.67 -37.43 -5.36
N ASP C 79 14.85 -36.12 -5.39
CA ASP C 79 14.10 -35.21 -4.54
C ASP C 79 12.67 -35.04 -5.04
N ARG C 80 11.69 -35.30 -4.16
CA ARG C 80 10.30 -34.99 -4.48
C ARG C 80 10.07 -33.50 -4.39
N VAL C 81 9.55 -32.91 -5.47
CA VAL C 81 9.37 -31.47 -5.53
C VAL C 81 7.95 -31.13 -5.96
N VAL C 82 7.52 -29.94 -5.57
CA VAL C 82 6.32 -29.32 -6.09
C VAL C 82 6.75 -28.31 -7.15
N VAL C 83 6.21 -28.44 -8.35
CA VAL C 83 6.59 -27.61 -9.48
C VAL C 83 5.51 -26.57 -9.69
N PRO C 84 5.79 -25.28 -9.51
CA PRO C 84 4.77 -24.26 -9.76
C PRO C 84 4.40 -24.22 -11.23
N ALA C 85 3.14 -23.91 -11.50
CA ALA C 85 2.71 -23.79 -12.89
C ALA C 85 3.45 -22.67 -13.60
N ALA C 86 3.82 -21.61 -12.87
CA ALA C 86 4.59 -20.49 -13.40
C ALA C 86 6.05 -20.63 -13.00
N THR C 87 6.93 -20.84 -13.98
CA THR C 87 8.37 -20.99 -13.76
C THR C 87 9.11 -19.93 -14.57
N PRO C 88 9.11 -18.68 -14.10
CA PRO C 88 9.66 -17.59 -14.92
C PRO C 88 11.17 -17.58 -14.91
N ASP C 89 11.72 -16.86 -15.90
CA ASP C 89 13.13 -16.47 -15.86
C ASP C 89 13.27 -15.33 -14.87
N TRP C 90 14.13 -15.52 -13.87
CA TRP C 90 14.24 -14.56 -12.78
C TRP C 90 15.26 -13.47 -13.03
N ARG C 91 15.82 -13.39 -14.23
CA ARG C 91 16.79 -12.35 -14.58
C ARG C 91 16.23 -11.55 -15.74
N THR C 92 15.16 -10.80 -15.48
CA THR C 92 14.55 -9.91 -16.47
C THR C 92 14.21 -8.60 -15.79
N SER C 93 13.82 -7.61 -16.62
CA SER C 93 13.44 -6.31 -16.07
C SER C 93 12.08 -6.35 -15.37
N GLU C 94 11.17 -7.23 -15.82
CA GLU C 94 9.87 -7.32 -15.16
C GLU C 94 9.99 -7.89 -13.75
N VAL C 95 11.00 -8.73 -13.51
CA VAL C 95 11.23 -9.23 -12.15
C VAL C 95 11.68 -8.09 -11.24
N GLN C 96 12.53 -7.20 -11.76
CA GLN C 96 12.97 -6.06 -10.96
C GLN C 96 11.82 -5.08 -10.70
N ARG C 97 10.76 -5.12 -11.52
CA ARG C 97 9.58 -4.31 -11.29
C ARG C 97 8.59 -4.97 -10.32
N GLY C 98 8.81 -6.24 -9.98
CA GLY C 98 7.95 -6.93 -9.04
C GLY C 98 6.84 -7.75 -9.66
N TYR C 99 6.94 -8.10 -10.94
CA TYR C 99 5.91 -8.86 -11.65
C TYR C 99 6.59 -10.00 -12.42
N HIS C 100 6.98 -11.04 -11.69
CA HIS C 100 7.64 -12.19 -12.31
C HIS C 100 6.71 -12.94 -13.24
N GLN C 101 5.39 -12.84 -13.04
CA GLN C 101 4.44 -13.50 -13.94
C GLN C 101 4.60 -13.05 -15.38
N HIS C 102 5.15 -11.86 -15.60
CA HIS C 102 5.33 -11.30 -16.93
C HIS C 102 6.80 -11.13 -17.25
N SER C 103 7.63 -12.02 -16.71
CA SER C 103 9.07 -11.99 -16.93
C SER C 103 9.35 -12.28 -18.40
N GLY C 104 9.75 -11.24 -19.14
CA GLY C 104 10.02 -11.36 -20.55
C GLY C 104 8.86 -11.03 -21.48
N GLY C 105 7.73 -10.58 -20.92
CA GLY C 105 6.58 -10.29 -21.74
C GLY C 105 5.29 -10.68 -21.03
N MET C 106 4.15 -10.26 -21.57
CA MET C 106 2.87 -10.54 -20.93
C MET C 106 2.64 -12.04 -20.82
N LEU C 107 2.36 -12.49 -19.59
CA LEU C 107 2.09 -13.88 -19.24
C LEU C 107 3.29 -14.80 -19.47
N ALA C 108 4.46 -14.24 -19.78
CA ALA C 108 5.63 -15.06 -20.13
C ALA C 108 6.21 -15.80 -18.94
N GLY C 109 5.78 -15.51 -17.71
CA GLY C 109 6.19 -16.32 -16.58
C GLY C 109 5.56 -17.70 -16.58
N TRP C 110 4.45 -17.86 -17.30
CA TRP C 110 3.79 -19.15 -17.45
C TRP C 110 4.32 -19.80 -18.72
N LYS C 111 5.17 -20.81 -18.58
CA LYS C 111 5.81 -21.44 -19.72
C LYS C 111 5.22 -22.80 -20.08
N PHE C 112 4.92 -23.64 -19.10
CA PHE C 112 4.40 -24.97 -19.37
C PHE C 112 3.10 -24.89 -20.17
N SER C 113 3.04 -25.66 -21.27
CA SER C 113 1.86 -25.72 -22.13
C SER C 113 1.50 -24.34 -22.69
N ASN C 114 2.49 -23.46 -22.84
CA ASN C 114 2.28 -22.15 -23.41
C ASN C 114 3.39 -21.86 -24.42
N VAL C 115 4.61 -21.65 -23.92
CA VAL C 115 5.79 -21.47 -24.75
C VAL C 115 6.80 -22.58 -24.54
N LYS C 116 6.41 -23.66 -23.88
CA LYS C 116 7.31 -24.76 -23.56
C LYS C 116 6.49 -26.01 -23.35
N ASP C 117 7.12 -27.18 -23.56
CA ASP C 117 6.41 -28.43 -23.39
C ASP C 117 5.97 -28.58 -21.94
N GLY C 118 4.74 -29.05 -21.75
CA GLY C 118 4.16 -29.14 -20.43
C GLY C 118 4.60 -30.38 -19.68
N VAL C 119 3.82 -30.72 -18.65
CA VAL C 119 4.19 -31.80 -17.73
C VAL C 119 3.56 -33.14 -18.09
N PHE C 120 2.67 -33.18 -19.08
CA PHE C 120 2.02 -34.43 -19.45
C PHE C 120 2.93 -35.29 -20.31
N GLY C 121 4.16 -35.50 -19.84
CA GLY C 121 5.12 -36.34 -20.54
C GLY C 121 5.91 -37.17 -19.57
N GLU C 122 6.69 -38.10 -20.12
CA GLU C 122 7.52 -38.97 -19.29
C GLU C 122 8.51 -38.16 -18.47
N PHE C 123 8.98 -37.03 -19.01
CA PHE C 123 9.84 -36.08 -18.32
C PHE C 123 9.49 -34.68 -18.79
N PHE C 124 9.85 -33.69 -17.98
CA PHE C 124 9.72 -32.31 -18.42
C PHE C 124 10.88 -31.49 -17.87
N HIS C 125 11.05 -30.31 -18.46
CA HIS C 125 12.19 -29.44 -18.19
C HIS C 125 11.76 -28.29 -17.30
N VAL C 126 12.49 -28.07 -16.21
CA VAL C 126 12.25 -26.96 -15.31
C VAL C 126 13.44 -26.01 -15.40
N ASN C 127 13.16 -24.75 -15.74
CA ASN C 127 14.20 -23.74 -15.84
C ASN C 127 14.47 -23.12 -14.48
N ASP C 128 15.74 -22.92 -14.17
CA ASP C 128 16.20 -22.32 -12.92
C ASP C 128 15.60 -23.07 -11.72
N ALA C 129 16.14 -24.28 -11.50
CA ALA C 129 15.60 -25.19 -10.50
C ALA C 129 15.67 -24.61 -9.09
N ASP C 130 16.81 -24.00 -8.73
CA ASP C 130 16.95 -23.44 -7.39
C ASP C 130 15.96 -22.31 -7.11
N MET C 131 15.37 -21.73 -8.15
CA MET C 131 14.44 -20.62 -8.00
C MET C 131 13.00 -21.01 -8.31
N ASN C 132 12.77 -22.16 -8.96
CA ASN C 132 11.44 -22.52 -9.44
C ASN C 132 11.01 -23.91 -8.97
N LEU C 133 11.59 -24.42 -7.91
CA LEU C 133 11.19 -25.71 -7.36
C LEU C 133 11.15 -25.62 -5.84
N ALA C 134 10.26 -26.40 -5.24
CA ALA C 134 10.18 -26.47 -3.78
C ALA C 134 10.09 -27.92 -3.36
N HIS C 135 10.80 -28.26 -2.29
CA HIS C 135 10.76 -29.62 -1.76
C HIS C 135 9.38 -29.92 -1.19
N LEU C 136 8.93 -31.15 -1.38
CA LEU C 136 7.63 -31.58 -0.90
C LEU C 136 7.80 -32.34 0.39
N PRO C 137 7.24 -31.88 1.50
CA PRO C 137 7.33 -32.64 2.76
C PRO C 137 6.62 -33.97 2.64
N LYS C 138 7.15 -34.96 3.36
CA LYS C 138 6.61 -36.32 3.30
C LYS C 138 5.17 -36.37 3.81
N GLU C 139 4.79 -35.44 4.68
CA GLU C 139 3.49 -35.45 5.33
C GLU C 139 2.34 -35.02 4.42
N ILE C 140 2.62 -34.46 3.24
CA ILE C 140 1.59 -33.95 2.36
C ILE C 140 1.33 -34.97 1.25
N PRO C 141 0.11 -35.45 1.09
CA PRO C 141 -0.17 -36.44 0.04
C PRO C 141 -0.05 -35.83 -1.35
N LEU C 142 0.19 -36.70 -2.33
CA LEU C 142 0.39 -36.25 -3.71
C LEU C 142 -0.86 -35.61 -4.28
N GLU C 143 -2.02 -36.20 -4.04
CA GLU C 143 -3.25 -35.64 -4.59
C GLU C 143 -3.52 -34.25 -4.02
N ALA C 144 -3.06 -33.99 -2.79
CA ALA C 144 -3.18 -32.66 -2.23
C ALA C 144 -2.09 -31.74 -2.76
N ALA C 145 -0.86 -32.26 -2.86
CA ALA C 145 0.27 -31.42 -3.23
C ALA C 145 0.11 -30.85 -4.64
N VAL C 146 -0.51 -31.61 -5.54
CA VAL C 146 -0.66 -31.16 -6.92
C VAL C 146 -1.71 -30.07 -7.07
N MET C 147 -2.44 -29.75 -6.00
CA MET C 147 -3.34 -28.60 -6.03
C MET C 147 -2.61 -27.28 -5.78
N ILE C 148 -1.38 -27.33 -5.28
CA ILE C 148 -0.59 -26.15 -4.95
C ILE C 148 -0.08 -25.43 -6.21
N PRO C 149 0.48 -26.12 -7.21
CA PRO C 149 1.11 -25.39 -8.34
C PRO C 149 0.22 -24.38 -9.03
N ASP C 150 -1.09 -24.60 -9.08
CA ASP C 150 -1.94 -23.72 -9.87
C ASP C 150 -3.21 -23.32 -9.14
N MET C 151 -4.02 -24.30 -8.74
CA MET C 151 -5.33 -24.00 -8.15
C MET C 151 -5.19 -23.16 -6.90
N MET C 152 -4.28 -23.55 -6.01
CA MET C 152 -4.15 -22.83 -4.75
C MET C 152 -3.55 -21.44 -4.95
N THR C 153 -2.46 -21.35 -5.74
CA THR C 153 -1.80 -20.06 -5.91
C THR C 153 -2.67 -19.07 -6.69
N THR C 154 -3.49 -19.56 -7.62
CA THR C 154 -4.37 -18.67 -8.36
C THR C 154 -5.52 -18.17 -7.49
N GLY C 155 -6.27 -19.10 -6.88
CA GLY C 155 -7.37 -18.69 -6.03
C GLY C 155 -6.92 -17.77 -4.91
N PHE C 156 -5.81 -18.11 -4.25
CA PHE C 156 -5.27 -17.24 -3.22
C PHE C 156 -4.85 -15.90 -3.79
N HIS C 157 -4.37 -15.87 -5.04
CA HIS C 157 -4.00 -14.60 -5.65
C HIS C 157 -5.22 -13.71 -5.84
N GLY C 158 -6.36 -14.30 -6.19
CA GLY C 158 -7.59 -13.52 -6.25
C GLY C 158 -7.92 -12.88 -4.93
N ALA C 159 -7.69 -13.61 -3.83
CA ALA C 159 -7.93 -13.04 -2.50
C ALA C 159 -6.90 -11.96 -2.17
N GLU C 160 -5.64 -12.16 -2.58
CA GLU C 160 -4.62 -11.15 -2.35
C GLU C 160 -4.92 -9.86 -3.11
N LEU C 161 -5.30 -9.99 -4.38
CA LEU C 161 -5.58 -8.81 -5.19
C LEU C 161 -6.80 -8.04 -4.66
N ALA C 162 -7.71 -8.73 -3.97
CA ALA C 162 -8.96 -8.13 -3.53
C ALA C 162 -8.78 -7.12 -2.41
N ASP C 163 -7.61 -7.07 -1.77
CA ASP C 163 -7.32 -6.13 -0.69
C ASP C 163 -8.37 -6.24 0.42
N ILE C 164 -8.52 -7.45 0.92
CA ILE C 164 -9.57 -7.75 1.90
C ILE C 164 -9.17 -7.21 3.26
N GLU C 165 -10.05 -6.45 3.89
CA GLU C 165 -9.89 -6.02 5.27
C GLU C 165 -10.65 -6.97 6.21
N LEU C 166 -10.21 -6.99 7.47
CA LEU C 166 -10.76 -7.92 8.45
C LEU C 166 -12.27 -7.70 8.61
N GLY C 167 -13.04 -8.77 8.42
CA GLY C 167 -14.48 -8.71 8.56
C GLY C 167 -15.22 -8.28 7.32
N ALA C 168 -14.52 -7.98 6.22
CA ALA C 168 -15.17 -7.51 5.01
C ALA C 168 -16.07 -8.58 4.41
N THR C 169 -17.01 -8.14 3.58
CA THR C 169 -17.92 -9.02 2.86
C THR C 169 -17.36 -9.24 1.46
N VAL C 170 -17.13 -10.49 1.10
CA VAL C 170 -16.50 -10.83 -0.16
C VAL C 170 -17.44 -11.74 -0.95
N ALA C 171 -17.59 -11.46 -2.24
CA ALA C 171 -18.29 -12.33 -3.16
C ALA C 171 -17.29 -13.03 -4.06
N VAL C 172 -17.47 -14.33 -4.26
CA VAL C 172 -16.63 -15.12 -5.16
C VAL C 172 -17.51 -15.58 -6.31
N LEU C 173 -17.27 -15.04 -7.50
CA LEU C 173 -18.08 -15.34 -8.69
C LEU C 173 -17.45 -16.54 -9.39
N GLY C 174 -18.08 -17.71 -9.23
CA GLY C 174 -17.56 -18.92 -9.83
C GLY C 174 -16.86 -19.78 -8.80
N ILE C 175 -17.36 -20.99 -8.58
CA ILE C 175 -16.79 -21.86 -7.57
C ILE C 175 -16.31 -23.16 -8.19
N GLY C 176 -15.56 -23.04 -9.29
CA GLY C 176 -14.75 -24.14 -9.76
C GLY C 176 -13.55 -24.27 -8.84
N PRO C 177 -12.59 -25.12 -9.19
CA PRO C 177 -11.42 -25.28 -8.29
C PRO C 177 -10.72 -23.97 -7.96
N VAL C 178 -10.54 -23.07 -8.93
CA VAL C 178 -9.93 -21.78 -8.63
C VAL C 178 -10.84 -20.97 -7.71
N GLY C 179 -12.14 -20.94 -7.99
CA GLY C 179 -13.04 -20.18 -7.15
C GLY C 179 -13.11 -20.71 -5.73
N LEU C 180 -13.06 -22.04 -5.58
CA LEU C 180 -13.07 -22.63 -4.25
C LEU C 180 -11.82 -22.26 -3.47
N MET C 181 -10.68 -22.16 -4.15
CA MET C 181 -9.47 -21.69 -3.47
C MET C 181 -9.52 -20.19 -3.24
N ALA C 182 -10.28 -19.46 -4.04
CA ALA C 182 -10.51 -18.04 -3.73
C ALA C 182 -11.38 -17.90 -2.48
N VAL C 183 -12.36 -18.78 -2.32
CA VAL C 183 -13.16 -18.80 -1.09
C VAL C 183 -12.26 -19.08 0.11
N ALA C 184 -11.40 -20.09 -0.01
CA ALA C 184 -10.45 -20.39 1.06
C ALA C 184 -9.47 -19.24 1.26
N GLY C 185 -9.03 -18.62 0.17
CA GLY C 185 -8.13 -17.48 0.30
C GLY C 185 -8.79 -16.32 1.00
N ALA C 186 -10.06 -16.04 0.67
CA ALA C 186 -10.77 -14.95 1.32
C ALA C 186 -10.86 -15.18 2.84
N LYS C 187 -11.12 -16.43 3.24
CA LYS C 187 -11.12 -16.75 4.67
C LYS C 187 -9.74 -16.54 5.26
N LEU C 188 -8.69 -16.87 4.51
CA LEU C 188 -7.34 -16.70 5.02
C LEU C 188 -6.94 -15.23 5.08
N ARG C 189 -7.65 -14.33 4.41
CA ARG C 189 -7.40 -12.91 4.52
C ARG C 189 -8.31 -12.23 5.54
N GLY C 190 -9.08 -13.01 6.30
CA GLY C 190 -9.91 -12.45 7.36
C GLY C 190 -11.28 -11.99 6.94
N ALA C 191 -11.80 -12.46 5.81
CA ALA C 191 -13.15 -12.09 5.38
C ALA C 191 -14.18 -12.62 6.36
N GLY C 192 -15.22 -11.81 6.61
CA GLY C 192 -16.32 -12.27 7.42
C GLY C 192 -17.30 -13.04 6.57
N ARG C 193 -18.26 -12.32 5.99
CA ARG C 193 -19.25 -12.94 5.14
C ARG C 193 -18.64 -13.23 3.77
N ILE C 194 -18.82 -14.46 3.29
CA ILE C 194 -18.32 -14.87 1.98
C ILE C 194 -19.50 -15.42 1.19
N ILE C 195 -19.87 -14.72 0.12
CA ILE C 195 -20.97 -15.11 -0.74
C ILE C 195 -20.40 -15.82 -1.96
N ALA C 196 -20.76 -17.08 -2.13
CA ALA C 196 -20.28 -17.89 -3.24
C ALA C 196 -21.37 -18.04 -4.29
N VAL C 197 -20.98 -17.88 -5.55
CA VAL C 197 -21.92 -17.95 -6.68
C VAL C 197 -21.54 -19.15 -7.53
N GLY C 198 -22.48 -20.07 -7.69
CA GLY C 198 -22.28 -21.28 -8.48
C GLY C 198 -23.53 -22.11 -8.42
N SER C 199 -23.53 -23.21 -9.17
CA SER C 199 -24.76 -24.00 -9.26
C SER C 199 -24.52 -25.48 -8.99
N ARG C 200 -23.38 -26.01 -9.39
CA ARG C 200 -23.14 -27.45 -9.23
C ARG C 200 -23.08 -27.83 -7.75
N PRO C 201 -23.88 -28.79 -7.32
CA PRO C 201 -23.92 -29.12 -5.88
C PRO C 201 -22.58 -29.54 -5.29
N VAL C 202 -21.80 -30.34 -6.02
CA VAL C 202 -20.50 -30.73 -5.52
C VAL C 202 -19.62 -29.50 -5.30
N CYS C 203 -19.82 -28.45 -6.10
CA CYS C 203 -19.10 -27.20 -5.88
C CYS C 203 -19.70 -26.43 -4.70
N VAL C 204 -21.02 -26.47 -4.56
CA VAL C 204 -21.66 -25.78 -3.45
C VAL C 204 -21.19 -26.35 -2.12
N ASP C 205 -21.16 -27.69 -2.02
CA ASP C 205 -20.69 -28.31 -0.79
C ASP C 205 -19.24 -27.96 -0.51
N ALA C 206 -18.40 -27.94 -1.55
CA ALA C 206 -17.01 -27.55 -1.34
C ALA C 206 -16.91 -26.09 -0.93
N ALA C 207 -17.78 -25.24 -1.49
CA ALA C 207 -17.76 -23.83 -1.12
C ALA C 207 -18.08 -23.65 0.36
N LYS C 208 -19.11 -24.36 0.85
CA LYS C 208 -19.41 -24.30 2.27
C LYS C 208 -18.26 -24.84 3.10
N TYR C 209 -17.60 -25.89 2.64
CA TYR C 209 -16.48 -26.44 3.40
C TYR C 209 -15.35 -25.44 3.54
N TYR C 210 -15.09 -24.66 2.49
CA TYR C 210 -13.97 -23.74 2.48
C TYR C 210 -14.28 -22.37 3.06
N GLY C 211 -15.52 -22.13 3.48
CA GLY C 211 -15.81 -20.91 4.21
C GLY C 211 -17.00 -20.08 3.74
N ALA C 212 -17.65 -20.49 2.66
CA ALA C 212 -18.79 -19.72 2.16
C ALA C 212 -19.93 -19.72 3.17
N THR C 213 -20.49 -18.55 3.43
CA THR C 213 -21.61 -18.38 4.34
C THR C 213 -22.94 -18.27 3.61
N ASP C 214 -22.92 -17.96 2.32
CA ASP C 214 -24.11 -17.85 1.50
C ASP C 214 -23.82 -18.42 0.12
N ILE C 215 -24.85 -19.01 -0.49
CA ILE C 215 -24.74 -19.59 -1.82
C ILE C 215 -25.74 -18.90 -2.73
N VAL C 216 -25.26 -18.32 -3.82
CA VAL C 216 -26.10 -17.69 -4.83
C VAL C 216 -26.05 -18.56 -6.08
N ASN C 217 -27.18 -19.16 -6.45
CA ASN C 217 -27.27 -19.95 -7.66
C ASN C 217 -27.81 -19.07 -8.78
N TYR C 218 -27.03 -18.93 -9.86
CA TYR C 218 -27.47 -18.07 -10.97
C TYR C 218 -28.57 -18.71 -11.82
N LYS C 219 -29.10 -19.83 -11.35
CA LYS C 219 -30.30 -20.44 -11.89
C LYS C 219 -31.55 -19.90 -11.22
N ASP C 220 -31.43 -19.31 -10.04
CA ASP C 220 -32.55 -18.80 -9.27
C ASP C 220 -32.80 -17.31 -9.49
N GLY C 221 -32.13 -16.70 -10.45
CA GLY C 221 -32.32 -15.29 -10.72
C GLY C 221 -31.02 -14.57 -10.98
N PRO C 222 -31.12 -13.30 -11.37
CA PRO C 222 -29.89 -12.52 -11.64
C PRO C 222 -29.01 -12.43 -10.41
N ILE C 223 -27.71 -12.55 -10.64
CA ILE C 223 -26.75 -12.55 -9.55
C ILE C 223 -26.80 -11.23 -8.79
N GLU C 224 -26.88 -10.12 -9.53
CA GLU C 224 -26.83 -8.79 -8.90
C GLU C 224 -27.96 -8.61 -7.89
N SER C 225 -29.19 -8.93 -8.29
CA SER C 225 -30.33 -8.69 -7.40
C SER C 225 -30.23 -9.57 -6.16
N GLN C 226 -29.78 -10.82 -6.31
CA GLN C 226 -29.67 -11.70 -5.16
C GLN C 226 -28.65 -11.17 -4.17
N ILE C 227 -27.48 -10.76 -4.68
CA ILE C 227 -26.42 -10.28 -3.80
C ILE C 227 -26.80 -8.94 -3.17
N MET C 228 -27.46 -8.06 -3.94
CA MET C 228 -27.91 -6.80 -3.36
C MET C 228 -28.97 -7.03 -2.28
N ASN C 229 -29.79 -8.07 -2.42
CA ASN C 229 -30.75 -8.38 -1.37
C ASN C 229 -30.04 -8.98 -0.16
N LEU C 230 -29.03 -9.81 -0.40
CA LEU C 230 -28.31 -10.41 0.72
C LEU C 230 -27.60 -9.35 1.55
N THR C 231 -26.96 -8.39 0.90
CA THR C 231 -26.22 -7.33 1.56
C THR C 231 -27.10 -6.14 1.94
N GLU C 232 -28.43 -6.28 1.78
CA GLU C 232 -29.37 -5.21 2.15
C GLU C 232 -29.05 -3.90 1.44
N GLY C 233 -28.63 -4.00 0.18
CA GLY C 233 -28.36 -2.82 -0.62
C GLY C 233 -26.96 -2.26 -0.49
N LYS C 234 -26.14 -2.80 0.43
CA LYS C 234 -24.79 -2.26 0.63
C LYS C 234 -23.82 -2.70 -0.46
N GLY C 235 -24.04 -3.87 -1.05
CA GLY C 235 -23.04 -4.45 -1.92
C GLY C 235 -21.96 -5.13 -1.12
N VAL C 236 -20.91 -5.54 -1.82
CA VAL C 236 -19.81 -6.26 -1.19
C VAL C 236 -18.56 -5.38 -1.20
N ASP C 237 -17.65 -5.67 -0.27
CA ASP C 237 -16.40 -4.92 -0.22
C ASP C 237 -15.46 -5.35 -1.33
N ALA C 238 -15.50 -6.61 -1.72
CA ALA C 238 -14.67 -7.09 -2.81
C ALA C 238 -15.38 -8.23 -3.52
N ALA C 239 -15.13 -8.33 -4.81
CA ALA C 239 -15.63 -9.44 -5.61
C ALA C 239 -14.46 -10.08 -6.32
N ILE C 240 -14.33 -11.40 -6.18
CA ILE C 240 -13.29 -12.17 -6.85
C ILE C 240 -13.95 -12.92 -8.00
N ILE C 241 -13.53 -12.61 -9.23
CA ILE C 241 -14.04 -13.28 -10.41
C ILE C 241 -13.21 -14.53 -10.65
N ALA C 242 -13.83 -15.70 -10.60
CA ALA C 242 -13.13 -16.95 -10.83
C ALA C 242 -13.80 -17.80 -11.90
N GLY C 243 -14.67 -17.20 -12.72
CA GLY C 243 -15.34 -17.94 -13.76
C GLY C 243 -16.37 -17.08 -14.44
N GLY C 244 -16.92 -17.63 -15.53
CA GLY C 244 -17.98 -16.96 -16.26
C GLY C 244 -17.50 -16.36 -17.56
N ASN C 245 -18.44 -15.81 -18.30
CA ASN C 245 -18.15 -15.17 -19.58
C ASN C 245 -17.76 -13.71 -19.35
N ALA C 246 -17.65 -12.95 -20.44
CA ALA C 246 -17.25 -11.55 -20.33
C ALA C 246 -18.24 -10.74 -19.51
N ASP C 247 -19.53 -11.13 -19.55
N ASP C 247 -19.53 -11.12 -19.55
CA ASP C 247 -20.56 -10.39 -18.83
CA ASP C 247 -20.55 -10.36 -18.84
C ASP C 247 -20.32 -10.35 -17.33
C ASP C 247 -20.34 -10.37 -17.32
N ILE C 248 -19.60 -11.36 -16.80
CA ILE C 248 -19.39 -11.44 -15.36
C ILE C 248 -18.57 -10.26 -14.83
N MET C 249 -17.80 -9.59 -15.69
CA MET C 249 -17.10 -8.38 -15.27
C MET C 249 -18.10 -7.29 -14.92
N ALA C 250 -19.15 -7.15 -15.72
CA ALA C 250 -20.20 -6.18 -15.43
C ALA C 250 -20.92 -6.53 -14.13
N THR C 251 -21.16 -7.82 -13.89
CA THR C 251 -21.80 -8.24 -12.64
C THR C 251 -20.95 -7.84 -11.44
N ALA C 252 -19.63 -8.03 -11.53
CA ALA C 252 -18.77 -7.71 -10.40
C ALA C 252 -18.82 -6.23 -10.06
N VAL C 253 -18.71 -5.36 -11.06
CA VAL C 253 -18.72 -3.92 -10.81
C VAL C 253 -20.05 -3.51 -10.18
N LYS C 254 -21.15 -4.14 -10.59
CA LYS C 254 -22.46 -3.72 -10.08
C LYS C 254 -22.64 -4.08 -8.62
N ILE C 255 -22.04 -5.18 -8.16
CA ILE C 255 -22.28 -5.60 -6.78
C ILE C 255 -21.25 -5.06 -5.78
N VAL C 256 -20.08 -4.63 -6.24
CA VAL C 256 -19.08 -4.07 -5.34
C VAL C 256 -19.46 -2.64 -4.97
N LYS C 257 -19.32 -2.28 -3.69
CA LYS C 257 -19.67 -0.95 -3.23
C LYS C 257 -18.60 0.06 -3.63
N PRO C 258 -18.94 1.36 -3.63
CA PRO C 258 -17.93 2.37 -3.98
C PRO C 258 -16.74 2.29 -3.05
N GLY C 259 -15.54 2.33 -3.64
CA GLY C 259 -14.31 2.15 -2.89
C GLY C 259 -13.83 0.72 -2.78
N GLY C 260 -14.64 -0.25 -3.21
CA GLY C 260 -14.25 -1.64 -3.14
C GLY C 260 -13.35 -2.05 -4.30
N THR C 261 -13.19 -3.36 -4.45
CA THR C 261 -12.24 -3.90 -5.41
C THR C 261 -12.82 -5.10 -6.13
N ILE C 262 -12.61 -5.15 -7.44
CA ILE C 262 -12.92 -6.31 -8.27
C ILE C 262 -11.60 -6.96 -8.62
N ALA C 263 -11.41 -8.20 -8.16
CA ALA C 263 -10.18 -8.94 -8.38
C ALA C 263 -10.48 -10.12 -9.29
N ASN C 264 -9.93 -10.09 -10.50
CA ASN C 264 -10.17 -11.15 -11.48
C ASN C 264 -8.96 -12.06 -11.58
N VAL C 265 -9.20 -13.36 -11.47
CA VAL C 265 -8.25 -14.38 -11.85
C VAL C 265 -8.80 -15.27 -12.96
N ASN C 266 -9.99 -14.98 -13.46
CA ASN C 266 -10.57 -15.78 -14.53
C ASN C 266 -9.82 -15.52 -15.82
N TYR C 267 -9.78 -16.53 -16.67
CA TYR C 267 -9.13 -16.47 -17.98
C TYR C 267 -10.23 -16.39 -19.04
N PHE C 268 -10.38 -15.21 -19.63
CA PHE C 268 -11.37 -14.96 -20.68
C PHE C 268 -10.78 -15.34 -22.03
N GLY C 269 -11.30 -16.40 -22.63
CA GLY C 269 -10.79 -16.89 -23.89
C GLY C 269 -11.63 -16.49 -25.09
N GLU C 270 -12.65 -15.66 -24.90
CA GLU C 270 -13.54 -15.28 -25.98
C GLU C 270 -14.03 -13.85 -25.75
N GLY C 271 -14.27 -13.15 -26.84
CA GLY C 271 -14.74 -11.78 -26.82
C GLY C 271 -13.63 -10.79 -27.08
N GLU C 272 -13.99 -9.67 -27.72
CA GLU C 272 -13.02 -8.63 -27.98
C GLU C 272 -12.83 -7.67 -26.81
N VAL C 273 -13.86 -7.50 -25.97
CA VAL C 273 -13.84 -6.50 -24.90
C VAL C 273 -14.49 -7.08 -23.66
N LEU C 274 -13.96 -6.72 -22.50
CA LEU C 274 -14.62 -7.00 -21.24
C LEU C 274 -15.46 -5.80 -20.83
N PRO C 275 -16.76 -5.96 -20.59
CA PRO C 275 -17.62 -4.80 -20.34
C PRO C 275 -17.47 -4.29 -18.93
N VAL C 276 -17.26 -2.98 -18.80
CA VAL C 276 -17.32 -2.30 -17.51
C VAL C 276 -18.53 -1.38 -17.54
N PRO C 277 -19.57 -1.64 -16.75
CA PRO C 277 -20.80 -0.83 -16.84
C PRO C 277 -20.54 0.59 -16.38
N ARG C 278 -20.92 1.55 -17.23
CA ARG C 278 -20.54 2.94 -16.98
C ARG C 278 -21.19 3.50 -15.72
N LEU C 279 -22.52 3.40 -15.62
CA LEU C 279 -23.22 4.00 -14.50
C LEU C 279 -22.82 3.36 -13.17
N GLU C 280 -22.81 2.02 -13.13
CA GLU C 280 -22.46 1.35 -11.88
C GLU C 280 -20.99 1.47 -11.52
N TRP C 281 -20.15 1.92 -12.46
CA TRP C 281 -18.77 2.27 -12.17
C TRP C 281 -18.61 3.77 -11.87
N GLY C 282 -19.69 4.43 -11.48
CA GLY C 282 -19.64 5.84 -11.15
C GLY C 282 -19.30 6.75 -12.30
N CYS C 283 -19.54 6.31 -13.53
CA CYS C 283 -19.16 7.05 -14.73
C CYS C 283 -17.66 7.34 -14.74
N GLY C 284 -16.88 6.45 -14.13
CA GLY C 284 -15.44 6.58 -14.03
C GLY C 284 -14.93 7.07 -12.69
N MET C 285 -15.80 7.27 -11.70
CA MET C 285 -15.38 7.98 -10.50
C MET C 285 -15.88 7.32 -9.21
N ALA C 286 -16.18 6.03 -9.22
CA ALA C 286 -16.74 5.36 -8.05
C ALA C 286 -15.68 4.69 -7.18
N HIS C 287 -14.40 4.83 -7.52
CA HIS C 287 -13.30 4.19 -6.78
C HIS C 287 -13.48 2.68 -6.68
N LYS C 288 -14.03 2.07 -7.73
CA LYS C 288 -14.14 0.61 -7.79
C LYS C 288 -12.93 0.09 -8.57
N THR C 289 -11.90 -0.33 -7.84
CA THR C 289 -10.66 -0.78 -8.48
C THR C 289 -10.86 -2.13 -9.14
N ILE C 290 -10.30 -2.28 -10.35
CA ILE C 290 -10.38 -3.51 -11.12
C ILE C 290 -8.96 -4.03 -11.29
N LYS C 291 -8.71 -5.23 -10.78
CA LYS C 291 -7.42 -5.89 -10.90
C LYS C 291 -7.60 -7.22 -11.63
N GLY C 292 -6.53 -7.66 -12.28
CA GLY C 292 -6.57 -8.95 -12.95
C GLY C 292 -5.19 -9.55 -13.11
N GLY C 293 -4.93 -10.69 -12.47
CA GLY C 293 -3.57 -11.18 -12.45
C GLY C 293 -3.35 -12.66 -12.69
N LEU C 294 -2.26 -12.98 -13.39
CA LEU C 294 -1.79 -14.35 -13.47
C LEU C 294 -1.28 -14.81 -12.11
N CYS C 295 -1.42 -16.09 -11.85
CA CYS C 295 -1.04 -16.63 -10.56
C CYS C 295 0.46 -16.51 -10.32
N PRO C 296 0.89 -16.23 -9.10
CA PRO C 296 2.33 -16.22 -8.80
C PRO C 296 2.90 -17.62 -8.84
N GLY C 297 4.18 -17.69 -9.18
CA GLY C 297 4.90 -18.96 -9.17
C GLY C 297 6.24 -18.83 -8.46
N GLY C 298 7.15 -19.74 -8.76
CA GLY C 298 8.47 -19.72 -8.16
C GLY C 298 8.54 -20.49 -6.86
N ARG C 299 9.78 -20.65 -6.38
CA ARG C 299 10.04 -21.46 -5.20
C ARG C 299 9.35 -20.89 -3.96
N LEU C 300 9.49 -19.58 -3.74
CA LEU C 300 8.95 -18.97 -2.52
C LEU C 300 7.43 -19.10 -2.47
N ARG C 301 6.75 -18.88 -3.60
CA ARG C 301 5.30 -19.03 -3.62
C ARG C 301 4.89 -20.43 -3.23
N MET C 302 5.59 -21.44 -3.77
CA MET C 302 5.28 -22.82 -3.43
C MET C 302 5.57 -23.11 -1.97
N GLU C 303 6.70 -22.63 -1.46
CA GLU C 303 7.06 -22.88 -0.06
C GLU C 303 6.03 -22.27 0.89
N ARG C 304 5.53 -21.07 0.57
CA ARG C 304 4.56 -20.45 1.46
C ARG C 304 3.24 -21.20 1.46
N LEU C 305 2.79 -21.66 0.29
CA LEU C 305 1.56 -22.43 0.22
C LEU C 305 1.73 -23.82 0.82
N ILE C 306 2.93 -24.37 0.73
CA ILE C 306 3.19 -25.66 1.37
C ILE C 306 3.03 -25.53 2.89
N ASP C 307 3.52 -24.42 3.45
CA ASP C 307 3.35 -24.19 4.89
C ASP C 307 1.88 -24.06 5.26
N LEU C 308 1.06 -23.46 4.39
CA LEU C 308 -0.36 -23.37 4.66
C LEU C 308 -1.00 -24.75 4.74
N VAL C 309 -0.59 -25.65 3.86
CA VAL C 309 -1.12 -27.02 3.90
C VAL C 309 -0.49 -27.79 5.05
N PHE C 310 0.81 -27.63 5.25
CA PHE C 310 1.52 -28.38 6.28
C PHE C 310 0.97 -28.07 7.66
N TYR C 311 0.77 -26.79 7.97
CA TYR C 311 0.24 -26.39 9.27
C TYR C 311 -1.29 -26.36 9.29
N LYS C 312 -1.94 -26.99 8.31
CA LYS C 312 -3.38 -27.25 8.33
C LYS C 312 -4.21 -25.97 8.35
N ARG C 313 -3.75 -24.97 7.59
CA ARG C 313 -4.57 -23.77 7.41
C ARG C 313 -5.59 -23.95 6.30
N VAL C 314 -5.31 -24.84 5.34
CA VAL C 314 -6.23 -25.14 4.25
C VAL C 314 -5.97 -26.56 3.79
N ASP C 315 -7.05 -27.29 3.49
CA ASP C 315 -6.95 -28.66 3.00
C ASP C 315 -7.45 -28.74 1.56
N PRO C 316 -6.57 -28.70 0.56
CA PRO C 316 -7.02 -28.69 -0.84
C PRO C 316 -7.46 -30.04 -1.35
N SER C 317 -7.32 -31.12 -0.58
CA SER C 317 -7.67 -32.43 -1.08
C SER C 317 -9.16 -32.55 -1.40
N LYS C 318 -9.99 -31.67 -0.83
CA LYS C 318 -11.41 -31.68 -1.17
C LYS C 318 -11.69 -31.26 -2.60
N LEU C 319 -10.74 -30.58 -3.26
CA LEU C 319 -10.89 -30.24 -4.67
C LEU C 319 -10.82 -31.47 -5.56
N VAL C 320 -10.17 -32.53 -5.11
CA VAL C 320 -9.89 -33.69 -5.95
C VAL C 320 -11.08 -34.63 -5.84
N THR C 321 -11.93 -34.65 -6.87
CA THR C 321 -13.08 -35.53 -6.89
C THR C 321 -12.81 -36.82 -7.64
N HIS C 322 -11.76 -36.88 -8.45
CA HIS C 322 -11.43 -38.06 -9.24
C HIS C 322 -9.92 -38.28 -9.19
N VAL C 323 -9.49 -39.50 -8.85
CA VAL C 323 -8.08 -39.87 -8.87
C VAL C 323 -7.93 -41.09 -9.75
N PHE C 324 -7.06 -40.99 -10.75
CA PHE C 324 -6.74 -42.09 -11.65
C PHE C 324 -5.26 -42.42 -11.58
N ARG C 325 -4.90 -43.60 -12.09
CA ARG C 325 -3.53 -44.07 -12.13
C ARG C 325 -3.12 -44.34 -13.57
N GLY C 326 -1.93 -43.89 -13.95
CA GLY C 326 -1.40 -44.31 -15.24
C GLY C 326 -1.36 -43.21 -16.28
N PHE C 327 -0.31 -43.25 -17.13
CA PHE C 327 -0.18 -42.28 -18.22
C PHE C 327 -1.38 -42.32 -19.15
N ASP C 328 -1.95 -43.51 -19.38
CA ASP C 328 -3.07 -43.61 -20.29
C ASP C 328 -4.26 -42.81 -19.80
N ASN C 329 -4.42 -42.68 -18.49
CA ASN C 329 -5.56 -41.97 -17.93
C ASN C 329 -5.35 -40.45 -17.90
N ILE C 330 -4.20 -39.96 -18.38
CA ILE C 330 -4.05 -38.53 -18.60
C ILE C 330 -5.03 -38.08 -19.67
N GLU C 331 -5.24 -38.92 -20.67
CA GLU C 331 -6.23 -38.63 -21.71
C GLU C 331 -7.64 -38.60 -21.13
N LYS C 332 -7.97 -39.57 -20.27
CA LYS C 332 -9.30 -39.57 -19.65
C LYS C 332 -9.50 -38.35 -18.77
N ALA C 333 -8.47 -37.98 -18.00
CA ALA C 333 -8.58 -36.81 -17.14
C ALA C 333 -8.69 -35.52 -17.95
N PHE C 334 -7.92 -35.40 -19.03
CA PHE C 334 -8.01 -34.21 -19.87
C PHE C 334 -9.40 -34.09 -20.49
N MET C 335 -9.97 -35.20 -20.95
CA MET C 335 -11.29 -35.16 -21.57
C MET C 335 -12.38 -34.87 -20.55
N LEU C 336 -12.25 -35.39 -19.32
CA LEU C 336 -13.17 -35.03 -18.25
C LEU C 336 -13.22 -33.52 -18.06
N MET C 337 -12.09 -32.84 -18.25
CA MET C 337 -12.03 -31.39 -18.10
C MET C 337 -12.71 -30.68 -19.26
N LYS C 338 -12.87 -31.34 -20.41
CA LYS C 338 -13.57 -30.75 -21.54
C LYS C 338 -15.08 -30.89 -21.41
N ASP C 339 -15.54 -32.06 -20.97
CA ASP C 339 -16.98 -32.29 -20.83
C ASP C 339 -17.53 -31.71 -19.54
N LYS C 340 -16.74 -31.71 -18.47
CA LYS C 340 -17.10 -31.18 -17.16
C LYS C 340 -18.39 -31.84 -16.69
N PRO C 341 -18.34 -33.07 -16.19
CA PRO C 341 -19.52 -33.67 -15.57
C PRO C 341 -19.91 -32.88 -14.32
N LYS C 342 -21.17 -33.02 -13.94
CA LYS C 342 -21.73 -32.22 -12.84
C LYS C 342 -21.14 -32.59 -11.48
N ASP C 343 -20.41 -33.70 -11.38
CA ASP C 343 -19.81 -34.15 -10.13
C ASP C 343 -18.29 -33.95 -10.10
N LEU C 344 -17.75 -33.21 -11.04
CA LEU C 344 -16.31 -33.02 -11.16
C LEU C 344 -15.89 -31.67 -10.60
N ILE C 345 -14.79 -31.67 -9.84
CA ILE C 345 -14.14 -30.42 -9.48
C ILE C 345 -12.76 -30.41 -10.11
N LYS C 346 -11.91 -31.35 -9.68
CA LYS C 346 -10.55 -31.44 -10.16
C LYS C 346 -10.14 -32.90 -10.22
N PRO C 347 -9.67 -33.39 -11.37
CA PRO C 347 -9.13 -34.75 -11.43
C PRO C 347 -7.62 -34.78 -11.28
N VAL C 348 -7.12 -35.89 -10.72
CA VAL C 348 -5.70 -36.09 -10.50
C VAL C 348 -5.32 -37.46 -11.04
N VAL C 349 -4.20 -37.52 -11.76
CA VAL C 349 -3.63 -38.77 -12.25
C VAL C 349 -2.36 -39.06 -11.47
N ILE C 350 -2.33 -40.20 -10.81
CA ILE C 350 -1.16 -40.63 -10.04
C ILE C 350 -0.29 -41.51 -10.93
N LEU C 351 1.02 -41.24 -10.93
CA LEU C 351 1.96 -41.93 -11.79
C LEU C 351 2.98 -42.74 -10.99
N ALA C 352 2.68 -42.97 -9.70
CA ALA C 352 3.49 -43.78 -8.79
C ALA C 352 4.33 -44.87 -9.46
N FME D 1 -31.57 37.51 -3.13
CN FME D 1 -31.83 38.12 -1.92
O1 FME D 1 -32.97 38.48 -1.58
CA FME D 1 -30.27 37.09 -3.57
CB FME D 1 -29.72 35.90 -2.75
CG FME D 1 -28.48 35.32 -3.35
SD FME D 1 -27.98 33.96 -2.35
CE FME D 1 -28.85 32.63 -3.07
C FME D 1 -30.30 36.66 -5.04
O FME D 1 -31.13 35.88 -5.50
N LYS D 2 -29.36 37.21 -5.82
CA LYS D 2 -29.23 36.86 -7.23
C LYS D 2 -28.42 35.57 -7.37
N GLY D 3 -28.65 34.83 -8.46
CA GLY D 3 -27.93 33.59 -8.66
C GLY D 3 -28.11 33.00 -10.05
N PHE D 4 -26.99 32.67 -10.70
CA PHE D 4 -27.01 32.03 -12.00
C PHE D 4 -27.39 30.56 -11.83
N ALA D 5 -28.54 30.16 -12.37
CA ALA D 5 -29.11 28.88 -12.04
C ALA D 5 -29.43 28.07 -13.28
N MET D 6 -29.53 26.75 -13.08
CA MET D 6 -30.03 25.85 -14.10
C MET D 6 -31.55 25.86 -14.00
N LEU D 7 -32.19 26.49 -14.99
CA LEU D 7 -33.64 26.60 -14.97
C LEU D 7 -34.31 25.27 -15.25
N SER D 8 -33.81 24.55 -16.25
CA SER D 8 -34.25 23.20 -16.60
C SER D 8 -33.19 22.63 -17.52
N ILE D 9 -33.45 21.45 -18.09
CA ILE D 9 -32.50 20.84 -19.02
C ILE D 9 -32.38 21.72 -20.25
N GLY D 10 -31.21 22.33 -20.44
CA GLY D 10 -30.94 23.15 -21.60
C GLY D 10 -31.17 24.65 -21.44
N LYS D 11 -31.61 25.11 -20.27
CA LYS D 11 -31.87 26.52 -20.05
C LYS D 11 -31.26 26.97 -18.73
N VAL D 12 -30.58 28.13 -18.77
CA VAL D 12 -29.97 28.73 -17.60
C VAL D 12 -30.33 30.22 -17.60
N GLY D 13 -30.18 30.84 -16.44
CA GLY D 13 -30.45 32.26 -16.31
C GLY D 13 -30.40 32.69 -14.86
N TRP D 14 -30.37 34.01 -14.68
CA TRP D 14 -30.38 34.56 -13.34
C TRP D 14 -31.77 34.50 -12.72
N ILE D 15 -31.80 34.17 -11.43
CA ILE D 15 -33.02 34.07 -10.65
C ILE D 15 -32.74 34.64 -9.27
N GLU D 16 -33.81 35.00 -8.57
CA GLU D 16 -33.68 35.47 -7.19
C GLU D 16 -34.11 34.37 -6.24
N LYS D 17 -33.19 33.93 -5.39
CA LYS D 17 -33.45 32.95 -4.36
C LYS D 17 -33.36 33.61 -2.99
N GLU D 18 -34.01 33.01 -2.01
CA GLU D 18 -33.87 33.41 -0.62
C GLU D 18 -32.47 33.07 -0.12
N LYS D 19 -31.74 34.09 0.32
CA LYS D 19 -30.41 33.94 0.88
C LYS D 19 -30.37 32.79 1.90
N PRO D 20 -29.42 31.88 1.82
CA PRO D 20 -29.40 30.73 2.73
C PRO D 20 -28.98 31.11 4.13
N ALA D 21 -29.45 30.31 5.10
CA ALA D 21 -29.15 30.42 6.52
C ALA D 21 -28.24 29.27 6.96
N PRO D 22 -27.22 29.55 7.77
CA PRO D 22 -26.30 28.49 8.18
C PRO D 22 -26.81 27.70 9.38
N GLY D 23 -26.62 26.38 9.34
CA GLY D 23 -26.82 25.58 10.49
C GLY D 23 -25.71 25.82 11.50
N PRO D 24 -25.82 25.19 12.67
CA PRO D 24 -24.81 25.43 13.73
C PRO D 24 -23.39 25.06 13.33
N PHE D 25 -23.20 24.16 12.37
CA PHE D 25 -21.86 23.77 11.92
C PHE D 25 -21.53 24.32 10.54
N ASP D 26 -22.38 25.16 9.97
CA ASP D 26 -22.28 25.59 8.59
C ASP D 26 -21.79 27.02 8.50
N ALA D 27 -21.52 27.45 7.27
CA ALA D 27 -21.05 28.81 7.01
C ALA D 27 -21.70 29.33 5.73
N ILE D 28 -21.94 30.64 5.71
CA ILE D 28 -22.39 31.33 4.51
C ILE D 28 -21.20 32.09 3.94
N VAL D 29 -20.93 31.89 2.66
CA VAL D 29 -19.74 32.42 2.01
C VAL D 29 -20.16 33.27 0.83
N ARG D 30 -19.56 34.46 0.70
CA ARG D 30 -19.77 35.13 -0.57
C ARG D 30 -18.57 34.93 -1.48
N PRO D 31 -18.79 34.72 -2.78
CA PRO D 31 -17.68 34.38 -3.68
C PRO D 31 -16.84 35.60 -4.03
N LEU D 32 -15.52 35.40 -4.02
CA LEU D 32 -14.58 36.37 -4.53
C LEU D 32 -14.12 36.04 -5.94
N ALA D 33 -14.06 34.75 -6.30
CA ALA D 33 -13.74 34.33 -7.64
C ALA D 33 -14.36 32.95 -7.87
N VAL D 34 -14.97 32.77 -9.04
CA VAL D 34 -15.59 31.49 -9.40
C VAL D 34 -15.11 31.08 -10.79
N ALA D 35 -15.34 29.80 -11.11
CA ALA D 35 -14.98 29.26 -12.41
C ALA D 35 -16.02 28.22 -12.84
N PRO D 36 -16.46 28.27 -14.10
CA PRO D 36 -17.34 27.21 -14.60
C PRO D 36 -16.54 25.98 -14.99
N CYS D 37 -17.24 24.85 -15.07
CA CYS D 37 -16.58 23.59 -15.36
C CYS D 37 -17.31 22.86 -16.48
N THR D 38 -16.61 21.89 -17.08
CA THR D 38 -17.25 21.01 -18.05
C THR D 38 -18.41 20.26 -17.41
N SER D 39 -18.33 20.00 -16.10
CA SER D 39 -19.40 19.30 -15.40
C SER D 39 -20.70 20.10 -15.43
N ASP D 40 -20.61 21.42 -15.26
CA ASP D 40 -21.80 22.27 -15.34
C ASP D 40 -22.47 22.14 -16.69
N ILE D 41 -21.67 21.99 -17.76
CA ILE D 41 -22.23 21.87 -19.09
C ILE D 41 -22.94 20.54 -19.25
N HIS D 42 -22.33 19.45 -18.78
CA HIS D 42 -22.98 18.14 -18.82
C HIS D 42 -24.28 18.14 -18.05
N THR D 43 -24.31 18.85 -16.92
CA THR D 43 -25.51 18.87 -16.08
C THR D 43 -26.67 19.55 -16.80
N VAL D 44 -26.40 20.70 -17.41
CA VAL D 44 -27.49 21.50 -17.98
C VAL D 44 -27.92 20.94 -19.33
N PHE D 45 -26.96 20.67 -20.22
CA PHE D 45 -27.30 20.37 -21.61
C PHE D 45 -27.32 18.87 -21.92
N GLU D 46 -26.84 18.01 -21.02
CA GLU D 46 -26.94 16.58 -21.18
C GLU D 46 -27.75 15.90 -20.10
N GLY D 47 -28.18 16.62 -19.07
CA GLY D 47 -28.93 16.00 -17.99
C GLY D 47 -28.14 14.91 -17.30
N ALA D 48 -26.86 15.18 -17.02
CA ALA D 48 -26.00 14.13 -16.49
C ALA D 48 -26.49 13.65 -15.12
N ILE D 49 -27.00 14.55 -14.30
CA ILE D 49 -27.50 14.21 -12.98
C ILE D 49 -29.02 14.25 -12.93
N GLY D 50 -29.68 14.45 -14.06
CA GLY D 50 -31.12 14.47 -14.11
C GLY D 50 -31.67 15.88 -14.17
N GLU D 51 -32.99 15.96 -14.00
CA GLU D 51 -33.70 17.22 -14.10
C GLU D 51 -33.51 18.06 -12.83
N ARG D 52 -33.25 19.35 -13.02
CA ARG D 52 -33.16 20.32 -11.94
C ARG D 52 -33.98 21.55 -12.29
N HIS D 53 -34.50 22.21 -11.26
CA HIS D 53 -35.29 23.42 -11.41
C HIS D 53 -34.81 24.46 -10.42
N ASN D 54 -34.34 25.60 -10.93
CA ASN D 54 -33.91 26.73 -10.11
C ASN D 54 -32.80 26.33 -9.15
N MET D 55 -31.80 25.62 -9.68
CA MET D 55 -30.64 25.21 -8.91
C MET D 55 -29.45 26.05 -9.35
N ILE D 56 -28.89 26.83 -8.42
CA ILE D 56 -27.74 27.65 -8.74
C ILE D 56 -26.57 26.75 -9.10
N LEU D 57 -25.89 27.10 -10.20
CA LEU D 57 -24.84 26.28 -10.76
C LEU D 57 -23.50 26.61 -10.11
N GLY D 58 -22.45 25.91 -10.53
CA GLY D 58 -21.11 26.20 -10.08
C GLY D 58 -20.65 25.45 -8.86
N HIS D 59 -19.38 25.05 -8.85
CA HIS D 59 -18.82 24.37 -7.69
C HIS D 59 -17.35 24.72 -7.46
N GLU D 60 -16.78 25.69 -8.17
CA GLU D 60 -15.40 26.10 -7.97
C GLU D 60 -15.40 27.56 -7.53
N ALA D 61 -15.03 27.80 -6.27
CA ALA D 61 -15.11 29.16 -5.75
C ALA D 61 -14.07 29.38 -4.65
N VAL D 62 -13.58 30.62 -4.61
CA VAL D 62 -12.82 31.13 -3.48
CA VAL D 62 -12.79 31.15 -3.51
C VAL D 62 -13.57 32.33 -2.94
N GLY D 63 -13.70 32.40 -1.63
CA GLY D 63 -14.56 33.43 -1.09
C GLY D 63 -14.23 33.98 0.28
N GLU D 64 -15.13 34.80 0.79
CA GLU D 64 -15.03 35.38 2.12
C GLU D 64 -16.20 34.88 2.97
N VAL D 65 -15.90 34.42 4.17
CA VAL D 65 -16.94 33.99 5.10
C VAL D 65 -17.70 35.21 5.59
N VAL D 66 -19.03 35.17 5.48
CA VAL D 66 -19.86 36.26 5.96
C VAL D 66 -20.68 35.87 7.19
N GLU D 67 -20.90 34.58 7.42
CA GLU D 67 -21.71 34.15 8.55
C GLU D 67 -21.37 32.70 8.86
N VAL D 68 -21.32 32.36 10.15
CA VAL D 68 -21.03 30.99 10.57
C VAL D 68 -22.03 30.59 11.65
N GLY D 69 -22.23 29.29 11.79
CA GLY D 69 -23.11 28.77 12.81
C GLY D 69 -22.48 28.89 14.19
N SER D 70 -23.31 28.59 15.19
CA SER D 70 -22.89 28.76 16.58
C SER D 70 -21.79 27.78 17.00
N GLU D 71 -21.57 26.70 16.24
CA GLU D 71 -20.57 25.71 16.60
C GLU D 71 -19.34 25.73 15.70
N VAL D 72 -19.28 26.63 14.72
CA VAL D 72 -18.08 26.78 13.90
C VAL D 72 -16.97 27.40 14.73
N LYS D 73 -15.79 26.79 14.68
CA LYS D 73 -14.71 27.17 15.57
C LYS D 73 -13.48 27.74 14.86
N ASP D 74 -13.21 27.36 13.63
CA ASP D 74 -11.99 27.78 12.94
C ASP D 74 -12.20 28.88 11.90
N PHE D 75 -13.43 29.36 11.72
CA PHE D 75 -13.69 30.37 10.71
C PHE D 75 -14.66 31.40 11.26
N LYS D 76 -14.38 32.66 10.98
CA LYS D 76 -15.16 33.79 11.45
C LYS D 76 -15.50 34.65 10.24
N PRO D 77 -16.52 35.51 10.35
CA PRO D 77 -16.83 36.42 9.23
C PRO D 77 -15.63 37.27 8.87
N GLY D 78 -15.32 37.31 7.57
CA GLY D 78 -14.17 38.04 7.06
C GLY D 78 -13.03 37.18 6.61
N ASP D 79 -13.03 35.89 6.94
CA ASP D 79 -11.94 34.99 6.54
C ASP D 79 -12.03 34.68 5.06
N ARG D 80 -10.93 34.90 4.34
CA ARG D 80 -10.84 34.47 2.95
CA ARG D 80 -10.85 34.47 2.95
C ARG D 80 -10.51 32.99 2.90
N VAL D 81 -11.31 32.22 2.17
CA VAL D 81 -11.23 30.76 2.21
C VAL D 81 -11.30 30.17 0.81
N VAL D 82 -10.74 28.96 0.70
CA VAL D 82 -10.88 28.13 -0.49
C VAL D 82 -11.96 27.09 -0.21
N VAL D 83 -12.93 27.00 -1.11
CA VAL D 83 -14.07 26.10 -0.93
C VAL D 83 -13.86 24.89 -1.85
N PRO D 84 -13.65 23.69 -1.31
CA PRO D 84 -13.51 22.53 -2.18
C PRO D 84 -14.81 22.22 -2.90
N ALA D 85 -14.68 21.69 -4.12
CA ALA D 85 -15.86 21.31 -4.90
C ALA D 85 -16.64 20.19 -4.20
N ALA D 86 -15.94 19.31 -3.50
CA ALA D 86 -16.57 18.23 -2.74
C ALA D 86 -16.61 18.63 -1.26
N THR D 87 -17.81 18.82 -0.73
CA THR D 87 -18.02 19.21 0.67
C THR D 87 -18.87 18.12 1.32
N PRO D 88 -18.27 16.97 1.61
CA PRO D 88 -19.07 15.83 2.06
C PRO D 88 -19.53 15.98 3.50
N ASP D 89 -20.52 15.17 3.85
CA ASP D 89 -20.84 14.93 5.25
C ASP D 89 -19.76 14.02 5.82
N TRP D 90 -19.09 14.47 6.87
CA TRP D 90 -17.94 13.74 7.39
C TRP D 90 -18.31 12.72 8.46
N ARG D 91 -19.59 12.50 8.69
CA ARG D 91 -20.04 11.56 9.71
C ARG D 91 -20.87 10.47 9.04
N THR D 92 -20.20 9.65 8.23
CA THR D 92 -20.84 8.50 7.57
C THR D 92 -19.89 7.31 7.66
N SER D 93 -20.40 6.13 7.28
CA SER D 93 -19.58 4.93 7.30
C SER D 93 -18.56 4.94 6.17
N GLU D 94 -18.87 5.60 5.05
CA GLU D 94 -17.90 5.65 3.96
C GLU D 94 -16.68 6.47 4.35
N VAL D 95 -16.85 7.44 5.25
CA VAL D 95 -15.70 8.16 5.76
C VAL D 95 -14.85 7.25 6.63
N GLN D 96 -15.48 6.37 7.40
CA GLN D 96 -14.72 5.41 8.20
C GLN D 96 -14.02 4.37 7.33
N ARG D 97 -14.48 4.15 6.10
CA ARG D 97 -13.78 3.27 5.16
C ARG D 97 -12.69 3.99 4.37
N GLY D 98 -12.63 5.31 4.46
CA GLY D 98 -11.62 6.08 3.76
C GLY D 98 -12.03 6.64 2.42
N TYR D 99 -13.32 6.76 2.15
CA TYR D 99 -13.82 7.24 0.86
C TYR D 99 -14.86 8.33 1.12
N HIS D 100 -14.39 9.51 1.52
CA HIS D 100 -15.29 10.61 1.79
C HIS D 100 -16.00 11.09 0.54
N GLN D 101 -15.42 10.87 -0.64
CA GLN D 101 -16.08 11.25 -1.89
C GLN D 101 -17.45 10.59 -2.06
N HIS D 102 -17.66 9.45 -1.41
CA HIS D 102 -18.90 8.70 -1.51
C HIS D 102 -19.63 8.66 -0.18
N SER D 103 -19.49 9.72 0.60
CA SER D 103 -20.12 9.83 1.91
C SER D 103 -21.63 9.93 1.74
N GLY D 104 -22.34 8.84 2.06
CA GLY D 104 -23.78 8.79 1.91
C GLY D 104 -24.26 8.20 0.59
N GLY D 105 -23.36 7.71 -0.25
CA GLY D 105 -23.74 7.17 -1.54
C GLY D 105 -22.73 7.48 -2.62
N MET D 106 -22.85 6.84 -3.78
CA MET D 106 -21.89 7.04 -4.86
C MET D 106 -21.84 8.49 -5.29
N LEU D 107 -20.64 9.08 -5.23
CA LEU D 107 -20.34 10.46 -5.60
C LEU D 107 -21.06 11.47 -4.71
N ALA D 108 -21.67 11.04 -3.61
CA ALA D 108 -22.47 11.92 -2.77
C ALA D 108 -21.65 12.96 -2.04
N GLY D 109 -20.32 12.89 -2.10
CA GLY D 109 -19.50 13.95 -1.57
C GLY D 109 -19.57 15.23 -2.39
N TRP D 110 -20.05 15.14 -3.62
CA TRP D 110 -20.22 16.31 -4.49
C TRP D 110 -21.64 16.84 -4.32
N LYS D 111 -21.77 17.97 -3.62
CA LYS D 111 -23.07 18.56 -3.31
C LYS D 111 -23.39 19.79 -4.14
N PHE D 112 -22.42 20.69 -4.35
CA PHE D 112 -22.67 21.91 -5.09
C PHE D 112 -23.20 21.62 -6.48
N SER D 113 -24.29 22.30 -6.84
CA SER D 113 -24.90 22.16 -8.16
C SER D 113 -25.31 20.70 -8.43
N ASN D 114 -25.63 19.97 -7.36
CA ASN D 114 -26.09 18.59 -7.46
C ASN D 114 -27.29 18.39 -6.54
N VAL D 115 -27.06 18.44 -5.23
CA VAL D 115 -28.14 18.34 -4.24
C VAL D 115 -28.30 19.63 -3.45
N LYS D 116 -27.62 20.70 -3.85
CA LYS D 116 -27.71 21.99 -3.17
C LYS D 116 -27.27 23.06 -4.16
N ASP D 117 -27.70 24.30 -3.88
CA ASP D 117 -27.36 25.41 -4.76
C ASP D 117 -25.85 25.61 -4.79
N GLY D 118 -25.33 25.87 -5.98
CA GLY D 118 -23.90 26.00 -6.19
C GLY D 118 -23.38 27.36 -5.79
N VAL D 119 -22.20 27.71 -6.32
CA VAL D 119 -21.49 28.91 -5.92
C VAL D 119 -21.76 30.12 -6.81
N PHE D 120 -22.48 29.96 -7.91
CA PHE D 120 -22.73 31.08 -8.81
C PHE D 120 -23.83 31.99 -8.30
N GLY D 121 -23.75 32.41 -7.03
CA GLY D 121 -24.74 33.31 -6.46
C GLY D 121 -24.08 34.31 -5.55
N GLU D 122 -24.86 35.31 -5.11
CA GLU D 122 -24.33 36.31 -4.19
C GLU D 122 -23.81 35.67 -2.91
N PHE D 123 -24.44 34.58 -2.47
CA PHE D 123 -23.97 33.81 -1.33
C PHE D 123 -24.25 32.34 -1.61
N PHE D 124 -23.49 31.48 -0.93
CA PHE D 124 -23.77 30.06 -0.96
C PHE D 124 -23.47 29.47 0.41
N HIS D 125 -23.96 28.25 0.60
CA HIS D 125 -23.94 27.56 1.89
C HIS D 125 -22.89 26.46 1.85
N VAL D 126 -22.01 26.44 2.85
CA VAL D 126 -21.01 25.40 3.00
C VAL D 126 -21.36 24.60 4.24
N ASN D 127 -21.54 23.29 4.08
CA ASN D 127 -21.84 22.43 5.20
C ASN D 127 -20.55 22.04 5.90
N ASP D 128 -20.59 22.03 7.23
CA ASP D 128 -19.45 21.66 8.07
C ASP D 128 -18.20 22.46 7.70
N ALA D 129 -18.24 23.73 8.08
CA ALA D 129 -17.18 24.66 7.69
C ALA D 129 -15.83 24.24 8.25
N ASP D 130 -15.78 23.84 9.53
CA ASP D 130 -14.51 23.45 10.15
C ASP D 130 -13.90 22.23 9.48
N MET D 131 -14.68 21.48 8.70
CA MET D 131 -14.18 20.32 7.98
C MET D 131 -14.09 20.52 6.48
N ASN D 132 -14.74 21.56 5.94
CA ASN D 132 -14.84 21.72 4.49
C ASN D 132 -14.39 23.10 4.03
N LEU D 133 -13.57 23.79 4.80
CA LEU D 133 -13.03 25.09 4.41
C LEU D 133 -11.56 25.15 4.79
N ALA D 134 -10.79 25.89 4.01
CA ALA D 134 -9.38 26.13 4.29
C ALA D 134 -9.09 27.61 4.11
N HIS D 135 -8.28 28.16 5.01
CA HIS D 135 -7.92 29.57 4.91
C HIS D 135 -7.05 29.83 3.68
N LEU D 136 -7.26 30.97 3.04
CA LEU D 136 -6.53 31.35 1.84
C LEU D 136 -5.42 32.33 2.20
N PRO D 137 -4.16 31.99 1.98
CA PRO D 137 -3.09 32.95 2.26
C PRO D 137 -3.16 34.16 1.34
N LYS D 138 -2.75 35.31 1.88
CA LYS D 138 -2.83 36.55 1.12
C LYS D 138 -1.95 36.53 -0.12
N GLU D 139 -0.87 35.75 -0.09
CA GLU D 139 0.11 35.73 -1.17
C GLU D 139 -0.37 34.99 -2.41
N ILE D 140 -1.50 34.28 -2.34
CA ILE D 140 -1.99 33.49 -3.45
C ILE D 140 -3.06 34.28 -4.18
N PRO D 141 -2.91 34.57 -5.46
CA PRO D 141 -3.93 35.32 -6.20
C PRO D 141 -5.21 34.52 -6.37
N LEU D 142 -6.32 35.26 -6.53
CA LEU D 142 -7.63 34.63 -6.63
C LEU D 142 -7.72 33.73 -7.85
N GLU D 143 -7.22 34.19 -9.01
CA GLU D 143 -7.31 33.39 -10.22
C GLU D 143 -6.50 32.10 -10.10
N ALA D 144 -5.43 32.10 -9.29
CA ALA D 144 -4.71 30.86 -9.04
C ALA D 144 -5.42 30.01 -7.99
N ALA D 145 -5.94 30.65 -6.93
CA ALA D 145 -6.55 29.91 -5.84
C ALA D 145 -7.80 29.17 -6.28
N VAL D 146 -8.56 29.75 -7.23
CA VAL D 146 -9.80 29.14 -7.67
C VAL D 146 -9.59 27.92 -8.56
N MET D 147 -8.34 27.63 -8.95
CA MET D 147 -8.03 26.38 -9.63
C MET D 147 -7.87 25.20 -8.67
N ILE D 148 -7.72 25.47 -7.38
CA ILE D 148 -7.52 24.42 -6.38
C ILE D 148 -8.79 23.62 -6.12
N PRO D 149 -9.98 24.24 -5.97
CA PRO D 149 -11.17 23.46 -5.58
C PRO D 149 -11.47 22.24 -6.42
N ASP D 150 -11.15 22.24 -7.72
CA ASP D 150 -11.52 21.12 -8.56
C ASP D 150 -10.40 20.67 -9.50
N MET D 151 -9.87 21.57 -10.32
CA MET D 151 -8.90 21.17 -11.34
C MET D 151 -7.66 20.56 -10.70
N MET D 152 -7.12 21.21 -9.67
CA MET D 152 -5.88 20.71 -9.07
C MET D 152 -6.13 19.41 -8.32
N THR D 153 -7.18 19.34 -7.51
CA THR D 153 -7.40 18.14 -6.73
C THR D 153 -7.79 16.95 -7.61
N THR D 154 -8.49 17.18 -8.71
CA THR D 154 -8.84 16.07 -9.60
C THR D 154 -7.62 15.57 -10.35
N GLY D 155 -6.93 16.49 -11.05
CA GLY D 155 -5.73 16.09 -11.77
C GLY D 155 -4.69 15.46 -10.87
N PHE D 156 -4.46 16.05 -9.69
CA PHE D 156 -3.51 15.44 -8.76
C PHE D 156 -3.99 14.08 -8.30
N HIS D 157 -5.30 13.91 -8.15
CA HIS D 157 -5.83 12.60 -7.76
C HIS D 157 -5.52 11.55 -8.82
N GLY D 158 -5.60 11.93 -10.09
CA GLY D 158 -5.20 11.00 -11.14
C GLY D 158 -3.77 10.56 -10.99
N ALA D 159 -2.89 11.48 -10.62
CA ALA D 159 -1.49 11.12 -10.39
C ALA D 159 -1.35 10.23 -9.17
N GLU D 160 -2.16 10.48 -8.13
CA GLU D 160 -2.12 9.64 -6.94
C GLU D 160 -2.57 8.22 -7.24
N LEU D 161 -3.68 8.07 -7.99
CA LEU D 161 -4.20 6.75 -8.29
C LEU D 161 -3.24 5.95 -9.16
N ALA D 162 -2.41 6.61 -9.96
CA ALA D 162 -1.55 5.92 -10.91
C ALA D 162 -0.41 5.15 -10.25
N ASP D 163 -0.15 5.38 -8.97
CA ASP D 163 0.94 4.68 -8.25
C ASP D 163 2.27 4.86 -8.98
N ILE D 164 2.64 6.12 -9.16
CA ILE D 164 3.83 6.46 -9.92
C ILE D 164 5.05 6.21 -9.05
N GLU D 165 6.00 5.46 -9.58
CA GLU D 165 7.31 5.27 -8.96
C GLU D 165 8.30 6.27 -9.53
N LEU D 166 9.36 6.55 -8.75
CA LEU D 166 10.35 7.53 -9.16
C LEU D 166 10.96 7.16 -10.51
N GLY D 167 10.89 8.10 -11.45
CA GLY D 167 11.47 7.90 -12.76
C GLY D 167 10.58 7.18 -13.76
N ALA D 168 9.39 6.75 -13.34
CA ALA D 168 8.51 6.00 -14.23
C ALA D 168 8.06 6.88 -15.40
N THR D 169 7.60 6.21 -16.46
CA THR D 169 7.05 6.86 -17.64
C THR D 169 5.53 6.88 -17.52
N VAL D 170 4.95 8.08 -17.58
CA VAL D 170 3.53 8.28 -17.38
C VAL D 170 2.95 8.94 -18.62
N ALA D 171 1.81 8.44 -19.08
CA ALA D 171 1.05 9.05 -20.16
C ALA D 171 -0.22 9.68 -19.61
N VAL D 172 -0.53 10.89 -20.06
CA VAL D 172 -1.76 11.59 -19.68
C VAL D 172 -2.62 11.75 -20.93
N LEU D 173 -3.75 11.04 -20.95
CA LEU D 173 -4.67 11.05 -22.09
C LEU D 173 -5.68 12.17 -21.88
N GLY D 174 -5.51 13.27 -22.63
CA GLY D 174 -6.40 14.41 -22.50
C GLY D 174 -5.73 15.52 -21.70
N ILE D 175 -5.53 16.69 -22.31
CA ILE D 175 -4.84 17.78 -21.65
C ILE D 175 -5.71 19.03 -21.58
N GLY D 176 -6.95 18.86 -21.13
CA GLY D 176 -7.74 19.98 -20.68
C GLY D 176 -7.21 20.41 -19.33
N PRO D 177 -7.92 21.31 -18.64
CA PRO D 177 -7.42 21.75 -17.33
C PRO D 177 -7.16 20.60 -16.35
N VAL D 178 -8.05 19.61 -16.29
CA VAL D 178 -7.80 18.46 -15.42
C VAL D 178 -6.58 17.67 -15.91
N GLY D 179 -6.47 17.45 -17.22
CA GLY D 179 -5.31 16.73 -17.72
C GLY D 179 -4.01 17.47 -17.48
N LEU D 180 -4.05 18.81 -17.59
CA LEU D 180 -2.85 19.59 -17.31
C LEU D 180 -2.42 19.48 -15.86
N MET D 181 -3.38 19.40 -14.93
CA MET D 181 -3.01 19.19 -13.54
C MET D 181 -2.56 17.76 -13.29
N ALA D 182 -3.02 16.81 -14.10
CA ALA D 182 -2.50 15.44 -14.02
C ALA D 182 -1.04 15.40 -14.47
N VAL D 183 -0.70 16.19 -15.49
CA VAL D 183 0.69 16.32 -15.91
C VAL D 183 1.54 16.87 -14.78
N ALA D 184 1.07 17.96 -14.15
CA ALA D 184 1.79 18.54 -13.01
C ALA D 184 1.86 17.57 -11.85
N GLY D 185 0.77 16.83 -11.60
CA GLY D 185 0.80 15.84 -10.53
C GLY D 185 1.79 14.73 -10.78
N ALA D 186 1.85 14.25 -12.03
CA ALA D 186 2.81 13.21 -12.37
C ALA D 186 4.24 13.67 -12.13
N LYS D 187 4.54 14.93 -12.45
CA LYS D 187 5.85 15.49 -12.12
C LYS D 187 6.05 15.54 -10.61
N LEU D 188 4.98 15.85 -9.87
CA LEU D 188 5.07 15.92 -8.42
C LEU D 188 5.20 14.55 -7.77
N ARG D 189 4.91 13.47 -8.50
CA ARG D 189 5.12 12.13 -7.97
C ARG D 189 6.44 11.53 -8.44
N GLY D 190 7.27 12.33 -9.10
CA GLY D 190 8.58 11.87 -9.52
C GLY D 190 8.63 11.20 -10.86
N ALA D 191 7.64 11.43 -11.73
CA ALA D 191 7.68 10.83 -13.05
C ALA D 191 8.86 11.34 -13.84
N GLY D 192 9.47 10.47 -14.62
CA GLY D 192 10.53 10.89 -15.52
C GLY D 192 9.93 11.39 -16.82
N ARG D 193 9.73 10.48 -17.76
CA ARG D 193 9.10 10.83 -19.04
C ARG D 193 7.60 10.96 -18.84
N ILE D 194 7.04 12.05 -19.35
CA ILE D 194 5.60 12.29 -19.29
C ILE D 194 5.13 12.54 -20.71
N ILE D 195 4.30 11.65 -21.24
CA ILE D 195 3.76 11.75 -22.59
C ILE D 195 2.34 12.29 -22.48
N ALA D 196 2.10 13.49 -23.01
CA ALA D 196 0.79 14.12 -22.97
C ALA D 196 0.12 14.03 -24.34
N VAL D 197 -1.17 13.70 -24.33
CA VAL D 197 -1.93 13.49 -25.55
C VAL D 197 -2.99 14.58 -25.67
N GLY D 198 -2.94 15.32 -26.78
CA GLY D 198 -3.87 16.41 -27.01
C GLY D 198 -3.58 17.06 -28.35
N SER D 199 -4.43 18.02 -28.72
CA SER D 199 -4.30 18.62 -30.04
C SER D 199 -4.29 20.14 -30.02
N ARG D 200 -5.06 20.75 -29.14
CA ARG D 200 -5.18 22.20 -29.14
C ARG D 200 -3.86 22.84 -28.73
N PRO D 201 -3.33 23.78 -29.52
CA PRO D 201 -2.00 24.33 -29.23
C PRO D 201 -1.89 24.98 -27.86
N VAL D 202 -2.91 25.71 -27.42
CA VAL D 202 -2.84 26.31 -26.08
C VAL D 202 -2.74 25.23 -25.01
N CYS D 203 -3.31 24.04 -25.26
CA CYS D 203 -3.17 22.95 -24.31
C CYS D 203 -1.80 22.32 -24.38
N VAL D 204 -1.22 22.22 -25.59
CA VAL D 204 0.11 21.63 -25.72
C VAL D 204 1.15 22.48 -24.99
N ASP D 205 1.07 23.81 -25.16
CA ASP D 205 2.03 24.70 -24.50
C ASP D 205 1.93 24.61 -22.99
N ALA D 206 0.71 24.54 -22.46
CA ALA D 206 0.56 24.40 -21.01
C ALA D 206 1.11 23.07 -20.53
N ALA D 207 0.91 22.01 -21.32
CA ALA D 207 1.44 20.69 -20.94
C ALA D 207 2.96 20.72 -20.87
N LYS D 208 3.61 21.34 -21.86
CA LYS D 208 5.06 21.45 -21.82
C LYS D 208 5.50 22.25 -20.59
N TYR D 209 4.74 23.28 -20.23
CA TYR D 209 5.06 24.07 -19.05
C TYR D 209 4.95 23.24 -17.78
N TYR D 210 4.00 22.31 -17.74
CA TYR D 210 3.75 21.52 -16.54
C TYR D 210 4.58 20.26 -16.45
N GLY D 211 5.39 19.96 -17.45
CA GLY D 211 6.35 18.88 -17.32
C GLY D 211 6.35 17.85 -18.44
N ALA D 212 5.43 18.00 -19.38
CA ALA D 212 5.34 17.03 -20.46
C ALA D 212 6.62 17.06 -21.30
N THR D 213 7.20 15.88 -21.51
CA THR D 213 8.39 15.75 -22.32
C THR D 213 8.10 15.34 -23.76
N ASP D 214 6.91 14.79 -24.02
CA ASP D 214 6.52 14.40 -25.37
C ASP D 214 5.05 14.76 -25.56
N ILE D 215 4.71 15.13 -26.78
CA ILE D 215 3.34 15.52 -27.13
C ILE D 215 2.87 14.60 -28.23
N VAL D 216 1.77 13.89 -27.99
CA VAL D 216 1.17 13.00 -28.97
C VAL D 216 -0.15 13.61 -29.41
N ASN D 217 -0.25 13.96 -30.68
CA ASN D 217 -1.49 14.49 -31.24
C ASN D 217 -2.26 13.33 -31.87
N TYR D 218 -3.49 13.12 -31.40
CA TYR D 218 -4.31 12.03 -31.95
C TYR D 218 -4.85 12.33 -33.31
N LYS D 219 -4.45 13.44 -33.92
CA LYS D 219 -4.76 13.70 -35.31
C LYS D 219 -3.70 13.14 -36.24
N ASP D 220 -2.52 12.81 -35.73
CA ASP D 220 -1.43 12.29 -36.55
C ASP D 220 -1.41 10.77 -36.60
N GLY D 221 -2.43 10.10 -36.06
CA GLY D 221 -2.50 8.66 -36.07
C GLY D 221 -3.03 8.10 -34.77
N PRO D 222 -3.24 6.79 -34.72
CA PRO D 222 -3.74 6.18 -33.48
C PRO D 222 -2.78 6.39 -32.32
N ILE D 223 -3.36 6.66 -31.15
CA ILE D 223 -2.55 6.95 -29.97
C ILE D 223 -1.69 5.75 -29.59
N GLU D 224 -2.25 4.54 -29.69
CA GLU D 224 -1.53 3.34 -29.28
C GLU D 224 -0.24 3.18 -30.04
N SER D 225 -0.29 3.30 -31.37
CA SER D 225 0.92 3.11 -32.17
C SER D 225 1.95 4.20 -31.87
N GLN D 226 1.49 5.44 -31.67
CA GLN D 226 2.42 6.54 -31.42
C GLN D 226 3.18 6.32 -30.12
N ILE D 227 2.47 5.96 -29.05
CA ILE D 227 3.10 5.81 -27.74
C ILE D 227 4.01 4.59 -27.72
N MET D 228 3.60 3.50 -28.37
CA MET D 228 4.46 2.32 -28.43
C MET D 228 5.74 2.61 -29.20
N ASN D 229 5.70 3.51 -30.18
CA ASN D 229 6.92 3.87 -30.88
C ASN D 229 7.81 4.76 -30.01
N LEU D 230 7.21 5.69 -29.26
CA LEU D 230 7.99 6.56 -28.38
C LEU D 230 8.73 5.76 -27.32
N THR D 231 8.05 4.81 -26.70
CA THR D 231 8.63 3.98 -25.65
C THR D 231 9.38 2.78 -26.20
N GLU D 232 9.56 2.69 -27.52
CA GLU D 232 10.31 1.61 -28.15
C GLU D 232 9.76 0.24 -27.77
N GLY D 233 8.43 0.15 -27.67
CA GLY D 233 7.75 -1.09 -27.35
C GLY D 233 7.58 -1.39 -25.88
N LYS D 234 8.17 -0.58 -24.99
CA LYS D 234 8.08 -0.86 -23.57
C LYS D 234 6.71 -0.51 -23.01
N GLY D 235 6.04 0.47 -23.60
CA GLY D 235 4.80 0.96 -23.03
C GLY D 235 5.11 1.92 -21.89
N VAL D 236 4.05 2.30 -21.18
CA VAL D 236 4.16 3.23 -20.08
C VAL D 236 3.87 2.51 -18.77
N ASP D 237 4.42 3.06 -17.69
CA ASP D 237 4.18 2.50 -16.36
C ASP D 237 2.79 2.85 -15.85
N ALA D 238 2.26 4.00 -16.27
CA ALA D 238 0.91 4.39 -15.89
C ALA D 238 0.32 5.27 -16.97
N ALA D 239 -1.00 5.18 -17.12
CA ALA D 239 -1.74 6.07 -18.02
C ALA D 239 -2.85 6.71 -17.20
N ILE D 240 -2.91 8.03 -17.22
CA ILE D 240 -3.95 8.79 -16.53
C ILE D 240 -4.95 9.27 -17.57
N ILE D 241 -6.19 8.81 -17.46
CA ILE D 241 -7.24 9.20 -18.38
C ILE D 241 -7.88 10.49 -17.86
N ALA D 242 -7.76 11.56 -18.64
CA ALA D 242 -8.33 12.84 -18.24
C ALA D 242 -9.24 13.41 -19.33
N GLY D 243 -9.67 12.58 -20.26
CA GLY D 243 -10.56 13.04 -21.32
C GLY D 243 -10.81 11.94 -22.31
N GLY D 244 -11.73 12.21 -23.22
CA GLY D 244 -12.06 11.29 -24.30
C GLY D 244 -13.37 10.58 -24.05
N ASN D 245 -13.75 9.79 -25.06
CA ASN D 245 -14.96 8.98 -25.02
C ASN D 245 -14.64 7.64 -24.36
N ALA D 246 -15.58 6.69 -24.41
CA ALA D 246 -15.37 5.41 -23.79
C ALA D 246 -14.19 4.66 -24.41
N ASP D 247 -13.96 4.85 -25.72
CA ASP D 247 -12.90 4.14 -26.40
C ASP D 247 -11.53 4.42 -25.80
N ILE D 248 -11.37 5.54 -25.09
CA ILE D 248 -10.06 5.85 -24.53
C ILE D 248 -9.68 4.87 -23.44
N MET D 249 -10.65 4.17 -22.84
CA MET D 249 -10.32 3.13 -21.87
C MET D 249 -9.52 2.01 -22.51
N ALA D 250 -9.94 1.58 -23.70
CA ALA D 250 -9.20 0.54 -24.41
C ALA D 250 -7.81 1.04 -24.80
N THR D 251 -7.72 2.30 -25.22
CA THR D 251 -6.42 2.88 -25.55
C THR D 251 -5.49 2.87 -24.33
N ALA D 252 -6.03 3.19 -23.16
CA ALA D 252 -5.21 3.23 -21.95
C ALA D 252 -4.64 1.85 -21.64
N VAL D 253 -5.48 0.81 -21.71
CA VAL D 253 -5.01 -0.54 -21.42
C VAL D 253 -3.96 -0.97 -22.43
N LYS D 254 -4.10 -0.54 -23.69
CA LYS D 254 -3.18 -1.00 -24.72
C LYS D 254 -1.77 -0.43 -24.52
N ILE D 255 -1.64 0.77 -23.97
CA ILE D 255 -0.32 1.38 -23.84
C ILE D 255 0.35 1.08 -22.50
N VAL D 256 -0.39 0.67 -21.48
CA VAL D 256 0.22 0.37 -20.18
C VAL D 256 0.86 -1.00 -20.22
N LYS D 257 2.07 -1.10 -19.66
CA LYS D 257 2.80 -2.37 -19.65
C LYS D 257 2.22 -3.29 -18.58
N PRO D 258 2.49 -4.60 -18.67
CA PRO D 258 2.00 -5.50 -17.63
C PRO D 258 2.51 -5.09 -16.25
N GLY D 259 1.61 -5.08 -15.28
CA GLY D 259 1.92 -4.61 -13.95
C GLY D 259 1.69 -3.13 -13.71
N GLY D 260 1.38 -2.37 -14.75
CA GLY D 260 1.14 -0.95 -14.62
C GLY D 260 -0.25 -0.64 -14.13
N THR D 261 -0.62 0.64 -14.25
CA THR D 261 -1.87 1.15 -13.70
C THR D 261 -2.53 2.12 -14.67
N ILE D 262 -3.84 1.99 -14.81
CA ILE D 262 -4.68 2.94 -15.52
C ILE D 262 -5.48 3.70 -14.47
N ALA D 263 -5.26 5.01 -14.37
CA ALA D 263 -5.92 5.84 -13.39
C ALA D 263 -6.86 6.81 -14.11
N ASN D 264 -8.16 6.63 -13.91
CA ASN D 264 -9.16 7.45 -14.58
C ASN D 264 -9.71 8.51 -13.64
N VAL D 265 -9.67 9.77 -14.09
CA VAL D 265 -10.43 10.84 -13.47
C VAL D 265 -11.41 11.47 -14.45
N ASN D 266 -11.49 10.93 -15.67
CA ASN D 266 -12.39 11.43 -16.68
C ASN D 266 -13.84 11.08 -16.34
N TYR D 267 -14.76 11.91 -16.83
CA TYR D 267 -16.19 11.65 -16.69
C TYR D 267 -16.72 11.13 -18.02
N PHE D 268 -17.07 9.84 -18.06
CA PHE D 268 -17.69 9.23 -19.22
C PHE D 268 -19.20 9.44 -19.15
N GLY D 269 -19.71 10.32 -20.02
CA GLY D 269 -21.12 10.67 -20.01
C GLY D 269 -21.96 9.99 -21.07
N GLU D 270 -21.39 9.05 -21.81
CA GLU D 270 -22.12 8.40 -22.90
C GLU D 270 -21.63 6.97 -23.03
N GLY D 271 -22.54 6.10 -23.44
CA GLY D 271 -22.25 4.70 -23.62
C GLY D 271 -22.74 3.86 -22.46
N GLU D 272 -23.14 2.63 -22.77
CA GLU D 272 -23.56 1.71 -21.72
C GLU D 272 -22.38 1.01 -21.07
N VAL D 273 -21.27 0.89 -21.79
CA VAL D 273 -20.14 0.06 -21.39
C VAL D 273 -18.84 0.80 -21.71
N LEU D 274 -17.86 0.70 -20.81
CA LEU D 274 -16.51 1.13 -21.12
C LEU D 274 -15.70 -0.09 -21.55
N PRO D 275 -15.11 -0.10 -22.74
CA PRO D 275 -14.47 -1.33 -23.24
C PRO D 275 -13.09 -1.54 -22.63
N VAL D 276 -12.87 -2.75 -22.12
CA VAL D 276 -11.55 -3.19 -21.69
C VAL D 276 -11.10 -4.27 -22.67
N PRO D 277 -10.05 -4.05 -23.46
CA PRO D 277 -9.68 -5.03 -24.49
C PRO D 277 -9.18 -6.32 -23.85
N ARG D 278 -9.75 -7.44 -24.29
CA ARG D 278 -9.46 -8.72 -23.65
C ARG D 278 -7.99 -9.09 -23.82
N LEU D 279 -7.49 -9.10 -25.05
CA LEU D 279 -6.13 -9.57 -25.31
C LEU D 279 -5.10 -8.66 -24.66
N GLU D 280 -5.24 -7.34 -24.84
CA GLU D 280 -4.27 -6.41 -24.28
C GLU D 280 -4.37 -6.30 -22.77
N TRP D 281 -5.44 -6.82 -22.16
CA TRP D 281 -5.53 -6.92 -20.70
C TRP D 281 -5.10 -8.29 -20.21
N GLY D 282 -4.34 -9.02 -21.03
CA GLY D 282 -3.84 -10.34 -20.66
C GLY D 282 -4.92 -11.39 -20.50
N CYS D 283 -6.06 -11.22 -21.18
CA CYS D 283 -7.21 -12.10 -21.02
C CYS D 283 -7.66 -12.17 -19.57
N GLY D 284 -7.45 -11.07 -18.85
CA GLY D 284 -7.79 -10.95 -17.45
C GLY D 284 -6.63 -11.09 -16.49
N MET D 285 -5.39 -11.21 -16.99
CA MET D 285 -4.28 -11.63 -16.14
C MET D 285 -3.01 -10.82 -16.35
N ALA D 286 -3.10 -9.58 -16.85
CA ALA D 286 -1.92 -8.79 -17.17
C ALA D 286 -1.48 -7.87 -16.03
N HIS D 287 -2.14 -7.96 -14.87
CA HIS D 287 -1.83 -7.09 -13.72
C HIS D 287 -1.88 -5.63 -14.10
N LYS D 288 -2.79 -5.27 -15.01
CA LYS D 288 -3.02 -3.88 -15.37
C LYS D 288 -4.19 -3.39 -14.53
N THR D 289 -3.87 -2.72 -13.43
CA THR D 289 -4.89 -2.24 -12.50
C THR D 289 -5.59 -1.03 -13.11
N ILE D 290 -6.91 -0.99 -12.96
CA ILE D 290 -7.73 0.11 -13.46
C ILE D 290 -8.38 0.78 -12.26
N LYS D 291 -8.10 2.07 -12.08
CA LYS D 291 -8.69 2.84 -11.01
C LYS D 291 -9.51 3.99 -11.60
N GLY D 292 -10.52 4.43 -10.85
CA GLY D 292 -11.32 5.55 -11.27
C GLY D 292 -11.99 6.24 -10.11
N GLY D 293 -11.63 7.49 -9.84
CA GLY D 293 -12.09 8.11 -8.62
C GLY D 293 -12.56 9.55 -8.73
N LEU D 294 -13.57 9.88 -7.94
CA LEU D 294 -13.96 11.27 -7.76
C LEU D 294 -12.87 12.02 -7.02
N CYS D 295 -12.75 13.31 -7.31
CA CYS D 295 -11.69 14.10 -6.72
C CYS D 295 -11.87 14.22 -5.21
N PRO D 296 -10.78 14.21 -4.44
CA PRO D 296 -10.89 14.42 -3.01
C PRO D 296 -11.26 15.86 -2.68
N GLY D 297 -11.98 16.02 -1.57
CA GLY D 297 -12.33 17.34 -1.09
C GLY D 297 -12.05 17.50 0.39
N GLY D 298 -12.70 18.45 1.03
CA GLY D 298 -12.52 18.67 2.45
C GLY D 298 -11.36 19.61 2.76
N ARG D 299 -11.28 19.98 4.04
CA ARG D 299 -10.30 20.98 4.49
C ARG D 299 -8.87 20.51 4.27
N LEU D 300 -8.55 19.28 4.69
CA LEU D 300 -7.16 18.83 4.62
C LEU D 300 -6.66 18.81 3.18
N ARG D 301 -7.49 18.33 2.25
CA ARG D 301 -7.09 18.31 0.85
C ARG D 301 -6.76 19.70 0.35
N MET D 302 -7.60 20.69 0.70
CA MET D 302 -7.35 22.05 0.26
C MET D 302 -6.09 22.62 0.89
N GLU D 303 -5.88 22.36 2.18
CA GLU D 303 -4.70 22.89 2.86
C GLU D 303 -3.42 22.36 2.23
N ARG D 304 -3.42 21.09 1.83
CA ARG D 304 -2.22 20.51 1.23
C ARG D 304 -1.96 21.09 -0.16
N LEU D 305 -3.00 21.25 -0.98
CA LEU D 305 -2.78 21.84 -2.29
C LEU D 305 -2.43 23.31 -2.17
N ILE D 306 -2.94 23.99 -1.13
CA ILE D 306 -2.57 25.37 -0.90
C ILE D 306 -1.08 25.47 -0.61
N ASP D 307 -0.55 24.53 0.17
CA ASP D 307 0.88 24.53 0.46
C ASP D 307 1.71 24.31 -0.81
N LEU D 308 1.19 23.47 -1.72
CA LEU D 308 1.89 23.26 -2.98
C LEU D 308 1.97 24.54 -3.79
N VAL D 309 0.91 25.35 -3.77
CA VAL D 309 0.94 26.63 -4.46
C VAL D 309 1.77 27.64 -3.68
N PHE D 310 1.60 27.67 -2.35
CA PHE D 310 2.29 28.64 -1.52
C PHE D 310 3.81 28.46 -1.59
N TYR D 311 4.28 27.22 -1.50
CA TYR D 311 5.71 26.93 -1.56
C TYR D 311 6.20 26.74 -2.99
N LYS D 312 5.42 27.20 -3.97
CA LYS D 312 5.85 27.30 -5.37
C LYS D 312 6.19 25.94 -5.96
N ARG D 313 5.40 24.91 -5.59
CA ARG D 313 5.58 23.61 -6.23
C ARG D 313 4.82 23.51 -7.54
N VAL D 314 3.74 24.28 -7.69
CA VAL D 314 2.96 24.28 -8.92
C VAL D 314 2.29 25.64 -9.06
N ASP D 315 2.26 26.16 -10.29
CA ASP D 315 1.61 27.43 -10.57
C ASP D 315 0.37 27.18 -11.42
N PRO D 316 -0.81 27.06 -10.84
CA PRO D 316 -2.01 26.74 -11.63
C PRO D 316 -2.55 27.90 -12.43
N SER D 317 -1.99 29.10 -12.28
CA SER D 317 -2.51 30.26 -12.98
C SER D 317 -2.37 30.12 -14.49
N LYS D 318 -1.45 29.26 -14.96
CA LYS D 318 -1.33 29.01 -16.40
C LYS D 318 -2.55 28.30 -16.97
N LEU D 319 -3.36 27.67 -16.12
CA LEU D 319 -4.62 27.10 -16.58
C LEU D 319 -5.61 28.18 -17.00
N VAL D 320 -5.46 29.38 -16.46
CA VAL D 320 -6.45 30.43 -16.60
C VAL D 320 -6.14 31.22 -17.87
N THR D 321 -6.90 30.96 -18.93
CA THR D 321 -6.72 31.68 -20.19
C THR D 321 -7.66 32.86 -20.35
N HIS D 322 -8.72 32.94 -19.56
CA HIS D 322 -9.68 34.05 -19.65
C HIS D 322 -10.06 34.48 -18.24
N VAL D 323 -9.98 35.77 -17.98
CA VAL D 323 -10.42 36.36 -16.72
C VAL D 323 -11.41 37.46 -17.02
N PHE D 324 -12.60 37.38 -16.44
CA PHE D 324 -13.57 38.45 -16.54
C PHE D 324 -13.81 38.99 -15.14
N ARG D 325 -14.33 40.21 -15.09
CA ARG D 325 -14.61 40.88 -13.83
C ARG D 325 -16.09 41.22 -13.80
N GLY D 326 -16.69 40.98 -12.64
CA GLY D 326 -18.08 41.35 -12.48
C GLY D 326 -18.98 40.14 -12.35
N PHE D 327 -19.95 40.26 -11.44
CA PHE D 327 -20.89 39.17 -11.16
C PHE D 327 -21.62 38.73 -12.41
N ASP D 328 -21.95 39.67 -13.29
CA ASP D 328 -22.76 39.36 -14.47
C ASP D 328 -22.00 38.48 -15.47
N ASN D 329 -20.67 38.55 -15.47
CA ASN D 329 -19.88 37.80 -16.46
C ASN D 329 -19.79 36.31 -16.15
N ILE D 330 -20.47 35.84 -15.11
CA ILE D 330 -20.60 34.40 -14.90
C ILE D 330 -21.31 33.77 -16.10
N GLU D 331 -22.29 34.48 -16.65
CA GLU D 331 -23.03 33.99 -17.80
C GLU D 331 -22.11 33.81 -19.00
N LYS D 332 -21.27 34.81 -19.26
CA LYS D 332 -20.35 34.73 -20.39
C LYS D 332 -19.32 33.62 -20.20
N ALA D 333 -18.80 33.49 -18.98
CA ALA D 333 -17.82 32.43 -18.70
C ALA D 333 -18.44 31.05 -18.83
N PHE D 334 -19.69 30.89 -18.36
CA PHE D 334 -20.36 29.61 -18.51
C PHE D 334 -20.61 29.27 -19.97
N MET D 335 -21.04 30.24 -20.78
CA MET D 335 -21.30 29.96 -22.18
C MET D 335 -20.00 29.71 -22.93
N LEU D 336 -18.94 30.42 -22.56
CA LEU D 336 -17.62 30.14 -23.14
CA LEU D 336 -17.63 30.13 -23.16
C LEU D 336 -17.24 28.67 -22.93
N MET D 337 -17.60 28.11 -21.78
CA MET D 337 -17.31 26.72 -21.49
C MET D 337 -18.07 25.77 -22.41
N LYS D 338 -19.20 26.20 -22.97
CA LYS D 338 -19.95 25.35 -23.90
C LYS D 338 -19.42 25.48 -25.33
N ASP D 339 -18.99 26.67 -25.74
CA ASP D 339 -18.56 26.87 -27.11
C ASP D 339 -17.18 26.27 -27.36
N LYS D 340 -16.32 26.27 -26.34
CA LYS D 340 -14.98 25.69 -26.38
C LYS D 340 -14.16 26.27 -27.54
N PRO D 341 -13.69 27.50 -27.42
CA PRO D 341 -12.73 28.01 -28.40
C PRO D 341 -11.40 27.28 -28.28
N LYS D 342 -10.61 27.34 -29.37
CA LYS D 342 -9.33 26.64 -29.40
C LYS D 342 -8.29 27.28 -28.49
N ASP D 343 -8.55 28.47 -27.95
CA ASP D 343 -7.62 29.14 -27.05
C ASP D 343 -8.10 29.13 -25.60
N LEU D 344 -9.12 28.35 -25.29
CA LEU D 344 -9.71 28.32 -23.95
C LEU D 344 -9.21 27.11 -23.18
N ILE D 345 -8.84 27.32 -21.92
CA ILE D 345 -8.58 26.21 -21.02
C ILE D 345 -9.56 26.29 -19.86
N LYS D 346 -9.45 27.36 -19.07
CA LYS D 346 -10.30 27.59 -17.93
C LYS D 346 -10.56 29.09 -17.78
N PRO D 347 -11.82 29.52 -17.74
CA PRO D 347 -12.12 30.92 -17.45
C PRO D 347 -12.41 31.16 -15.98
N VAL D 348 -12.09 32.38 -15.53
CA VAL D 348 -12.27 32.79 -14.14
C VAL D 348 -13.02 34.11 -14.11
N VAL D 349 -13.98 34.21 -13.20
CA VAL D 349 -14.72 35.45 -12.97
C VAL D 349 -14.29 36.03 -11.63
N ILE D 350 -13.77 37.25 -11.65
CA ILE D 350 -13.38 37.97 -10.44
C ILE D 350 -14.53 38.87 -10.02
N LEU D 351 -14.86 38.83 -8.74
CA LEU D 351 -16.02 39.56 -8.21
C LEU D 351 -15.54 40.64 -7.27
N ALA D 352 -16.08 41.86 -7.43
CA ALA D 352 -15.77 43.01 -6.58
C ALA D 352 -14.28 43.33 -6.58
ZN ZN E . 29.01 6.00 -1.10
PA NAP F . 27.67 13.58 5.64
O1A NAP F . 28.35 12.74 6.67
O2A NAP F . 28.36 14.90 5.51
O5B NAP F . 26.07 13.84 6.14
C5B NAP F . 25.86 14.17 7.54
C4B NAP F . 24.86 15.34 7.64
O4B NAP F . 24.28 15.33 8.82
C3B NAP F . 25.65 16.65 7.59
O3B NAP F . 24.85 17.68 7.21
C2B NAP F . 26.03 16.81 9.08
O2B NAP F . 26.54 18.21 9.33
C1B NAP F . 24.88 16.58 9.63
N9A NAP F . 25.00 16.25 11.06
C8A NAP F . 25.98 15.74 11.84
N7A NAP F . 25.50 15.66 13.08
C5A NAP F . 24.24 16.11 13.09
C6A NAP F . 23.28 16.25 14.09
N6A NAP F . 23.31 15.94 15.59
N1A NAP F . 22.11 16.73 13.81
C2A NAP F . 21.79 17.11 12.52
N3A NAP F . 22.72 16.98 11.55
C4A NAP F . 23.93 16.48 11.84
O3 NAP F . 27.70 12.79 4.18
PN NAP F . 26.49 11.75 3.67
O1N NAP F . 27.02 10.85 2.55
O2N NAP F . 25.29 12.58 3.11
O5D NAP F . 25.99 10.86 4.98
C5D NAP F . 24.76 10.19 4.95
C4D NAP F . 24.80 9.02 5.98
O4D NAP F . 24.17 7.97 5.50
C3D NAP F . 26.25 8.57 6.24
O3D NAP F . 26.38 8.16 7.52
C2D NAP F . 26.45 7.39 5.26
O2D NAP F . 27.47 6.41 5.79
C1D NAP F . 25.26 6.82 5.20
N1N NAP F . 24.99 6.26 3.87
C2N NAP F . 23.99 5.33 3.73
C3N NAP F . 23.70 4.79 2.47
C7N NAP F . 22.57 3.72 2.29
O7N NAP F . 22.61 2.93 1.37
N7N NAP F . 21.43 3.65 3.27
C4N NAP F . 24.41 5.20 1.39
C5N NAP F . 25.41 6.13 1.53
C6N NAP F . 25.69 6.66 2.79
P2B NAP F . 28.03 18.58 8.69
O1X NAP F . 28.78 19.51 9.65
O2X NAP F . 27.85 19.28 7.35
O3X NAP F . 28.82 17.31 8.50
K K G . 2.11 5.58 10.15
C02 NWO H . 26.87 3.01 0.59
C03 NWO H . 27.02 2.43 2.01
C04 NWO H . 26.96 0.91 2.03
C05 NWO H . 26.58 0.46 3.46
C06 NWO H . 25.94 0.38 1.02
C07 NWO H . 26.27 0.74 -0.43
C08 NWO H . 27.12 2.00 -0.54
O01 NWO H . 27.78 4.08 0.45
CL CL I . 23.04 -16.02 -12.57
K K J . 16.59 7.75 -22.02
ZN ZN K . -8.61 -2.54 27.83
PA NAP L . -1.34 -9.36 30.11
O1A NAP L . -0.69 -8.38 31.00
O2A NAP L . -1.67 -10.60 30.88
O5B NAP L . -0.27 -9.77 28.85
C5B NAP L . 1.12 -10.00 29.17
C4B NAP L . 1.55 -11.26 28.40
O4B NAP L . 2.80 -11.14 28.01
C3B NAP L . 1.52 -12.48 29.33
O3B NAP L . 1.32 -13.63 28.63
C2B NAP L . 2.94 -12.46 29.92
O2B NAP L . 3.24 -13.83 30.49
C1B NAP L . 3.66 -12.21 28.86
N9A NAP L . 4.95 -11.58 29.22
C8A NAP L . 5.39 -10.84 30.24
N7A NAP L . 6.68 -10.55 30.01
C5A NAP L . 7.03 -11.12 28.85
C6A NAP L . 8.22 -11.15 28.13
N6A NAP L . 9.60 -10.54 28.40
N1A NAP L . 8.30 -11.78 27.00
C2A NAP L . 7.19 -12.43 26.49
N3A NAP L . 6.03 -12.40 27.18
C4A NAP L . 5.96 -11.75 28.35
O3 NAP L . -2.74 -8.73 29.47
PN NAP L . -2.84 -7.96 27.98
O1N NAP L . -4.13 -7.15 27.92
O2N NAP L . -2.83 -9.03 26.83
O5D NAP L . -1.53 -6.95 27.76
C5D NAP L . -1.29 -6.47 26.47
C4D NAP L . -0.49 -5.11 26.53
O4D NAP L . -0.91 -4.30 25.57
C3D NAP L . -0.74 -4.38 27.85
O3D NAP L . 0.37 -3.69 28.20
C2D NAP L . -1.89 -3.41 27.50
O2D NAP L . -1.90 -2.23 28.45
C1D NAP L . -1.63 -3.04 26.28
N1N NAP L . -2.85 -2.72 25.52
C2N NAP L . -2.75 -1.93 24.40
C3N NAP L . -3.92 -1.62 23.66
C7N NAP L . -3.84 -0.74 22.37
O7N NAP L . -4.82 -0.10 22.01
N7N NAP L . -2.57 -0.67 21.57
C4N NAP L . -5.11 -2.11 24.07
C5N NAP L . -5.20 -2.90 25.19
C6N NAP L . -4.04 -3.20 25.92
P2B NAP L . 3.64 -13.93 32.10
O1X NAP L . 4.69 -15.02 32.29
O2X NAP L . 2.39 -14.26 32.91
O3X NAP L . 4.20 -12.61 32.56
K K M . 9.96 -3.86 5.53
C02 NWO N . -6.73 0.19 25.97
C03 NWO N . -5.64 1.15 26.45
C04 NWO N . -5.74 2.53 25.80
C05 NWO N . -4.32 3.05 25.55
C06 NWO N . -6.52 2.47 24.48
C07 NWO N . -7.97 1.99 24.65
C08 NWO N . -8.08 0.88 25.70
O01 NWO N . -6.91 -0.82 26.95
CL CL O . -20.62 16.15 15.91
K K P . -24.39 -9.24 10.90
ZN ZN Q . -4.27 -24.45 -14.87
PA NAP R . -14.33 -24.22 -13.75
O1A NAP R . -14.49 -24.16 -15.22
O2A NAP R . -15.20 -25.30 -13.20
O5B NAP R . -14.84 -22.73 -13.10
C5B NAP R . -16.07 -22.19 -13.63
C4B NAP R . -16.90 -21.60 -12.47
O4B NAP R . -17.44 -20.48 -12.90
C3B NAP R . -18.09 -22.52 -12.10
O3B NAP R . -18.44 -22.34 -10.79
C2B NAP R . -19.20 -21.98 -13.00
O2B NAP R . -20.56 -22.37 -12.49
C1B NAP R . -19.03 -20.70 -12.87
N9A NAP R . -19.72 -19.98 -13.97
C8A NAP R . -19.77 -20.10 -15.30
N7A NAP R . -20.58 -19.14 -15.77
C5A NAP R . -21.02 -18.44 -14.72
C6A NAP R . -21.88 -17.34 -14.63
N6A NAP R . -22.64 -16.53 -15.68
N1A NAP R . -22.16 -16.83 -13.46
C2A NAP R . -21.60 -17.37 -12.32
N3A NAP R . -20.78 -18.42 -12.40
C4A NAP R . -20.49 -18.95 -13.60
O3 NAP R . -12.75 -24.52 -13.38
PN NAP R . -11.62 -23.40 -12.91
O1N NAP R . -10.21 -23.97 -13.10
O2N NAP R . -11.81 -23.04 -11.39
O5D NAP R . -11.77 -22.02 -13.81
C5D NAP R . -11.20 -20.85 -13.29
C4D NAP R . -10.86 -19.84 -14.45
O4D NAP R . -9.74 -19.23 -14.18
C3D NAP R . -10.65 -20.59 -15.77
O3D NAP R . -11.02 -19.81 -16.80
C2D NAP R . -9.13 -20.83 -15.80
O2D NAP R . -8.67 -20.96 -17.24
C1D NAP R . -8.65 -19.74 -15.26
N1N NAP R . -7.35 -19.94 -14.59
C2N NAP R . -6.55 -18.84 -14.36
C3N NAP R . -5.31 -18.99 -13.72
C7N NAP R . -4.41 -17.74 -13.46
O7N NAP R . -3.21 -17.87 -13.36
N7N NAP R . -5.01 -16.37 -13.33
C4N NAP R . -4.89 -20.22 -13.34
C5N NAP R . -5.68 -21.32 -13.57
C6N NAP R . -6.93 -21.17 -14.20
P2B NAP R . -20.95 -23.98 -12.37
O1X NAP R . -22.42 -24.18 -12.76
O2X NAP R . -20.74 -24.42 -10.94
O3X NAP R . -20.08 -24.77 -13.33
K K S . -10.75 1.10 -4.45
K K T . 7.70 -27.25 6.27
ZN ZN U . -15.53 21.52 -11.95
PA NAP V . -11.68 19.58 -21.40
O1A NAP V . -13.04 19.31 -21.96
O2A NAP V . -11.01 20.64 -22.20
O5B NAP V . -10.74 18.16 -21.50
C5B NAP V . -10.78 17.35 -22.71
C4B NAP V . -9.34 16.88 -23.07
O4B NAP V . -9.40 15.63 -23.46
C3B NAP V . -8.77 17.66 -24.25
O3B NAP V . -7.40 17.65 -24.23
C2B NAP V . -9.25 16.81 -25.44
O2B NAP V . -8.47 17.10 -26.70
C1B NAP V . -8.96 15.62 -25.01
N9A NAP V . -9.68 14.61 -25.81
C8A NAP V . -10.93 14.51 -26.29
N7A NAP V . -11.02 13.38 -26.99
C5A NAP V . -9.81 12.78 -26.96
C6A NAP V . -9.33 11.60 -27.52
N6A NAP V . -10.00 10.53 -28.38
N1A NAP V . -8.09 11.25 -27.34
C2A NAP V . -7.24 12.04 -26.60
N3A NAP V . -7.70 13.18 -26.06
C4A NAP V . -8.98 13.55 -26.25
O3 NAP V . -11.80 20.07 -19.83
PN NAP V . -11.45 19.13 -18.49
O1N NAP V . -12.06 19.79 -17.24
O2N NAP V . -9.90 18.97 -18.34
O5D NAP V . -12.13 17.63 -18.65
C5D NAP V . -11.71 16.60 -17.79
C4D NAP V . -12.82 15.51 -17.66
O4D NAP V . -12.85 15.06 -16.41
C3D NAP V . -14.20 16.13 -17.91
O3D NAP V . -15.01 15.23 -18.54
C2D NAP V . -14.74 16.46 -16.50
O2D NAP V . -16.24 16.49 -16.48
C1D NAP V . -14.26 15.49 -15.75
N1N NAP V . -14.03 15.93 -14.36
C2N NAP V . -13.90 14.99 -13.38
C3N NAP V . -13.69 15.39 -12.04
C7N NAP V . -13.53 14.33 -10.90
O7N NAP V . -13.80 14.63 -9.75
N7N NAP V . -13.04 12.94 -11.22
C4N NAP V . -13.61 16.71 -11.74
C5N NAP V . -13.74 17.65 -12.74
C6N NAP V . -13.96 17.24 -14.07
P2B NAP V . -8.53 18.61 -27.37
O1X NAP V . -8.55 18.48 -28.89
O2X NAP V . -7.28 19.37 -26.95
O3X NAP V . -9.77 19.33 -26.91
K K W . -0.68 -3.29 -11.10
C02 NWO X . -16.72 18.54 -9.75
C03 NWO X . -16.78 17.78 -11.07
C04 NWO X . -17.78 16.62 -11.00
C05 NWO X . -17.46 15.65 -12.15
C06 NWO X . -17.73 15.82 -9.70
C07 NWO X . -17.34 16.57 -8.41
C08 NWO X . -16.25 17.61 -8.63
O01 NWO X . -18.02 19.00 -9.46
K K Y . 0.83 28.32 4.62
#